data_6IQQ
#
_entry.id   6IQQ
#
_cell.length_a   118.936
_cell.length_b   143.882
_cell.length_c   153.599
_cell.angle_alpha   90.00
_cell.angle_beta   90.00
_cell.angle_gamma   90.00
#
_symmetry.space_group_name_H-M   'P 21 21 21'
#
loop_
_entity.id
_entity.type
_entity.pdbx_description
1 polymer 'Lipoprotein NlpI'
2 polymer 'Tail-specific protease'
3 non-polymer 'CALCIUM ION'
4 water water
#
loop_
_entity_poly.entity_id
_entity_poly.type
_entity_poly.pdbx_seq_one_letter_code
_entity_poly.pdbx_strand_id
1 'polypeptide(L)'
;MGSSHHHHHHSSGLVPRGSHMSNTSWRKSEVLAVPLQPTLQQEVILARMEQILASRALTDDERAQLLYERGVLYDSLGLR
ALARNDFSQALAIRPDMPEVFNYLGIYLTQAGNFDAAYEAFDSVLELDPTYNYAHLNRGIALYYGGRDKLAQDDLLAFYQ
DDPNDPFRSLWLYLAEQKLDEKQAKEVLKQHFEKSDKEQWGWNIVEFYLGNISEQTLMERLKADATDNTSLAEHLSETNF
YLGKYYLSLGDLDSATALFKLAVANNVHNFVEHRYALLELSLLGQDQDDLAESDQQ
;
A,B
2 'polypeptide(L)'
;MNMFFRLTALAGLLAIAGQTFAVEDITRADQIPVLKEETQHATVSERVTSRFTRSHYRQFDLDQAFSAKIFDRYLNLLDY
SHNVLLASDVEQFAKKKTELGDELRSGKLDVFYDLYNLAQKRRFERYQYALSVLEKPMDFTGNDTYNLDRSKAPWPKNEA
ELNALWDSKVKFDELSLKLTGKTDKEIRETLTRRYKFAIRRLAQTNSEDVFSLAMTAFAREIDPHTNYLSPRNTEQFNTE
MSLSLEGIGAVYQMDDDYTVINSMVAGGPAAKSKAISVGDKIVGVGQTGKPMVDVIGWRLDDVVALIKGPKGSKVRLEIL
PAGKGTKTRTVTLTRERIRLEDRAVKMSVKTVGKEKVGVLDIPGFYVGLTDDVKVQLQKLEKQNVSSVIIDLRSNGGGAL
TEAVSLSGLFIPAGPIVQVRDNNGKVREDSDTDGQVFYKGPLVVLVDRFSAIASEIFAAAMQDYGRALVVGEPTFGKGTV
QQYRSLNRIYDQMLRPEWPALGSVQYTIQKFYRVNGGSTQRKGVTPDIIMPTGNEETETGEKFEDNALPWDSIDAATYVK
SGDLTAFEPELLKEHNARIAKDPEFQNIMKDIARFNAMKDKRNIVSLNYAVREKENNEDDATRLARLNERFKREGKPELK
KLDDLPKDYQEPDPYLDETVNIALDLAKLEKARPAEQPAPVKHHHHHH
;
C,D
#
loop_
_chem_comp.id
_chem_comp.type
_chem_comp.name
_chem_comp.formula
CA non-polymer 'CALCIUM ION' 'Ca 2'
#
# COMPACT_ATOMS: atom_id res chain seq x y z
N VAL A 31 -10.51 -21.46 -3.75
CA VAL A 31 -11.21 -20.35 -2.97
C VAL A 31 -10.28 -19.12 -2.84
N LEU A 32 -10.64 -18.07 -3.55
CA LEU A 32 -9.83 -16.84 -3.60
C LEU A 32 -10.71 -15.60 -3.33
N ALA A 33 -10.19 -14.64 -2.57
CA ALA A 33 -10.78 -13.27 -2.45
C ALA A 33 -10.17 -12.38 -3.52
N VAL A 34 -10.81 -11.28 -3.82
CA VAL A 34 -10.11 -10.18 -4.53
C VAL A 34 -9.14 -9.63 -3.51
N PRO A 35 -7.82 -9.62 -3.76
CA PRO A 35 -6.91 -9.08 -2.75
C PRO A 35 -7.34 -7.67 -2.31
N LEU A 36 -7.46 -7.43 -1.01
CA LEU A 36 -7.91 -6.10 -0.51
C LEU A 36 -7.11 -4.91 -1.10
N GLN A 37 -7.79 -3.83 -1.34
CA GLN A 37 -7.26 -2.56 -1.84
C GLN A 37 -7.42 -1.57 -0.70
N PRO A 38 -6.59 -0.51 -0.68
CA PRO A 38 -6.77 0.55 0.30
C PRO A 38 -8.21 1.04 0.19
N THR A 39 -8.91 1.21 1.29
CA THR A 39 -10.26 1.86 1.29
C THR A 39 -10.14 3.38 1.15
N LEU A 40 -11.20 4.05 0.68
CA LEU A 40 -11.31 5.53 0.58
C LEU A 40 -11.18 6.17 1.98
N GLN A 41 -11.68 5.54 3.04
CA GLN A 41 -11.59 6.12 4.39
C GLN A 41 -10.12 6.09 4.80
N GLN A 42 -9.40 4.99 4.59
CA GLN A 42 -7.96 4.94 4.97
C GLN A 42 -7.18 6.08 4.29
N GLU A 43 -7.50 6.39 3.02
CA GLU A 43 -6.70 7.34 2.21
C GLU A 43 -7.09 8.79 2.58
N VAL A 44 -8.37 9.07 2.74
CA VAL A 44 -8.80 10.33 3.37
C VAL A 44 -8.06 10.55 4.71
N ILE A 45 -8.14 9.60 5.64
CA ILE A 45 -7.58 9.83 6.99
C ILE A 45 -6.09 10.13 6.79
N LEU A 46 -5.38 9.39 5.96
CA LEU A 46 -3.90 9.51 5.85
C LEU A 46 -3.53 10.96 5.39
N ALA A 47 -4.27 11.50 4.39
CA ALA A 47 -4.09 12.84 3.80
C ALA A 47 -4.40 13.92 4.86
N ARG A 48 -5.41 13.71 5.69
CA ARG A 48 -5.75 14.54 6.85
C ARG A 48 -4.59 14.50 7.83
N MET A 49 -4.09 13.31 8.18
CA MET A 49 -3.06 13.16 9.25
C MET A 49 -1.82 13.94 8.82
N GLU A 50 -1.59 14.06 7.52
CA GLU A 50 -0.43 14.81 7.01
C GLU A 50 -0.59 16.34 7.31
N GLN A 51 -1.76 16.92 6.98
CA GLN A 51 -2.17 18.33 7.11
C GLN A 51 -2.03 18.70 8.58
N ILE A 52 -2.64 17.90 9.48
CA ILE A 52 -2.60 18.12 10.95
C ILE A 52 -1.14 17.99 11.43
N LEU A 53 -0.37 16.97 11.04
CA LEU A 53 1.00 16.84 11.63
C LEU A 53 1.89 18.01 11.18
N ALA A 54 1.56 18.66 10.06
CA ALA A 54 2.31 19.78 9.42
C ALA A 54 2.01 21.12 10.11
N SER A 55 0.98 21.20 10.95
CA SER A 55 0.61 22.39 11.74
C SER A 55 1.45 22.41 13.02
N ARG A 56 1.53 23.54 13.74
CA ARG A 56 2.13 23.65 15.10
C ARG A 56 1.03 23.78 16.17
N ALA A 57 -0.19 23.29 15.91
CA ALA A 57 -1.35 23.39 16.82
C ALA A 57 -1.32 22.35 17.94
N LEU A 58 -0.32 21.47 18.02
CA LEU A 58 -0.44 20.20 18.77
C LEU A 58 0.47 20.21 20.00
N THR A 59 -0.07 19.77 21.13
CA THR A 59 0.78 19.50 22.31
C THR A 59 1.73 18.34 21.95
N ASP A 60 2.75 18.17 22.73
CA ASP A 60 3.72 17.08 22.54
C ASP A 60 2.97 15.74 22.66
N ASP A 61 2.05 15.64 23.63
CA ASP A 61 1.27 14.41 23.89
C ASP A 61 0.35 14.20 22.67
N GLU A 62 -0.38 15.21 22.20
CA GLU A 62 -1.31 14.98 21.06
C GLU A 62 -0.50 14.54 19.83
N ARG A 63 0.70 15.11 19.62
CA ARG A 63 1.55 14.85 18.43
C ARG A 63 1.98 13.37 18.45
N ALA A 64 2.26 12.86 19.64
CA ALA A 64 2.82 11.51 19.82
C ALA A 64 1.68 10.49 19.61
N GLN A 65 0.48 10.81 20.08
CA GLN A 65 -0.72 9.97 19.93
C GLN A 65 -0.99 9.92 18.43
N LEU A 66 -0.88 11.02 17.72
CA LEU A 66 -1.33 11.07 16.30
C LEU A 66 -0.20 10.43 15.48
N LEU A 67 1.03 10.37 15.99
CA LEU A 67 2.10 9.75 15.18
C LEU A 67 1.92 8.24 15.31
N TYR A 68 1.42 7.82 16.47
CA TYR A 68 1.09 6.40 16.74
C TYR A 68 -0.12 6.00 15.89
N GLU A 69 -1.14 6.83 15.84
CA GLU A 69 -2.35 6.51 15.06
C GLU A 69 -2.00 6.36 13.58
N ARG A 70 -1.21 7.26 13.03
CA ARG A 70 -0.76 7.18 11.63
C ARG A 70 0.12 5.94 11.44
N GLY A 71 0.93 5.56 12.45
CA GLY A 71 1.82 4.37 12.32
C GLY A 71 0.97 3.11 12.17
N VAL A 72 -0.12 3.06 12.93
CA VAL A 72 -1.08 1.93 12.91
C VAL A 72 -1.69 1.92 11.53
N LEU A 73 -1.92 3.08 10.95
CA LEU A 73 -2.64 3.16 9.65
C LEU A 73 -1.62 2.76 8.58
N TYR A 74 -0.43 3.30 8.62
CA TYR A 74 0.63 2.87 7.67
C TYR A 74 0.80 1.34 7.73
N ASP A 75 0.76 0.78 8.94
CA ASP A 75 0.96 -0.66 9.19
C ASP A 75 -0.24 -1.41 8.61
N SER A 76 -1.41 -0.81 8.74
CA SER A 76 -2.66 -1.41 8.27
C SER A 76 -2.60 -1.53 6.76
N LEU A 77 -1.74 -0.78 6.07
CA LEU A 77 -1.61 -0.77 4.58
C LEU A 77 -0.29 -1.47 4.22
N GLY A 78 0.42 -2.03 5.19
CA GLY A 78 1.66 -2.72 4.85
C GLY A 78 2.79 -1.81 4.54
N LEU A 79 2.72 -0.56 5.03
CA LEU A 79 3.84 0.44 4.92
C LEU A 79 4.61 0.47 6.25
N ARG A 80 5.25 -0.63 6.59
CA ARG A 80 5.99 -0.88 7.86
C ARG A 80 7.15 0.09 8.04
N ALA A 81 7.88 0.46 6.99
CA ALA A 81 9.06 1.36 7.18
C ALA A 81 8.53 2.77 7.56
N LEU A 82 7.51 3.28 6.85
CA LEU A 82 6.80 4.51 7.21
C LEU A 82 6.20 4.38 8.61
N ALA A 83 5.63 3.26 8.97
CA ALA A 83 5.08 3.05 10.33
C ALA A 83 6.21 3.17 11.33
N ARG A 84 7.34 2.50 11.08
CA ARG A 84 8.44 2.44 12.07
C ARG A 84 8.96 3.86 12.26
N ASN A 85 8.90 4.61 11.21
CA ASN A 85 9.44 5.97 11.18
C ASN A 85 8.53 6.78 12.14
N ASP A 86 7.20 6.64 12.03
CA ASP A 86 6.25 7.40 12.88
C ASP A 86 6.36 6.91 14.31
N PHE A 87 6.46 5.61 14.50
CA PHE A 87 6.58 5.04 15.87
C PHE A 87 7.84 5.57 16.59
N SER A 88 8.98 5.68 15.91
CA SER A 88 10.26 6.17 16.46
C SER A 88 10.15 7.66 16.79
N GLN A 89 9.46 8.42 15.96
CA GLN A 89 9.20 9.85 16.24
C GLN A 89 8.37 9.94 17.53
N ALA A 90 7.40 9.03 17.72
CA ALA A 90 6.52 9.12 18.88
C ALA A 90 7.39 8.90 20.11
N LEU A 91 8.18 7.82 20.15
CA LEU A 91 9.11 7.52 21.27
C LEU A 91 10.00 8.73 21.60
N ALA A 92 10.72 9.29 20.62
CA ALA A 92 11.57 10.50 20.75
C ALA A 92 10.88 11.56 21.63
N ILE A 93 9.59 11.80 21.42
CA ILE A 93 8.73 12.83 22.05
C ILE A 93 8.28 12.31 23.39
N ARG A 94 7.74 11.10 23.42
CA ARG A 94 7.18 10.47 24.63
C ARG A 94 7.67 9.03 24.71
N PRO A 95 8.72 8.76 25.48
CA PRO A 95 9.38 7.46 25.45
C PRO A 95 8.67 6.40 26.31
N ASP A 96 7.58 6.77 27.01
CA ASP A 96 6.86 5.87 27.92
C ASP A 96 5.57 5.35 27.25
N MET A 97 5.62 5.02 25.96
CA MET A 97 4.46 4.51 25.19
C MET A 97 4.59 2.99 24.97
N PRO A 98 3.89 2.15 25.75
CA PRO A 98 3.89 0.72 25.49
C PRO A 98 3.39 0.33 24.09
N GLU A 99 2.34 0.95 23.61
CA GLU A 99 1.72 0.69 22.29
C GLU A 99 2.83 0.70 21.25
N VAL A 100 3.74 1.65 21.34
CA VAL A 100 4.77 1.82 20.28
C VAL A 100 5.82 0.71 20.39
N PHE A 101 6.13 0.33 21.63
CA PHE A 101 7.16 -0.66 21.96
C PHE A 101 6.68 -1.99 21.36
N ASN A 102 5.36 -2.19 21.39
CA ASN A 102 4.74 -3.46 20.93
C ASN A 102 5.04 -3.58 19.45
N TYR A 103 4.58 -2.61 18.66
CA TYR A 103 4.83 -2.57 17.20
C TYR A 103 6.35 -2.64 16.96
N LEU A 104 7.22 -2.03 17.75
CA LEU A 104 8.66 -2.05 17.40
C LEU A 104 9.19 -3.47 17.53
N GLY A 105 8.68 -4.22 18.48
CA GLY A 105 9.14 -5.60 18.70
C GLY A 105 8.58 -6.52 17.64
N ILE A 106 7.30 -6.31 17.26
CA ILE A 106 6.72 -7.02 16.10
C ILE A 106 7.65 -6.89 14.90
N TYR A 107 8.15 -5.70 14.62
CA TYR A 107 8.99 -5.41 13.43
C TYR A 107 10.38 -6.00 13.64
N LEU A 108 10.88 -6.11 14.87
CA LEU A 108 12.24 -6.69 15.10
C LEU A 108 12.06 -8.21 14.95
N THR A 109 10.88 -8.73 15.28
CA THR A 109 10.58 -10.16 15.04
C THR A 109 10.64 -10.41 13.53
N GLN A 110 9.90 -9.63 12.72
CA GLN A 110 9.83 -9.80 11.24
C GLN A 110 11.24 -9.73 10.63
N ALA A 111 12.13 -8.94 11.18
CA ALA A 111 13.52 -8.77 10.69
C ALA A 111 14.39 -9.93 11.19
N GLY A 112 13.86 -10.80 12.03
CA GLY A 112 14.71 -11.86 12.59
C GLY A 112 15.57 -11.45 13.77
N ASN A 113 15.58 -10.16 14.21
CA ASN A 113 16.28 -9.69 15.43
C ASN A 113 15.46 -10.00 16.69
N PHE A 114 15.24 -11.28 16.97
CA PHE A 114 14.49 -11.84 18.13
C PHE A 114 15.01 -11.25 19.45
N ASP A 115 16.32 -11.18 19.65
CA ASP A 115 16.94 -10.56 20.86
C ASP A 115 16.35 -9.17 21.12
N ALA A 116 16.54 -8.24 20.19
CA ALA A 116 15.99 -6.86 20.24
C ALA A 116 14.50 -6.95 20.55
N ALA A 117 13.80 -7.92 19.96
CA ALA A 117 12.33 -7.92 20.00
C ALA A 117 11.90 -8.19 21.44
N TYR A 118 12.53 -9.17 22.08
CA TYR A 118 12.26 -9.59 23.47
C TYR A 118 12.44 -8.39 24.40
N GLU A 119 13.47 -7.57 24.16
CA GLU A 119 13.75 -6.32 24.90
C GLU A 119 12.57 -5.34 24.78
N ALA A 120 12.11 -5.09 23.56
CA ALA A 120 10.94 -4.25 23.24
C ALA A 120 9.68 -4.75 23.96
N PHE A 121 9.36 -6.05 23.95
CA PHE A 121 8.09 -6.50 24.55
C PHE A 121 8.21 -6.38 26.07
N ASP A 122 9.42 -6.61 26.61
CA ASP A 122 9.68 -6.56 28.06
C ASP A 122 9.52 -5.10 28.49
N SER A 123 9.90 -4.17 27.62
CA SER A 123 9.69 -2.72 27.80
C SER A 123 8.18 -2.48 27.83
N VAL A 124 7.41 -3.10 26.95
CA VAL A 124 5.93 -2.92 26.97
C VAL A 124 5.44 -3.24 28.39
N LEU A 125 5.73 -4.47 28.85
CA LEU A 125 5.10 -5.09 30.03
C LEU A 125 5.59 -4.40 31.32
N GLU A 126 6.79 -3.84 31.31
CA GLU A 126 7.32 -2.97 32.41
C GLU A 126 6.56 -1.66 32.49
N LEU A 127 6.28 -1.00 31.37
CA LEU A 127 5.44 0.24 31.32
C LEU A 127 3.98 -0.08 31.63
N ASP A 128 3.49 -1.26 31.26
CA ASP A 128 2.06 -1.63 31.46
C ASP A 128 1.94 -3.14 31.51
N PRO A 129 1.80 -3.75 32.70
CA PRO A 129 1.70 -5.21 32.76
C PRO A 129 0.33 -5.75 32.32
N THR A 130 -0.63 -4.89 31.99
CA THR A 130 -1.99 -5.29 31.49
C THR A 130 -2.03 -5.34 29.94
N TYR A 131 -0.96 -4.88 29.26
CA TYR A 131 -0.91 -4.88 27.77
C TYR A 131 -0.75 -6.32 27.29
N ASN A 132 -1.87 -7.04 27.18
CA ASN A 132 -1.93 -8.52 26.96
C ASN A 132 -1.23 -8.94 25.66
N TYR A 133 -1.55 -8.36 24.53
CA TYR A 133 -0.93 -8.69 23.21
C TYR A 133 0.61 -8.71 23.24
N ALA A 134 1.28 -8.14 24.24
CA ALA A 134 2.76 -8.24 24.32
C ALA A 134 3.11 -9.69 24.68
N HIS A 135 2.30 -10.36 25.50
CA HIS A 135 2.47 -11.82 25.73
C HIS A 135 2.30 -12.56 24.39
N LEU A 136 1.29 -12.22 23.58
CA LEU A 136 1.08 -12.88 22.27
C LEU A 136 2.35 -12.76 21.49
N ASN A 137 2.76 -11.53 21.29
CA ASN A 137 3.84 -11.17 20.34
C ASN A 137 5.19 -11.59 20.88
N ARG A 138 5.42 -11.47 22.18
CA ARG A 138 6.69 -11.99 22.73
C ARG A 138 6.68 -13.52 22.55
N GLY A 139 5.54 -14.16 22.88
CA GLY A 139 5.37 -15.61 22.66
C GLY A 139 5.77 -16.01 21.23
N ILE A 140 5.18 -15.33 20.25
CA ILE A 140 5.44 -15.65 18.84
C ILE A 140 6.91 -15.45 18.53
N ALA A 141 7.54 -14.42 19.07
CA ALA A 141 8.94 -14.06 18.75
C ALA A 141 9.86 -15.15 19.31
N LEU A 142 9.62 -15.59 20.54
CA LEU A 142 10.36 -16.68 21.22
C LEU A 142 10.23 -17.98 20.38
N TYR A 143 9.02 -18.27 19.95
CA TYR A 143 8.73 -19.39 19.04
C TYR A 143 9.67 -19.33 17.83
N TYR A 144 9.63 -18.27 17.02
CA TYR A 144 10.45 -18.21 15.77
C TYR A 144 11.93 -18.19 16.17
N GLY A 145 12.18 -17.90 17.45
CA GLY A 145 13.51 -17.65 18.00
C GLY A 145 14.12 -18.90 18.59
N GLY A 146 13.36 -19.99 18.55
CA GLY A 146 13.83 -21.35 18.80
C GLY A 146 13.83 -21.63 20.27
N ARG A 147 12.86 -21.06 20.97
CA ARG A 147 12.78 -21.10 22.47
C ARG A 147 11.34 -21.31 22.86
N ASP A 148 10.85 -22.52 22.61
CA ASP A 148 9.41 -22.86 22.75
C ASP A 148 9.03 -23.03 24.22
N LYS A 149 9.90 -23.50 25.10
CA LYS A 149 9.47 -23.68 26.52
C LYS A 149 8.98 -22.31 27.01
N LEU A 150 9.77 -21.25 26.79
CA LEU A 150 9.46 -19.86 27.21
C LEU A 150 8.32 -19.27 26.36
N ALA A 151 8.25 -19.60 25.07
CA ALA A 151 7.09 -19.19 24.25
C ALA A 151 5.80 -19.75 24.84
N GLN A 152 5.84 -20.95 25.41
CA GLN A 152 4.64 -21.61 25.97
C GLN A 152 4.23 -20.83 27.23
N ASP A 153 5.19 -20.33 28.01
CA ASP A 153 4.89 -19.50 29.23
C ASP A 153 4.01 -18.29 28.87
N ASP A 154 4.37 -17.56 27.80
CA ASP A 154 3.66 -16.34 27.32
C ASP A 154 2.30 -16.69 26.70
N LEU A 155 2.26 -17.75 25.89
CA LEU A 155 1.08 -18.10 25.05
C LEU A 155 0.08 -18.81 25.92
N LEU A 156 0.55 -19.53 26.93
CA LEU A 156 -0.34 -20.11 27.99
C LEU A 156 -1.03 -18.97 28.75
N ALA A 157 -0.24 -17.96 29.17
CA ALA A 157 -0.73 -16.73 29.85
C ALA A 157 -1.76 -16.00 29.00
N PHE A 158 -1.38 -15.67 27.77
CA PHE A 158 -2.27 -15.00 26.78
C PHE A 158 -3.52 -15.86 26.62
N TYR A 159 -3.43 -17.20 26.50
CA TYR A 159 -4.60 -18.10 26.40
C TYR A 159 -5.50 -17.90 27.63
N GLN A 160 -4.91 -17.94 28.83
CA GLN A 160 -5.65 -17.75 30.11
C GLN A 160 -6.46 -16.43 30.07
N ASP A 161 -5.99 -15.36 29.40
CA ASP A 161 -6.62 -14.00 29.52
C ASP A 161 -7.90 -13.95 28.68
N ASP A 162 -8.06 -14.87 27.71
CA ASP A 162 -9.33 -15.00 26.94
C ASP A 162 -9.41 -16.38 26.31
N PRO A 163 -9.95 -17.39 27.00
CA PRO A 163 -9.87 -18.77 26.49
C PRO A 163 -10.67 -19.09 25.24
N ASN A 164 -11.72 -18.32 24.96
CA ASN A 164 -12.63 -18.54 23.80
C ASN A 164 -12.10 -17.90 22.50
N ASP A 165 -10.88 -17.36 22.51
CA ASP A 165 -10.20 -16.82 21.31
C ASP A 165 -9.47 -17.99 20.69
N PRO A 166 -9.96 -18.50 19.56
CA PRO A 166 -9.46 -19.78 19.05
C PRO A 166 -8.01 -19.65 18.65
N PHE A 167 -7.59 -18.44 18.26
CA PHE A 167 -6.20 -18.22 17.72
C PHE A 167 -5.15 -18.35 18.84
N ARG A 168 -5.58 -18.26 20.10
CA ARG A 168 -4.71 -18.40 21.30
C ARG A 168 -4.44 -19.88 21.52
N SER A 169 -5.44 -20.70 21.29
CA SER A 169 -5.27 -22.17 21.29
C SER A 169 -4.41 -22.54 20.09
N LEU A 170 -4.65 -21.95 18.92
CA LEU A 170 -3.77 -22.25 17.76
C LEU A 170 -2.29 -21.89 18.05
N TRP A 171 -1.99 -20.69 18.56
CA TRP A 171 -0.60 -20.17 18.69
C TRP A 171 0.11 -20.94 19.81
N LEU A 172 -0.60 -21.14 20.92
CA LEU A 172 -0.12 -22.02 22.02
C LEU A 172 0.23 -23.39 21.42
N TYR A 173 -0.69 -24.00 20.66
CA TYR A 173 -0.52 -25.37 20.10
C TYR A 173 0.75 -25.35 19.28
N LEU A 174 0.96 -24.34 18.45
CA LEU A 174 2.11 -24.41 17.52
C LEU A 174 3.43 -24.46 18.30
N ALA A 175 3.49 -23.78 19.43
CA ALA A 175 4.69 -23.69 20.29
C ALA A 175 4.84 -25.02 21.03
N GLU A 176 3.74 -25.56 21.55
CA GLU A 176 3.73 -26.79 22.39
C GLU A 176 4.12 -28.03 21.56
N GLN A 177 3.91 -27.97 20.26
CA GLN A 177 4.13 -29.03 19.28
C GLN A 177 5.63 -29.30 19.13
N LYS A 178 6.47 -28.31 19.46
CA LYS A 178 7.94 -28.39 19.30
C LYS A 178 8.53 -29.12 20.53
N LEU A 179 7.81 -29.05 21.65
CA LEU A 179 8.17 -29.71 22.92
C LEU A 179 7.76 -31.18 22.85
N ASP A 180 6.48 -31.44 22.54
CA ASP A 180 5.83 -32.77 22.52
C ASP A 180 4.53 -32.70 21.68
N GLU A 181 4.51 -33.27 20.48
CA GLU A 181 3.36 -33.18 19.53
C GLU A 181 2.13 -33.86 20.15
N LYS A 182 2.31 -34.91 20.96
CA LYS A 182 1.18 -35.65 21.57
C LYS A 182 0.44 -34.78 22.60
N GLN A 183 1.10 -34.28 23.65
CA GLN A 183 0.39 -33.48 24.71
C GLN A 183 -0.14 -32.17 24.11
N ALA A 184 0.55 -31.61 23.11
CA ALA A 184 0.11 -30.42 22.36
C ALA A 184 -1.31 -30.61 21.81
N LYS A 185 -1.55 -31.73 21.14
CA LYS A 185 -2.84 -32.10 20.51
C LYS A 185 -3.87 -32.40 21.59
N GLU A 186 -3.43 -32.95 22.72
CA GLU A 186 -4.39 -33.26 23.83
C GLU A 186 -4.89 -31.94 24.40
N VAL A 187 -3.96 -31.02 24.71
CA VAL A 187 -4.21 -29.65 25.26
C VAL A 187 -5.09 -28.89 24.26
N LEU A 188 -4.73 -28.95 22.97
CA LEU A 188 -5.53 -28.24 21.94
C LEU A 188 -6.99 -28.71 22.07
N LYS A 189 -7.16 -30.03 22.12
CA LYS A 189 -8.48 -30.71 22.09
C LYS A 189 -9.25 -30.31 23.35
N GLN A 190 -8.56 -30.24 24.50
CA GLN A 190 -9.15 -29.78 25.80
C GLN A 190 -9.68 -28.34 25.60
N HIS A 191 -8.89 -27.44 24.97
CA HIS A 191 -9.27 -26.00 24.83
C HIS A 191 -10.56 -25.94 24.01
N PHE A 192 -10.64 -26.73 22.95
CA PHE A 192 -11.82 -26.76 22.07
C PHE A 192 -13.05 -27.23 22.87
N GLU A 193 -12.90 -28.28 23.70
CA GLU A 193 -14.04 -28.89 24.42
C GLU A 193 -14.45 -27.94 25.55
N LYS A 194 -13.51 -27.34 26.27
CA LYS A 194 -13.83 -26.29 27.31
C LYS A 194 -14.68 -25.14 26.74
N SER A 195 -14.39 -24.66 25.52
CA SER A 195 -14.88 -23.37 24.97
C SER A 195 -16.36 -23.41 24.57
N ASP A 196 -16.97 -22.24 24.38
CA ASP A 196 -18.33 -22.13 23.81
C ASP A 196 -18.36 -22.39 22.31
N LYS A 197 -17.21 -22.51 21.64
CA LYS A 197 -17.07 -22.80 20.17
C LYS A 197 -17.90 -21.85 19.25
N GLU A 198 -18.03 -20.56 19.53
CA GLU A 198 -18.84 -19.67 18.66
C GLU A 198 -17.94 -19.01 17.61
N GLN A 199 -16.71 -18.68 17.96
CA GLN A 199 -15.84 -17.84 17.10
C GLN A 199 -15.42 -18.71 15.92
N TRP A 200 -15.42 -18.16 14.70
CA TRP A 200 -15.16 -18.91 13.46
C TRP A 200 -13.91 -19.75 13.59
N GLY A 201 -12.83 -19.19 14.14
CA GLY A 201 -11.51 -19.83 14.12
C GLY A 201 -11.48 -21.20 14.78
N TRP A 202 -12.49 -21.60 15.58
CA TRP A 202 -12.51 -22.97 16.14
C TRP A 202 -12.54 -23.99 14.98
N ASN A 203 -13.03 -23.61 13.80
CA ASN A 203 -13.06 -24.51 12.63
C ASN A 203 -11.62 -24.84 12.23
N ILE A 204 -10.66 -23.92 12.42
CA ILE A 204 -9.25 -24.21 12.03
C ILE A 204 -8.70 -25.21 13.08
N VAL A 205 -9.15 -25.04 14.33
CA VAL A 205 -8.75 -25.98 15.42
C VAL A 205 -9.28 -27.38 15.07
N GLU A 206 -10.52 -27.46 14.62
CA GLU A 206 -11.15 -28.77 14.35
C GLU A 206 -10.39 -29.46 13.22
N PHE A 207 -9.87 -28.73 12.23
CA PHE A 207 -9.03 -29.31 11.17
C PHE A 207 -7.74 -29.83 11.83
N TYR A 208 -7.07 -29.04 12.64
CA TYR A 208 -5.81 -29.44 13.34
C TYR A 208 -6.07 -30.74 14.09
N LEU A 209 -7.25 -30.89 14.69
CA LEU A 209 -7.56 -32.01 15.61
C LEU A 209 -7.88 -33.30 14.85
N GLY A 210 -8.30 -33.20 13.59
CA GLY A 210 -8.79 -34.35 12.82
C GLY A 210 -10.31 -34.32 12.59
N ASN A 211 -11.07 -33.42 13.20
CA ASN A 211 -12.55 -33.54 13.26
C ASN A 211 -13.13 -33.28 11.87
N ILE A 212 -12.51 -32.46 11.05
CA ILE A 212 -13.08 -32.02 9.73
C ILE A 212 -11.97 -31.99 8.69
N SER A 213 -12.35 -32.01 7.43
CA SER A 213 -11.39 -32.03 6.31
C SER A 213 -11.11 -30.59 5.86
N GLU A 214 -9.96 -30.39 5.23
CA GLU A 214 -9.60 -29.21 4.45
C GLU A 214 -10.78 -28.71 3.64
N GLN A 215 -11.56 -29.57 3.00
CA GLN A 215 -12.69 -29.13 2.16
C GLN A 215 -13.83 -28.60 3.06
N THR A 216 -14.06 -29.21 4.23
CA THR A 216 -15.20 -28.79 5.08
C THR A 216 -14.83 -27.42 5.68
N LEU A 217 -13.58 -27.29 6.11
CA LEU A 217 -13.00 -26.03 6.58
C LEU A 217 -13.31 -24.95 5.58
N MET A 218 -12.98 -25.16 4.31
CA MET A 218 -13.12 -24.14 3.27
C MET A 218 -14.60 -23.96 3.04
N GLU A 219 -15.44 -24.96 3.24
CA GLU A 219 -16.91 -24.83 2.98
C GLU A 219 -17.50 -23.90 4.03
N ARG A 220 -17.09 -24.09 5.27
CA ARG A 220 -17.52 -23.24 6.39
C ARG A 220 -16.93 -21.82 6.25
N LEU A 221 -15.73 -21.70 5.70
CA LEU A 221 -15.05 -20.40 5.41
C LEU A 221 -15.95 -19.62 4.47
N LYS A 222 -16.44 -20.22 3.40
CA LYS A 222 -17.30 -19.52 2.41
C LYS A 222 -18.63 -19.18 3.06
N ALA A 223 -19.18 -20.11 3.82
CA ALA A 223 -20.48 -19.97 4.50
C ALA A 223 -20.45 -18.74 5.43
N ASP A 224 -19.40 -18.63 6.20
CA ASP A 224 -19.29 -17.60 7.28
C ASP A 224 -18.88 -16.25 6.72
N ALA A 225 -18.15 -16.18 5.61
CA ALA A 225 -17.80 -14.92 4.93
C ALA A 225 -19.07 -14.31 4.32
N THR A 226 -19.36 -13.03 4.61
CA THR A 226 -20.52 -12.24 4.11
C THR A 226 -20.15 -11.31 2.95
N ASP A 227 -18.88 -11.05 2.73
CA ASP A 227 -18.45 -10.12 1.65
C ASP A 227 -16.97 -10.39 1.34
N ASN A 228 -16.40 -9.65 0.38
CA ASN A 228 -15.00 -9.85 -0.02
C ASN A 228 -14.08 -9.55 1.17
N THR A 229 -14.42 -8.63 2.06
CA THR A 229 -13.41 -8.32 3.12
C THR A 229 -13.44 -9.50 4.07
N SER A 230 -14.60 -9.89 4.59
CA SER A 230 -14.64 -11.03 5.53
C SER A 230 -13.99 -12.25 4.83
N LEU A 231 -14.10 -12.36 3.51
CA LEU A 231 -13.56 -13.53 2.81
C LEU A 231 -12.05 -13.50 2.95
N ALA A 232 -11.47 -12.36 2.62
CA ALA A 232 -10.01 -12.19 2.51
C ALA A 232 -9.39 -12.44 3.89
N GLU A 233 -10.07 -12.01 4.94
CA GLU A 233 -9.55 -12.11 6.33
C GLU A 233 -9.53 -13.58 6.70
N HIS A 234 -10.59 -14.30 6.36
CA HIS A 234 -10.69 -15.77 6.64
C HIS A 234 -9.57 -16.51 5.90
N LEU A 235 -9.37 -16.16 4.64
CA LEU A 235 -8.30 -16.76 3.82
C LEU A 235 -6.90 -16.43 4.37
N SER A 236 -6.65 -15.19 4.81
CA SER A 236 -5.32 -14.79 5.30
C SER A 236 -5.05 -15.67 6.51
N GLU A 237 -5.94 -15.69 7.54
CA GLU A 237 -5.95 -16.59 8.72
C GLU A 237 -5.74 -18.06 8.26
N THR A 238 -6.68 -18.62 7.49
CA THR A 238 -6.80 -20.10 7.28
C THR A 238 -5.59 -20.64 6.50
N ASN A 239 -5.25 -20.04 5.37
CA ASN A 239 -4.12 -20.50 4.54
C ASN A 239 -2.83 -20.46 5.36
N PHE A 240 -2.68 -19.57 6.34
CA PHE A 240 -1.41 -19.50 7.09
C PHE A 240 -1.34 -20.79 7.92
N TYR A 241 -2.41 -21.13 8.66
CA TYR A 241 -2.50 -22.32 9.56
C TYR A 241 -2.41 -23.57 8.67
N LEU A 242 -3.08 -23.57 7.50
CA LEU A 242 -2.91 -24.69 6.52
C LEU A 242 -1.43 -24.74 6.16
N GLY A 243 -0.78 -23.60 5.98
CA GLY A 243 0.62 -23.57 5.48
C GLY A 243 1.51 -24.26 6.48
N LYS A 244 1.19 -24.06 7.78
CA LYS A 244 1.99 -24.56 8.92
C LYS A 244 1.79 -26.07 9.01
N TYR A 245 0.56 -26.55 8.85
CA TYR A 245 0.22 -28.00 8.80
C TYR A 245 1.09 -28.73 7.77
N TYR A 246 1.07 -28.27 6.51
CA TYR A 246 1.85 -28.88 5.42
C TYR A 246 3.34 -28.78 5.70
N LEU A 247 3.78 -27.73 6.38
CA LEU A 247 5.23 -27.46 6.66
C LEU A 247 5.71 -28.55 7.60
N SER A 248 4.84 -28.98 8.51
CA SER A 248 5.17 -30.02 9.52
C SER A 248 5.21 -31.42 8.87
N LEU A 249 4.60 -31.65 7.68
CA LEU A 249 4.66 -32.97 6.99
C LEU A 249 5.86 -32.98 6.03
N GLY A 250 6.55 -31.83 5.87
CA GLY A 250 7.69 -31.70 4.95
C GLY A 250 7.26 -31.36 3.52
N ASP A 251 5.98 -31.03 3.27
CA ASP A 251 5.50 -30.67 1.91
C ASP A 251 5.79 -29.15 1.72
N LEU A 252 7.03 -28.81 1.37
CA LEU A 252 7.47 -27.41 1.15
C LEU A 252 6.68 -26.78 -0.01
N ASP A 253 6.27 -27.49 -1.08
CA ASP A 253 5.55 -26.82 -2.20
C ASP A 253 4.15 -26.40 -1.76
N SER A 254 3.46 -27.20 -0.94
CA SER A 254 2.05 -26.89 -0.60
C SER A 254 2.07 -25.76 0.44
N ALA A 255 3.03 -25.81 1.33
CA ALA A 255 3.27 -24.81 2.39
C ALA A 255 3.57 -23.44 1.75
N THR A 256 4.48 -23.42 0.78
CA THR A 256 4.94 -22.22 0.06
C THR A 256 3.73 -21.64 -0.64
N ALA A 257 2.97 -22.44 -1.35
CA ALA A 257 1.79 -21.96 -2.09
C ALA A 257 0.86 -21.31 -1.08
N LEU A 258 0.68 -21.94 0.10
CA LEU A 258 -0.44 -21.57 0.97
C LEU A 258 -0.08 -20.29 1.72
N PHE A 259 1.20 -20.14 2.03
CA PHE A 259 1.75 -18.90 2.63
C PHE A 259 1.56 -17.77 1.62
N LYS A 260 2.01 -17.98 0.37
CA LYS A 260 1.79 -17.01 -0.74
C LYS A 260 0.32 -16.62 -0.83
N LEU A 261 -0.59 -17.56 -0.82
CA LEU A 261 -2.04 -17.27 -1.00
C LEU A 261 -2.55 -16.55 0.23
N ALA A 262 -2.01 -16.79 1.42
CA ALA A 262 -2.42 -16.01 2.64
C ALA A 262 -2.05 -14.53 2.46
N VAL A 263 -0.82 -14.31 2.00
CA VAL A 263 -0.20 -12.98 1.84
C VAL A 263 -0.88 -12.29 0.67
N ALA A 264 -1.41 -12.99 -0.32
CA ALA A 264 -2.14 -12.37 -1.46
C ALA A 264 -3.48 -11.74 -1.03
N ASN A 265 -4.02 -12.04 0.14
CA ASN A 265 -5.25 -11.35 0.64
C ASN A 265 -4.97 -9.91 1.11
N ASN A 266 -3.72 -9.53 1.26
CA ASN A 266 -3.33 -8.13 1.63
C ASN A 266 -4.14 -7.65 2.84
N VAL A 267 -4.38 -8.45 3.88
CA VAL A 267 -4.83 -8.08 5.26
C VAL A 267 -3.53 -7.95 6.01
N HIS A 268 -2.69 -7.05 5.50
CA HIS A 268 -1.44 -6.63 6.20
C HIS A 268 -1.96 -6.27 7.57
N ASN A 269 -1.24 -6.60 8.62
CA ASN A 269 -1.58 -6.22 10.06
C ASN A 269 -2.17 -7.40 10.81
N PHE A 270 -2.61 -8.46 10.12
CA PHE A 270 -2.94 -9.76 10.74
C PHE A 270 -1.61 -10.42 11.14
N VAL A 271 -1.53 -11.02 12.32
CA VAL A 271 -0.25 -11.72 12.68
C VAL A 271 0.02 -12.81 11.62
N GLU A 272 -1.04 -13.40 11.09
CA GLU A 272 -0.94 -14.51 10.13
C GLU A 272 -0.26 -14.01 8.85
N HIS A 273 -0.58 -12.81 8.41
CA HIS A 273 0.06 -12.21 7.24
C HIS A 273 1.56 -12.01 7.54
N ARG A 274 1.90 -11.58 8.72
CA ARG A 274 3.31 -11.22 8.97
C ARG A 274 4.10 -12.52 9.04
N TYR A 275 3.56 -13.54 9.69
CA TYR A 275 4.27 -14.83 9.92
C TYR A 275 4.18 -15.68 8.63
N ALA A 276 3.17 -15.51 7.83
CA ALA A 276 3.21 -16.10 6.46
C ALA A 276 4.48 -15.61 5.75
N LEU A 277 4.79 -14.31 5.86
CA LEU A 277 5.88 -13.68 5.10
C LEU A 277 7.19 -14.13 5.69
N LEU A 278 7.23 -14.33 7.00
CA LEU A 278 8.47 -14.72 7.68
C LEU A 278 8.75 -16.15 7.21
N GLU A 279 7.74 -17.00 7.23
CA GLU A 279 7.89 -18.40 6.79
C GLU A 279 8.39 -18.40 5.35
N LEU A 280 7.78 -17.62 4.47
CA LEU A 280 8.29 -17.59 3.06
C LEU A 280 9.76 -17.22 3.11
N SER A 281 10.12 -16.29 4.00
CA SER A 281 11.49 -15.79 4.09
C SER A 281 12.42 -16.96 4.42
N LEU A 282 12.07 -17.77 5.42
CA LEU A 282 12.85 -18.94 5.89
C LEU A 282 13.05 -19.98 4.76
N LEU A 283 11.99 -20.23 3.96
CA LEU A 283 12.04 -21.14 2.78
C LEU A 283 13.00 -20.57 1.74
N GLY A 284 12.90 -19.26 1.49
CA GLY A 284 13.87 -18.54 0.64
C GLY A 284 15.31 -18.66 1.12
N GLN A 285 15.61 -18.40 2.41
CA GLN A 285 17.02 -18.30 2.91
C GLN A 285 17.61 -19.71 3.09
N ASP A 286 16.80 -20.74 2.91
CA ASP A 286 17.23 -22.17 2.79
C ASP A 286 17.67 -22.48 1.35
N GLN A 287 17.03 -21.91 0.33
CA GLN A 287 17.31 -22.19 -1.12
C GLN A 287 18.83 -22.18 -1.37
N GLU B 30 -0.74 -22.52 -10.29
CA GLU B 30 0.41 -23.32 -9.65
C GLU B 30 1.71 -22.50 -9.68
N VAL B 31 1.91 -21.63 -10.68
CA VAL B 31 3.00 -20.63 -10.51
C VAL B 31 2.47 -19.42 -9.71
N LEU B 32 3.02 -19.26 -8.51
CA LEU B 32 2.73 -18.11 -7.64
C LEU B 32 4.00 -17.33 -7.25
N ALA B 33 3.92 -15.99 -7.21
CA ALA B 33 4.97 -15.11 -6.61
C ALA B 33 4.60 -14.85 -5.17
N VAL B 34 5.57 -14.43 -4.37
CA VAL B 34 5.25 -13.73 -3.10
C VAL B 34 4.68 -12.40 -3.53
N PRO B 35 3.44 -12.08 -3.20
CA PRO B 35 2.86 -10.81 -3.60
C PRO B 35 3.80 -9.65 -3.18
N LEU B 36 4.16 -8.78 -4.10
CA LEU B 36 5.10 -7.67 -3.83
C LEU B 36 4.73 -6.86 -2.56
N GLN B 37 5.73 -6.46 -1.84
CA GLN B 37 5.67 -5.63 -0.66
C GLN B 37 6.33 -4.31 -1.02
N PRO B 38 5.91 -3.19 -0.39
CA PRO B 38 6.54 -1.89 -0.65
C PRO B 38 8.03 -2.03 -0.43
N THR B 39 8.90 -1.59 -1.32
CA THR B 39 10.37 -1.57 -1.08
C THR B 39 10.75 -0.48 -0.05
N LEU B 40 11.91 -0.63 0.59
CA LEU B 40 12.48 0.38 1.52
C LEU B 40 12.75 1.68 0.75
N GLN B 41 13.10 1.65 -0.53
CA GLN B 41 13.43 2.90 -1.27
C GLN B 41 12.09 3.60 -1.46
N GLN B 42 11.02 2.92 -1.83
CA GLN B 42 9.71 3.59 -2.01
C GLN B 42 9.30 4.34 -0.72
N GLU B 43 9.57 3.76 0.45
CA GLU B 43 9.09 4.25 1.75
C GLU B 43 9.99 5.39 2.23
N VAL B 44 11.28 5.22 2.10
CA VAL B 44 12.19 6.35 2.33
C VAL B 44 11.79 7.55 1.43
N ILE B 45 11.61 7.34 0.13
CA ILE B 45 11.34 8.48 -0.77
C ILE B 45 10.03 9.11 -0.32
N LEU B 46 9.03 8.33 0.02
CA LEU B 46 7.71 8.93 0.42
C LEU B 46 7.89 9.88 1.61
N ALA B 47 8.63 9.42 2.63
CA ALA B 47 8.81 10.15 3.91
C ALA B 47 9.59 11.44 3.64
N ARG B 48 10.56 11.37 2.72
CA ARG B 48 11.37 12.51 2.24
C ARG B 48 10.47 13.47 1.45
N MET B 49 9.59 12.99 0.58
CA MET B 49 8.65 13.85 -0.23
C MET B 49 7.70 14.59 0.73
N GLU B 50 7.39 14.03 1.89
CA GLU B 50 6.51 14.71 2.86
C GLU B 50 7.22 15.94 3.48
N GLN B 51 8.50 15.76 3.88
CA GLN B 51 9.35 16.75 4.59
C GLN B 51 9.55 17.88 3.59
N ILE B 52 9.92 17.58 2.35
CA ILE B 52 10.12 18.60 1.28
C ILE B 52 8.78 19.29 0.98
N LEU B 53 7.66 18.58 0.85
CA LEU B 53 6.41 19.31 0.46
C LEU B 53 5.95 20.24 1.58
N ALA B 54 6.37 19.98 2.82
CA ALA B 54 5.98 20.74 4.04
C ALA B 54 6.84 22.01 4.18
N SER B 55 7.91 22.15 3.39
CA SER B 55 8.96 23.16 3.53
C SER B 55 8.59 24.25 2.56
N ARG B 56 9.34 25.35 2.51
CA ARG B 56 9.27 26.40 1.46
C ARG B 56 10.54 26.36 0.58
N ALA B 57 11.05 25.15 0.33
CA ALA B 57 12.19 24.93 -0.60
C ALA B 57 11.71 24.80 -2.04
N LEU B 58 10.41 24.97 -2.32
CA LEU B 58 9.88 24.62 -3.66
C LEU B 58 9.33 25.89 -4.32
N THR B 59 9.68 26.07 -5.60
CA THR B 59 9.04 27.09 -6.45
C THR B 59 7.66 26.58 -6.76
N ASP B 60 6.78 27.36 -7.39
CA ASP B 60 5.47 26.83 -7.78
C ASP B 60 5.68 25.66 -8.75
N ASP B 61 6.63 25.80 -9.68
CA ASP B 61 6.94 24.80 -10.72
C ASP B 61 7.55 23.59 -10.02
N GLU B 62 8.53 23.78 -9.16
CA GLU B 62 9.12 22.61 -8.46
C GLU B 62 8.00 21.87 -7.66
N ARG B 63 7.09 22.61 -7.02
CA ARG B 63 6.04 22.04 -6.14
C ARG B 63 5.13 21.14 -6.97
N ALA B 64 4.86 21.55 -8.19
CA ALA B 64 3.90 20.90 -9.09
C ALA B 64 4.54 19.59 -9.60
N GLN B 65 5.82 19.67 -9.94
CA GLN B 65 6.61 18.52 -10.42
C GLN B 65 6.64 17.51 -9.28
N LEU B 66 6.85 17.93 -8.05
CA LEU B 66 7.09 16.98 -6.94
C LEU B 66 5.72 16.46 -6.50
N LEU B 67 4.64 17.15 -6.81
CA LEU B 67 3.33 16.60 -6.40
C LEU B 67 2.98 15.51 -7.40
N TYR B 68 3.40 15.71 -8.65
CA TYR B 68 3.23 14.70 -9.71
C TYR B 68 4.08 13.47 -9.35
N GLU B 69 5.32 13.67 -8.94
CA GLU B 69 6.20 12.52 -8.66
C GLU B 69 5.69 11.69 -7.48
N ARG B 70 5.20 12.33 -6.43
CA ARG B 70 4.61 11.60 -5.31
C ARG B 70 3.33 10.88 -5.81
N GLY B 71 2.56 11.46 -6.75
CA GLY B 71 1.33 10.81 -7.22
C GLY B 71 1.66 9.49 -7.92
N VAL B 72 2.74 9.52 -8.69
CA VAL B 72 3.25 8.34 -9.42
C VAL B 72 3.66 7.32 -8.36
N LEU B 73 4.20 7.77 -7.26
CA LEU B 73 4.73 6.82 -6.25
C LEU B 73 3.50 6.27 -5.52
N TYR B 74 2.60 7.13 -5.06
CA TYR B 74 1.37 6.62 -4.40
C TYR B 74 0.67 5.58 -5.30
N ASP B 75 0.66 5.83 -6.62
CA ASP B 75 0.01 4.98 -7.63
C ASP B 75 0.80 3.67 -7.72
N SER B 76 2.11 3.73 -7.60
CA SER B 76 2.99 2.54 -7.64
C SER B 76 2.62 1.61 -6.49
N LEU B 77 2.04 2.16 -5.42
CA LEU B 77 1.72 1.37 -4.19
C LEU B 77 0.21 1.15 -4.15
N GLY B 78 -0.53 1.52 -5.19
CA GLY B 78 -1.96 1.26 -5.17
C GLY B 78 -2.72 2.21 -4.30
N LEU B 79 -2.15 3.39 -4.02
CA LEU B 79 -2.80 4.45 -3.20
C LEU B 79 -3.36 5.53 -4.12
N ARG B 80 -4.37 5.15 -4.92
CA ARG B 80 -4.93 5.94 -6.03
C ARG B 80 -5.63 7.19 -5.51
N ALA B 81 -6.30 7.16 -4.36
CA ALA B 81 -7.04 8.37 -3.90
C ALA B 81 -6.00 9.41 -3.43
N LEU B 82 -4.98 9.00 -2.66
CA LEU B 82 -3.81 9.84 -2.33
C LEU B 82 -3.14 10.36 -3.61
N ALA B 83 -2.95 9.51 -4.60
CA ALA B 83 -2.34 9.95 -5.86
C ALA B 83 -3.21 11.03 -6.48
N ARG B 84 -4.54 10.79 -6.55
CA ARG B 84 -5.44 11.73 -7.29
C ARG B 84 -5.36 13.10 -6.58
N ASN B 85 -5.20 13.04 -5.29
CA ASN B 85 -5.24 14.23 -4.45
C ASN B 85 -3.99 15.05 -4.86
N ASP B 86 -2.84 14.42 -5.01
CA ASP B 86 -1.60 15.14 -5.38
C ASP B 86 -1.71 15.62 -6.82
N PHE B 87 -2.22 14.80 -7.72
CA PHE B 87 -2.37 15.17 -9.14
C PHE B 87 -3.26 16.41 -9.29
N SER B 88 -4.33 16.51 -8.55
CA SER B 88 -5.28 17.64 -8.60
C SER B 88 -4.64 18.90 -8.01
N GLN B 89 -3.83 18.75 -6.97
CA GLN B 89 -3.07 19.88 -6.42
C GLN B 89 -2.05 20.34 -7.46
N ALA B 90 -1.43 19.43 -8.20
CA ALA B 90 -0.45 19.83 -9.22
C ALA B 90 -1.17 20.74 -10.21
N LEU B 91 -2.28 20.28 -10.79
CA LEU B 91 -3.08 21.08 -11.76
C LEU B 91 -3.45 22.45 -11.22
N ALA B 92 -4.00 22.54 -10.01
CA ALA B 92 -4.37 23.80 -9.30
C ALA B 92 -3.25 24.83 -9.43
N ILE B 93 -2.00 24.42 -9.24
CA ILE B 93 -0.78 25.24 -9.37
C ILE B 93 -0.44 25.50 -10.82
N ARG B 94 -0.56 24.50 -11.67
CA ARG B 94 -0.05 24.56 -13.04
C ARG B 94 -0.95 23.69 -13.92
N PRO B 95 -1.95 24.24 -14.64
CA PRO B 95 -2.98 23.46 -15.26
C PRO B 95 -2.63 22.87 -16.62
N ASP B 96 -1.42 23.11 -17.10
CA ASP B 96 -0.99 22.70 -18.46
C ASP B 96 -0.05 21.50 -18.36
N MET B 97 -0.35 20.55 -17.47
CA MET B 97 0.51 19.35 -17.23
C MET B 97 -0.11 18.09 -17.87
N PRO B 98 0.35 17.67 -19.06
CA PRO B 98 -0.21 16.48 -19.69
C PRO B 98 -0.10 15.20 -18.85
N GLU B 99 1.07 14.96 -18.27
CA GLU B 99 1.37 13.81 -17.39
C GLU B 99 0.21 13.61 -16.42
N VAL B 100 -0.28 14.67 -15.83
CA VAL B 100 -1.30 14.58 -14.74
C VAL B 100 -2.66 14.25 -15.36
N PHE B 101 -2.94 14.79 -16.55
CA PHE B 101 -4.21 14.56 -17.27
C PHE B 101 -4.32 13.06 -17.61
N ASN B 102 -3.18 12.45 -17.86
CA ASN B 102 -3.10 11.04 -18.27
C ASN B 102 -3.55 10.21 -17.06
N TYR B 103 -2.90 10.39 -15.91
CA TYR B 103 -3.30 9.66 -14.69
C TYR B 103 -4.76 10.01 -14.34
N LEU B 104 -5.24 11.23 -14.55
CA LEU B 104 -6.65 11.53 -14.16
C LEU B 104 -7.61 10.70 -15.04
N GLY B 105 -7.27 10.49 -16.30
CA GLY B 105 -8.14 9.75 -17.22
C GLY B 105 -8.11 8.26 -16.91
N ILE B 106 -6.90 7.76 -16.61
CA ILE B 106 -6.74 6.37 -16.14
C ILE B 106 -7.71 6.10 -14.99
N TYR B 107 -7.81 7.03 -14.06
CA TYR B 107 -8.61 6.86 -12.82
C TYR B 107 -10.08 6.97 -13.18
N LEU B 108 -10.45 7.74 -14.19
CA LEU B 108 -11.89 7.87 -14.58
C LEU B 108 -12.26 6.60 -15.31
N THR B 109 -11.29 6.00 -16.01
CA THR B 109 -11.51 4.70 -16.66
C THR B 109 -11.82 3.67 -15.59
N GLN B 110 -10.98 3.54 -14.55
CA GLN B 110 -11.16 2.54 -13.45
C GLN B 110 -12.51 2.72 -12.80
N ALA B 111 -13.02 3.93 -12.69
CA ALA B 111 -14.30 4.24 -12.02
C ALA B 111 -15.45 4.00 -12.99
N GLY B 112 -15.17 3.59 -14.22
CA GLY B 112 -16.26 3.39 -15.16
C GLY B 112 -16.75 4.65 -15.87
N ASN B 113 -16.26 5.85 -15.53
CA ASN B 113 -16.65 7.14 -16.17
C ASN B 113 -15.80 7.35 -17.43
N PHE B 114 -16.05 6.53 -18.43
CA PHE B 114 -15.41 6.54 -19.79
C PHE B 114 -15.53 7.93 -20.41
N ASP B 115 -16.70 8.58 -20.35
CA ASP B 115 -16.91 9.94 -20.93
C ASP B 115 -15.81 10.91 -20.45
N ALA B 116 -15.77 11.16 -19.15
CA ALA B 116 -14.79 12.04 -18.51
C ALA B 116 -13.38 11.59 -18.93
N ALA B 117 -13.16 10.29 -19.09
CA ALA B 117 -11.80 9.78 -19.28
C ALA B 117 -11.30 10.23 -20.64
N TYR B 118 -12.16 10.07 -21.64
CA TYR B 118 -11.95 10.52 -23.05
C TYR B 118 -11.55 11.99 -23.07
N GLU B 119 -12.23 12.81 -22.28
CA GLU B 119 -11.99 14.28 -22.16
C GLU B 119 -10.59 14.55 -21.61
N ALA B 120 -10.22 13.90 -20.50
CA ALA B 120 -8.85 13.98 -19.93
C ALA B 120 -7.78 13.55 -20.93
N PHE B 121 -7.91 12.44 -21.66
CA PHE B 121 -6.79 12.03 -22.55
C PHE B 121 -6.70 12.99 -23.73
N ASP B 122 -7.86 13.53 -24.16
CA ASP B 122 -7.89 14.47 -25.31
C ASP B 122 -7.12 15.73 -24.89
N SER B 123 -7.33 16.15 -23.64
CA SER B 123 -6.59 17.25 -22.99
C SER B 123 -5.10 16.90 -23.03
N VAL B 124 -4.70 15.65 -22.75
CA VAL B 124 -3.25 15.29 -22.79
C VAL B 124 -2.71 15.66 -24.18
N LEU B 125 -3.35 15.15 -25.23
CA LEU B 125 -2.82 15.13 -26.62
C LEU B 125 -2.89 16.53 -27.24
N GLU B 126 -3.83 17.37 -26.77
CA GLU B 126 -3.90 18.82 -27.09
C GLU B 126 -2.68 19.54 -26.54
N LEU B 127 -2.34 19.30 -25.26
CA LEU B 127 -1.16 19.87 -24.62
C LEU B 127 0.11 19.30 -25.21
N ASP B 128 0.15 18.03 -25.58
CA ASP B 128 1.38 17.39 -26.11
C ASP B 128 0.96 16.31 -27.08
N PRO B 129 1.03 16.54 -28.40
CA PRO B 129 0.57 15.52 -29.34
C PRO B 129 1.50 14.30 -29.45
N THR B 130 2.70 14.33 -28.83
CA THR B 130 3.72 13.24 -28.81
C THR B 130 3.60 12.36 -27.53
N TYR B 131 2.67 12.67 -26.60
CA TYR B 131 2.47 11.90 -25.35
C TYR B 131 1.81 10.54 -25.69
N ASN B 132 2.60 9.56 -26.19
CA ASN B 132 2.14 8.31 -26.85
C ASN B 132 1.21 7.47 -25.98
N TYR B 133 1.57 7.14 -24.74
CA TYR B 133 0.72 6.36 -23.79
C TYR B 133 -0.72 6.91 -23.65
N ALA B 134 -1.03 8.14 -24.05
CA ALA B 134 -2.43 8.66 -23.99
C ALA B 134 -3.23 7.93 -25.08
N HIS B 135 -2.60 7.59 -26.21
CA HIS B 135 -3.26 6.72 -27.21
C HIS B 135 -3.56 5.37 -26.53
N LEU B 136 -2.59 4.80 -25.80
CA LEU B 136 -2.80 3.49 -25.15
C LEU B 136 -4.03 3.60 -24.28
N ASN B 137 -3.99 4.53 -23.35
CA ASN B 137 -4.98 4.63 -22.24
C ASN B 137 -6.32 5.09 -22.79
N ARG B 138 -6.34 5.99 -23.78
CA ARG B 138 -7.63 6.37 -24.36
C ARG B 138 -8.17 5.14 -25.12
N GLY B 139 -7.32 4.45 -25.88
CA GLY B 139 -7.69 3.17 -26.55
C GLY B 139 -8.35 2.20 -25.60
N ILE B 140 -7.70 1.92 -24.49
CA ILE B 140 -8.21 1.01 -23.44
C ILE B 140 -9.56 1.51 -22.95
N ALA B 141 -9.73 2.81 -22.75
CA ALA B 141 -10.94 3.38 -22.14
C ALA B 141 -12.13 3.25 -23.13
N LEU B 142 -11.89 3.53 -24.42
CA LEU B 142 -12.88 3.34 -25.50
C LEU B 142 -13.29 1.86 -25.59
N TYR B 143 -12.30 0.98 -25.50
CA TYR B 143 -12.52 -0.49 -25.43
C TYR B 143 -13.51 -0.76 -24.31
N TYR B 144 -13.21 -0.46 -23.07
CA TYR B 144 -14.15 -0.79 -21.94
C TYR B 144 -15.46 -0.02 -22.11
N GLY B 145 -15.46 0.98 -22.98
CA GLY B 145 -16.58 1.90 -23.17
C GLY B 145 -17.50 1.50 -24.31
N GLY B 146 -17.16 0.40 -24.97
CA GLY B 146 -18.03 -0.28 -25.94
C GLY B 146 -17.92 0.36 -27.29
N ARG B 147 -16.73 0.87 -27.62
CA ARG B 147 -16.45 1.67 -28.83
C ARG B 147 -15.14 1.18 -29.44
N ASP B 148 -15.20 0.00 -30.04
CA ASP B 148 -14.04 -0.79 -30.51
C ASP B 148 -13.47 -0.17 -31.77
N LYS B 149 -14.29 0.34 -32.68
CA LYS B 149 -13.78 0.91 -33.94
C LYS B 149 -12.77 2.03 -33.58
N LEU B 150 -13.18 2.96 -32.70
CA LEU B 150 -12.35 4.11 -32.26
C LEU B 150 -11.20 3.66 -31.35
N ALA B 151 -11.42 2.67 -30.53
CA ALA B 151 -10.32 2.05 -29.74
C ALA B 151 -9.25 1.49 -30.68
N GLN B 152 -9.61 0.94 -31.83
CA GLN B 152 -8.63 0.37 -32.81
C GLN B 152 -7.81 1.53 -33.40
N ASP B 153 -8.43 2.70 -33.62
CA ASP B 153 -7.73 3.92 -34.13
C ASP B 153 -6.56 4.32 -33.22
N ASP B 154 -6.81 4.35 -31.91
CA ASP B 154 -5.81 4.70 -30.86
C ASP B 154 -4.72 3.62 -30.74
N LEU B 155 -5.15 2.36 -30.72
CA LEU B 155 -4.27 1.22 -30.37
C LEU B 155 -3.46 0.85 -31.60
N LEU B 156 -4.00 1.08 -32.78
CA LEU B 156 -3.23 0.96 -34.05
C LEU B 156 -2.09 1.99 -34.04
N ALA B 157 -2.41 3.25 -33.73
CA ALA B 157 -1.45 4.38 -33.63
C ALA B 157 -0.36 4.04 -32.61
N PHE B 158 -0.79 3.70 -31.39
CA PHE B 158 0.10 3.28 -30.29
C PHE B 158 1.00 2.15 -30.79
N TYR B 159 0.46 1.12 -31.46
CA TYR B 159 1.25 0.02 -32.06
C TYR B 159 2.31 0.60 -33.01
N GLN B 160 1.91 1.49 -33.94
CA GLN B 160 2.87 2.02 -34.95
C GLN B 160 4.07 2.68 -34.21
N ASP B 161 3.91 3.22 -33.00
CA ASP B 161 4.99 4.04 -32.36
C ASP B 161 6.08 3.12 -31.79
N ASP B 162 5.78 1.84 -31.54
CA ASP B 162 6.82 0.84 -31.13
C ASP B 162 6.32 -0.57 -31.43
N PRO B 163 6.51 -1.09 -32.65
CA PRO B 163 5.85 -2.35 -33.04
C PRO B 163 6.33 -3.62 -32.33
N ASN B 164 7.54 -3.60 -31.77
CA ASN B 164 8.14 -4.75 -31.05
C ASN B 164 7.71 -4.84 -29.57
N ASP B 165 6.76 -4.02 -29.14
CA ASP B 165 6.13 -4.10 -27.80
C ASP B 165 4.95 -5.05 -27.93
N PRO B 166 5.07 -6.27 -27.39
CA PRO B 166 4.08 -7.29 -27.63
C PRO B 166 2.75 -6.83 -27.04
N PHE B 167 2.76 -5.99 -25.98
CA PHE B 167 1.48 -5.67 -25.29
C PHE B 167 0.61 -4.71 -26.12
N ARG B 168 1.22 -4.07 -27.14
CA ARG B 168 0.51 -3.20 -28.10
C ARG B 168 -0.24 -4.06 -29.10
N SER B 169 0.36 -5.17 -29.48
CA SER B 169 -0.30 -6.16 -30.35
C SER B 169 -1.39 -6.80 -29.51
N LEU B 170 -1.14 -7.06 -28.23
CA LEU B 170 -2.21 -7.69 -27.40
C LEU B 170 -3.40 -6.75 -27.26
N TRP B 171 -3.20 -5.46 -26.95
CA TRP B 171 -4.33 -4.51 -26.62
C TRP B 171 -5.08 -4.24 -27.92
N LEU B 172 -4.34 -4.02 -29.01
CA LEU B 172 -4.94 -3.86 -30.35
C LEU B 172 -5.79 -5.11 -30.61
N TYR B 173 -5.21 -6.31 -30.47
CA TYR B 173 -5.93 -7.59 -30.74
C TYR B 173 -7.22 -7.57 -29.94
N LEU B 174 -7.16 -7.26 -28.66
CA LEU B 174 -8.36 -7.40 -27.81
C LEU B 174 -9.51 -6.53 -28.33
N ALA B 175 -9.19 -5.35 -28.87
CA ALA B 175 -10.19 -4.41 -29.40
C ALA B 175 -10.72 -4.95 -30.73
N GLU B 176 -9.82 -5.45 -31.60
CA GLU B 176 -10.17 -5.84 -33.00
C GLU B 176 -11.03 -7.10 -33.02
N GLN B 177 -11.01 -7.89 -31.95
CA GLN B 177 -11.73 -9.19 -31.87
C GLN B 177 -13.20 -8.91 -31.61
N LYS B 178 -13.58 -7.69 -31.22
CA LYS B 178 -15.00 -7.31 -30.99
C LYS B 178 -15.61 -6.91 -32.34
N LEU B 179 -14.78 -6.44 -33.27
CA LEU B 179 -15.18 -6.01 -34.63
C LEU B 179 -15.27 -7.25 -35.51
N ASP B 180 -14.16 -7.97 -35.60
CA ASP B 180 -13.97 -9.14 -36.50
C ASP B 180 -12.94 -10.11 -35.89
N GLU B 181 -13.45 -11.21 -35.32
CA GLU B 181 -12.62 -12.22 -34.59
C GLU B 181 -11.51 -12.81 -35.49
N LYS B 182 -11.76 -12.99 -36.80
CA LYS B 182 -10.78 -13.67 -37.69
C LYS B 182 -9.70 -12.70 -38.15
N GLN B 183 -10.03 -11.48 -38.58
CA GLN B 183 -9.00 -10.51 -39.06
C GLN B 183 -8.09 -10.11 -37.89
N ALA B 184 -8.65 -10.07 -36.68
CA ALA B 184 -7.91 -9.78 -35.43
C ALA B 184 -6.72 -10.74 -35.30
N LYS B 185 -7.00 -12.06 -35.44
CA LYS B 185 -6.01 -13.17 -35.31
C LYS B 185 -5.01 -13.10 -36.46
N GLU B 186 -5.46 -12.68 -37.65
CA GLU B 186 -4.55 -12.58 -38.82
C GLU B 186 -3.56 -11.45 -38.57
N VAL B 187 -4.07 -10.27 -38.19
CA VAL B 187 -3.27 -9.05 -37.84
C VAL B 187 -2.32 -9.40 -36.67
N LEU B 188 -2.84 -10.03 -35.62
CA LEU B 188 -1.97 -10.37 -34.47
C LEU B 188 -0.78 -11.19 -34.99
N LYS B 189 -1.09 -12.21 -35.80
CA LYS B 189 -0.12 -13.19 -36.36
C LYS B 189 0.91 -12.44 -37.19
N GLN B 190 0.47 -11.46 -37.99
CA GLN B 190 1.38 -10.59 -38.81
C GLN B 190 2.32 -9.83 -37.88
N HIS B 191 1.82 -9.25 -36.77
CA HIS B 191 2.63 -8.42 -35.84
C HIS B 191 3.75 -9.30 -35.28
N PHE B 192 3.40 -10.55 -34.93
CA PHE B 192 4.38 -11.51 -34.37
C PHE B 192 5.45 -11.83 -35.43
N GLU B 193 5.05 -12.08 -36.69
CA GLU B 193 5.98 -12.55 -37.76
C GLU B 193 6.84 -11.34 -38.15
N LYS B 194 6.28 -10.13 -38.21
CA LYS B 194 7.10 -8.88 -38.48
C LYS B 194 8.17 -8.64 -37.40
N SER B 195 7.93 -8.95 -36.12
CA SER B 195 8.75 -8.49 -34.96
C SER B 195 10.09 -9.26 -34.82
N ASP B 196 11.02 -8.73 -34.04
CA ASP B 196 12.25 -9.44 -33.63
C ASP B 196 11.99 -10.51 -32.57
N LYS B 197 10.77 -10.56 -32.01
CA LYS B 197 10.28 -11.48 -30.93
C LYS B 197 11.26 -11.67 -29.75
N GLU B 198 11.86 -10.61 -29.25
CA GLU B 198 12.81 -10.70 -28.11
C GLU B 198 12.06 -10.52 -26.79
N GLN B 199 11.08 -9.63 -26.75
CA GLN B 199 10.47 -9.22 -25.46
C GLN B 199 9.61 -10.40 -24.99
N TRP B 200 9.66 -10.75 -23.68
CA TRP B 200 8.99 -11.95 -23.13
C TRP B 200 7.55 -12.03 -23.61
N GLY B 201 6.84 -10.91 -23.59
CA GLY B 201 5.39 -10.85 -23.83
C GLY B 201 4.95 -11.48 -25.14
N TRP B 202 5.83 -11.68 -26.11
CA TRP B 202 5.45 -12.37 -27.40
C TRP B 202 5.01 -13.82 -27.07
N ASN B 203 5.43 -14.39 -25.93
CA ASN B 203 4.98 -15.74 -25.55
C ASN B 203 3.47 -15.69 -25.29
N ILE B 204 2.94 -14.58 -24.80
CA ILE B 204 1.47 -14.49 -24.49
C ILE B 204 0.79 -14.42 -25.86
N VAL B 205 1.43 -13.74 -26.81
CA VAL B 205 0.87 -13.61 -28.19
C VAL B 205 0.78 -15.00 -28.81
N GLU B 206 1.85 -15.79 -28.66
CA GLU B 206 1.95 -17.14 -29.25
C GLU B 206 0.84 -18.01 -28.67
N PHE B 207 0.48 -17.84 -27.40
CA PHE B 207 -0.66 -18.57 -26.77
C PHE B 207 -1.94 -18.07 -27.45
N TYR B 208 -2.17 -16.78 -27.58
CA TYR B 208 -3.40 -16.23 -28.19
C TYR B 208 -3.55 -16.83 -29.59
N LEU B 209 -2.43 -16.98 -30.29
CA LEU B 209 -2.40 -17.43 -31.71
C LEU B 209 -2.71 -18.93 -31.85
N GLY B 210 -2.40 -19.75 -30.85
CA GLY B 210 -2.47 -21.22 -30.93
C GLY B 210 -1.08 -21.89 -31.00
N ASN B 211 0.00 -21.15 -31.12
CA ASN B 211 1.35 -21.74 -31.31
C ASN B 211 1.78 -22.55 -30.09
N ILE B 212 1.33 -22.20 -28.87
CA ILE B 212 1.74 -22.89 -27.61
C ILE B 212 0.53 -23.08 -26.70
N SER B 213 0.65 -24.03 -25.80
CA SER B 213 -0.31 -24.34 -24.73
C SER B 213 -0.09 -23.41 -23.51
N GLU B 214 -1.19 -23.18 -22.77
CA GLU B 214 -1.18 -22.61 -21.40
C GLU B 214 -0.04 -23.17 -20.57
N GLN B 215 0.27 -24.46 -20.64
CA GLN B 215 1.31 -25.08 -19.78
C GLN B 215 2.68 -24.62 -20.27
N THR B 216 2.88 -24.50 -21.59
CA THR B 216 4.21 -24.12 -22.13
C THR B 216 4.44 -22.65 -21.76
N LEU B 217 3.40 -21.83 -21.91
CA LEU B 217 3.40 -20.41 -21.54
C LEU B 217 3.92 -20.31 -20.12
N MET B 218 3.31 -21.03 -19.19
CA MET B 218 3.68 -20.97 -17.76
C MET B 218 5.08 -21.50 -17.59
N GLU B 219 5.51 -22.47 -18.38
CA GLU B 219 6.88 -23.07 -18.22
C GLU B 219 7.92 -22.01 -18.63
N ARG B 220 7.68 -21.33 -19.74
CA ARG B 220 8.54 -20.21 -20.17
C ARG B 220 8.50 -19.02 -19.18
N LEU B 221 7.34 -18.79 -18.56
CA LEU B 221 7.15 -17.74 -17.53
C LEU B 221 8.18 -18.01 -16.43
N LYS B 222 8.25 -19.23 -15.90
CA LYS B 222 9.18 -19.57 -14.78
C LYS B 222 10.62 -19.42 -15.25
N ALA B 223 10.93 -19.90 -16.46
CA ALA B 223 12.29 -19.92 -17.02
C ALA B 223 12.82 -18.48 -17.12
N ASP B 224 12.01 -17.57 -17.62
CA ASP B 224 12.43 -16.18 -17.91
C ASP B 224 12.50 -15.35 -16.63
N ALA B 225 11.67 -15.60 -15.62
CA ALA B 225 11.74 -14.88 -14.33
C ALA B 225 13.06 -15.25 -13.63
N THR B 226 13.85 -14.23 -13.27
CA THR B 226 15.15 -14.36 -12.55
C THR B 226 14.98 -14.19 -11.03
N ASP B 227 13.91 -13.58 -10.55
CA ASP B 227 13.74 -13.29 -9.11
C ASP B 227 12.26 -13.11 -8.83
N ASN B 228 11.90 -12.84 -7.57
CA ASN B 228 10.48 -12.83 -7.17
C ASN B 228 9.85 -11.65 -7.87
N THR B 229 10.58 -10.57 -8.10
CA THR B 229 9.90 -9.36 -8.65
C THR B 229 9.60 -9.67 -10.10
N SER B 230 10.59 -10.08 -10.89
CA SER B 230 10.30 -10.39 -12.32
C SER B 230 9.19 -11.43 -12.36
N LEU B 231 9.09 -12.32 -11.37
CA LEU B 231 8.08 -13.41 -11.39
C LEU B 231 6.70 -12.75 -11.31
N ALA B 232 6.57 -11.86 -10.35
CA ALA B 232 5.29 -11.25 -9.97
C ALA B 232 4.76 -10.49 -11.18
N GLU B 233 5.65 -9.77 -11.86
CA GLU B 233 5.29 -8.89 -12.99
C GLU B 233 4.78 -9.76 -14.12
N HIS B 234 5.46 -10.88 -14.39
CA HIS B 234 5.07 -11.86 -15.43
C HIS B 234 3.67 -12.40 -15.15
N LEU B 235 3.45 -12.80 -13.92
CA LEU B 235 2.14 -13.34 -13.46
C LEU B 235 1.03 -12.28 -13.56
N SER B 236 1.28 -11.03 -13.19
CA SER B 236 0.25 -9.97 -13.19
C SER B 236 -0.18 -9.84 -14.64
N GLU B 237 0.78 -9.60 -15.56
CA GLU B 237 0.62 -9.54 -17.04
C GLU B 237 -0.14 -10.78 -17.53
N THR B 238 0.46 -11.95 -17.38
CA THR B 238 0.00 -13.21 -18.05
C THR B 238 -1.41 -13.58 -17.57
N ASN B 239 -1.66 -13.70 -16.28
CA ASN B 239 -2.99 -14.06 -15.73
C ASN B 239 -4.07 -13.11 -16.21
N PHE B 240 -3.78 -11.87 -16.56
CA PHE B 240 -4.85 -10.95 -17.00
C PHE B 240 -5.26 -11.38 -18.42
N TYR B 241 -4.28 -11.57 -19.32
CA TYR B 241 -4.53 -12.02 -20.74
C TYR B 241 -5.18 -13.42 -20.73
N LEU B 242 -4.71 -14.33 -19.89
CA LEU B 242 -5.39 -15.61 -19.65
C LEU B 242 -6.81 -15.33 -19.17
N GLY B 243 -7.01 -14.33 -18.33
CA GLY B 243 -8.34 -14.10 -17.76
C GLY B 243 -9.31 -13.75 -18.87
N LYS B 244 -8.81 -12.98 -19.83
CA LYS B 244 -9.58 -12.44 -20.97
C LYS B 244 -9.92 -13.60 -21.88
N TYR B 245 -8.96 -14.47 -22.18
CA TYR B 245 -9.15 -15.72 -22.99
C TYR B 245 -10.34 -16.54 -22.45
N TYR B 246 -10.34 -16.93 -21.19
CA TYR B 246 -11.44 -17.72 -20.57
C TYR B 246 -12.74 -16.91 -20.57
N LEU B 247 -12.68 -15.60 -20.45
CA LEU B 247 -13.90 -14.74 -20.38
C LEU B 247 -14.57 -14.75 -21.75
N SER B 248 -13.78 -14.87 -22.83
CA SER B 248 -14.30 -14.96 -24.21
C SER B 248 -14.94 -16.33 -24.48
N LEU B 249 -14.62 -17.39 -23.71
CA LEU B 249 -15.25 -18.74 -23.88
C LEU B 249 -16.45 -18.85 -22.94
N GLY B 250 -16.70 -17.85 -22.10
CA GLY B 250 -17.86 -17.83 -21.17
C GLY B 250 -17.56 -18.53 -19.85
N ASP B 251 -16.30 -18.88 -19.59
CA ASP B 251 -15.88 -19.51 -18.32
C ASP B 251 -15.64 -18.40 -17.26
N LEU B 252 -16.72 -17.90 -16.65
CA LEU B 252 -16.70 -16.92 -15.54
C LEU B 252 -15.86 -17.42 -14.34
N ASP B 253 -15.84 -18.69 -13.96
CA ASP B 253 -15.09 -19.13 -12.75
C ASP B 253 -13.58 -19.08 -13.04
N SER B 254 -13.17 -19.43 -14.23
CA SER B 254 -11.72 -19.51 -14.51
C SER B 254 -11.19 -18.08 -14.67
N ALA B 255 -12.01 -17.25 -15.31
CA ALA B 255 -11.78 -15.79 -15.52
C ALA B 255 -11.55 -15.12 -14.17
N THR B 256 -12.50 -15.32 -13.26
CA THR B 256 -12.57 -14.68 -11.93
C THR B 256 -11.34 -15.06 -11.16
N ALA B 257 -10.98 -16.31 -11.11
CA ALA B 257 -9.78 -16.80 -10.39
C ALA B 257 -8.57 -16.08 -11.01
N LEU B 258 -8.53 -15.98 -12.34
CA LEU B 258 -7.27 -15.61 -13.03
C LEU B 258 -7.03 -14.13 -12.82
N PHE B 259 -8.12 -13.37 -12.78
CA PHE B 259 -8.09 -11.91 -12.54
C PHE B 259 -7.62 -11.72 -11.10
N LYS B 260 -8.25 -12.40 -10.15
CA LYS B 260 -7.81 -12.36 -8.74
C LYS B 260 -6.30 -12.67 -8.63
N LEU B 261 -5.81 -13.72 -9.27
CA LEU B 261 -4.40 -14.14 -9.12
C LEU B 261 -3.50 -13.11 -9.82
N ALA B 262 -3.94 -12.44 -10.87
CA ALA B 262 -3.17 -11.32 -11.49
C ALA B 262 -2.95 -10.19 -10.49
N VAL B 263 -4.05 -9.82 -9.85
CA VAL B 263 -4.14 -8.69 -8.90
C VAL B 263 -3.41 -9.09 -7.64
N ALA B 264 -3.36 -10.36 -7.24
CA ALA B 264 -2.63 -10.78 -6.02
C ALA B 264 -1.09 -10.61 -6.14
N ASN B 265 -0.52 -10.35 -7.31
CA ASN B 265 0.93 -9.99 -7.40
C ASN B 265 1.20 -8.56 -6.90
N ASN B 266 0.19 -7.76 -6.61
CA ASN B 266 0.37 -6.36 -6.11
C ASN B 266 1.38 -5.58 -6.98
N VAL B 267 1.37 -5.68 -8.31
CA VAL B 267 2.12 -4.82 -9.29
C VAL B 267 1.11 -3.75 -9.70
N HIS B 268 0.64 -3.02 -8.69
CA HIS B 268 -0.30 -1.86 -8.84
C HIS B 268 0.25 -1.03 -9.97
N ASN B 269 -0.49 -0.39 -10.81
CA ASN B 269 0.22 0.46 -11.84
C ASN B 269 0.69 -0.29 -13.09
N PHE B 270 0.51 -1.60 -13.25
CA PHE B 270 0.50 -2.27 -14.57
C PHE B 270 -0.90 -2.04 -15.13
N VAL B 271 -1.06 -1.78 -16.43
CA VAL B 271 -2.45 -1.64 -16.93
C VAL B 271 -3.20 -2.96 -16.61
N GLU B 272 -2.50 -4.09 -16.66
CA GLU B 272 -3.09 -5.43 -16.48
C GLU B 272 -3.66 -5.55 -15.06
N HIS B 273 -3.02 -4.99 -14.08
CA HIS B 273 -3.52 -4.99 -12.69
C HIS B 273 -4.79 -4.16 -12.66
N ARG B 274 -4.81 -3.02 -13.34
CA ARG B 274 -5.94 -2.11 -13.11
C ARG B 274 -7.13 -2.71 -13.86
N TYR B 275 -6.90 -3.29 -15.03
CA TYR B 275 -8.01 -3.84 -15.88
C TYR B 275 -8.39 -5.25 -15.34
N ALA B 276 -7.48 -5.97 -14.72
CA ALA B 276 -7.93 -7.14 -13.94
C ALA B 276 -8.99 -6.72 -12.92
N LEU B 277 -8.79 -5.57 -12.26
CA LEU B 277 -9.65 -5.12 -11.13
C LEU B 277 -10.97 -4.66 -11.71
N LEU B 278 -10.92 -4.07 -12.91
CA LEU B 278 -12.13 -3.53 -13.55
C LEU B 278 -12.98 -4.73 -13.93
N GLU B 279 -12.35 -5.75 -14.53
CA GLU B 279 -13.05 -6.98 -14.95
C GLU B 279 -13.69 -7.61 -13.72
N LEU B 280 -12.96 -7.76 -12.64
CA LEU B 280 -13.59 -8.32 -11.42
C LEU B 280 -14.76 -7.41 -11.04
N SER B 281 -14.66 -6.12 -11.26
CA SER B 281 -15.74 -5.18 -10.87
C SER B 281 -16.99 -5.51 -11.74
N LEU B 282 -16.81 -5.71 -13.04
CA LEU B 282 -17.88 -6.10 -13.99
C LEU B 282 -18.49 -7.48 -13.65
N LEU B 283 -17.65 -8.44 -13.23
CA LEU B 283 -18.14 -9.77 -12.78
C LEU B 283 -18.95 -9.61 -11.48
N GLY B 284 -18.53 -8.72 -10.60
CA GLY B 284 -19.31 -8.35 -9.40
C GLY B 284 -20.66 -7.74 -9.78
N GLN B 285 -20.69 -6.78 -10.72
CA GLN B 285 -21.87 -5.94 -11.03
C GLN B 285 -22.87 -6.72 -11.89
N ASP B 286 -22.60 -7.99 -12.25
CA ASP B 286 -23.61 -8.88 -12.90
C ASP B 286 -24.38 -9.72 -11.85
N GLN B 287 -23.93 -9.80 -10.58
CA GLN B 287 -24.27 -10.87 -9.59
C GLN B 287 -25.73 -11.35 -9.74
N ILE C 26 -26.87 50.61 -45.89
CA ILE C 26 -27.40 51.16 -47.19
C ILE C 26 -26.92 50.26 -48.36
N THR C 27 -27.04 48.94 -48.19
CA THR C 27 -26.34 47.91 -49.03
C THR C 27 -26.99 47.84 -50.41
N ARG C 28 -26.21 48.09 -51.47
CA ARG C 28 -26.68 48.18 -52.89
C ARG C 28 -26.00 47.11 -53.78
N ALA C 29 -24.82 46.61 -53.39
CA ALA C 29 -24.14 45.43 -54.01
C ALA C 29 -23.41 44.65 -52.89
N ASP C 30 -22.33 43.94 -53.23
CA ASP C 30 -21.51 43.15 -52.27
C ASP C 30 -20.68 44.09 -51.36
N GLN C 31 -21.31 44.79 -50.40
CA GLN C 31 -20.60 45.45 -49.25
C GLN C 31 -20.69 44.54 -48.01
N ILE C 32 -21.36 43.40 -48.12
CA ILE C 32 -21.46 42.39 -47.02
C ILE C 32 -20.04 41.94 -46.68
N PRO C 33 -19.46 42.21 -45.48
CA PRO C 33 -18.06 41.82 -45.24
C PRO C 33 -17.89 40.30 -45.37
N VAL C 34 -16.89 39.81 -46.13
CA VAL C 34 -16.65 38.35 -46.32
C VAL C 34 -16.12 37.81 -44.98
N LEU C 35 -16.94 37.01 -44.28
CA LEU C 35 -16.73 36.55 -42.88
C LEU C 35 -15.58 35.52 -42.82
N LYS C 36 -14.85 35.46 -41.70
CA LYS C 36 -13.80 34.43 -41.51
C LYS C 36 -13.79 33.92 -40.06
N GLU C 37 -13.35 32.68 -39.87
CA GLU C 37 -13.22 32.00 -38.56
C GLU C 37 -12.36 32.80 -37.56
N GLU C 38 -12.79 32.95 -36.28
CA GLU C 38 -11.92 33.47 -35.19
C GLU C 38 -10.88 32.38 -34.81
N THR C 39 -9.88 32.66 -33.96
CA THR C 39 -8.71 31.74 -33.77
C THR C 39 -9.16 30.49 -32.98
N GLN C 40 -10.00 30.71 -31.96
CA GLN C 40 -10.70 29.68 -31.10
C GLN C 40 -11.43 28.59 -31.89
N HIS C 41 -12.10 28.91 -32.97
CA HIS C 41 -13.03 28.01 -33.70
C HIS C 41 -12.31 26.73 -34.14
N ALA C 42 -11.01 26.81 -34.44
CA ALA C 42 -10.22 25.64 -34.90
C ALA C 42 -10.31 24.59 -33.79
N THR C 43 -9.90 25.00 -32.59
CA THR C 43 -9.88 24.10 -31.41
C THR C 43 -11.28 23.59 -31.16
N VAL C 44 -12.26 24.50 -31.04
CA VAL C 44 -13.66 24.14 -30.66
C VAL C 44 -14.21 23.07 -31.61
N SER C 45 -13.94 23.11 -32.90
CA SER C 45 -14.40 22.02 -33.80
C SER C 45 -13.85 20.67 -33.34
N GLU C 46 -12.57 20.64 -32.92
CA GLU C 46 -11.85 19.39 -32.54
C GLU C 46 -12.50 18.84 -31.28
N ARG C 47 -12.68 19.74 -30.30
CA ARG C 47 -13.28 19.51 -28.96
C ARG C 47 -14.71 18.94 -29.08
N VAL C 48 -15.52 19.52 -29.95
CA VAL C 48 -16.92 19.10 -30.23
C VAL C 48 -16.91 17.73 -30.91
N THR C 49 -15.95 17.49 -31.79
CA THR C 49 -15.89 16.24 -32.58
C THR C 49 -15.50 15.11 -31.62
N SER C 50 -14.70 15.40 -30.60
CA SER C 50 -14.31 14.41 -29.55
C SER C 50 -15.56 13.89 -28.85
N ARG C 51 -16.32 14.81 -28.28
CA ARG C 51 -17.49 14.47 -27.43
C ARG C 51 -18.56 13.76 -28.28
N PHE C 52 -18.91 14.24 -29.48
CA PHE C 52 -20.00 13.60 -30.27
C PHE C 52 -19.54 12.22 -30.73
N THR C 53 -18.30 12.10 -31.23
CA THR C 53 -17.83 10.86 -31.86
C THR C 53 -17.57 9.79 -30.79
N ARG C 54 -17.20 10.20 -29.56
CA ARG C 54 -16.87 9.25 -28.46
C ARG C 54 -18.04 9.15 -27.47
N SER C 55 -18.55 10.25 -26.89
CA SER C 55 -19.50 10.22 -25.74
C SER C 55 -20.99 10.02 -26.13
N HIS C 56 -21.42 10.21 -27.38
CA HIS C 56 -22.86 10.24 -27.76
C HIS C 56 -23.53 8.85 -27.57
N TYR C 57 -24.76 8.81 -27.09
CA TYR C 57 -25.52 7.55 -26.97
C TYR C 57 -25.61 6.85 -28.32
N ARG C 58 -25.80 7.60 -29.38
CA ARG C 58 -25.82 7.01 -30.74
C ARG C 58 -24.38 6.75 -31.17
N GLN C 59 -24.12 5.50 -31.58
CA GLN C 59 -22.80 4.96 -31.96
C GLN C 59 -22.70 4.94 -33.50
N PHE C 60 -22.28 6.06 -34.05
CA PHE C 60 -22.18 6.27 -35.52
C PHE C 60 -20.71 6.39 -35.92
N ASP C 61 -20.38 6.08 -37.17
CA ASP C 61 -19.05 6.36 -37.76
C ASP C 61 -19.04 7.70 -38.49
N LEU C 62 -18.23 8.66 -38.06
CA LEU C 62 -17.93 9.89 -38.84
C LEU C 62 -17.00 9.51 -40.00
N ASP C 63 -17.50 8.66 -40.90
CA ASP C 63 -16.80 8.17 -42.11
C ASP C 63 -17.25 8.95 -43.36
N GLN C 64 -17.12 8.35 -44.55
CA GLN C 64 -17.47 8.96 -45.86
C GLN C 64 -19.00 9.26 -45.86
N ALA C 65 -19.86 8.23 -45.79
CA ALA C 65 -21.34 8.31 -45.81
C ALA C 65 -21.86 9.41 -44.87
N PHE C 66 -21.32 9.53 -43.65
CA PHE C 66 -21.87 10.41 -42.59
C PHE C 66 -21.50 11.87 -42.86
N SER C 67 -20.34 12.14 -43.44
CA SER C 67 -19.90 13.52 -43.79
C SER C 67 -20.83 14.09 -44.86
N ALA C 68 -21.18 13.25 -45.84
CA ALA C 68 -22.13 13.55 -46.93
C ALA C 68 -23.43 14.05 -46.33
N LYS C 69 -24.04 13.24 -45.46
CA LYS C 69 -25.34 13.59 -44.80
C LYS C 69 -25.15 14.89 -44.03
N ILE C 70 -23.99 15.11 -43.39
CA ILE C 70 -23.69 16.39 -42.69
C ILE C 70 -23.70 17.52 -43.71
N PHE C 71 -23.05 17.33 -44.85
CA PHE C 71 -22.94 18.37 -45.92
C PHE C 71 -24.35 18.81 -46.33
N ASP C 72 -25.19 17.85 -46.72
CA ASP C 72 -26.59 18.05 -47.17
C ASP C 72 -27.33 18.95 -46.17
N ARG C 73 -27.26 18.64 -44.87
CA ARG C 73 -28.03 19.33 -43.80
C ARG C 73 -27.45 20.75 -43.60
N TYR C 74 -26.18 20.99 -43.89
CA TYR C 74 -25.59 22.36 -43.87
C TYR C 74 -26.19 23.19 -45.03
N LEU C 75 -26.41 22.58 -46.20
CA LEU C 75 -26.99 23.31 -47.34
C LEU C 75 -28.42 23.73 -46.95
N ASN C 76 -29.18 22.77 -46.42
CA ASN C 76 -30.59 22.90 -45.98
C ASN C 76 -30.68 23.89 -44.83
N LEU C 77 -29.58 24.20 -44.15
CA LEU C 77 -29.60 25.23 -43.08
C LEU C 77 -29.34 26.60 -43.70
N LEU C 78 -28.59 26.62 -44.82
CA LEU C 78 -28.16 27.87 -45.52
C LEU C 78 -29.32 28.41 -46.37
N ASP C 79 -30.01 27.46 -47.01
CA ASP C 79 -31.11 27.67 -48.00
C ASP C 79 -32.17 26.59 -47.76
N TYR C 80 -33.02 26.81 -46.74
CA TYR C 80 -34.10 25.87 -46.33
C TYR C 80 -35.02 25.49 -47.51
N SER C 81 -35.38 26.51 -48.30
CA SER C 81 -36.49 26.51 -49.29
C SER C 81 -36.00 26.13 -50.71
N HIS C 82 -34.68 25.93 -50.92
CA HIS C 82 -34.01 25.54 -52.19
C HIS C 82 -34.38 26.58 -53.27
N ASN C 83 -34.08 27.83 -52.98
CA ASN C 83 -34.43 28.96 -53.89
C ASN C 83 -33.36 30.06 -53.77
N VAL C 84 -32.18 29.79 -53.20
CA VAL C 84 -31.08 30.78 -53.09
C VAL C 84 -29.86 30.27 -53.87
N LEU C 85 -29.43 29.04 -53.59
CA LEU C 85 -28.28 28.39 -54.29
C LEU C 85 -28.71 27.83 -55.65
N LEU C 86 -27.74 27.70 -56.59
CA LEU C 86 -27.86 27.05 -57.93
C LEU C 86 -27.21 25.66 -57.87
N ALA C 87 -27.77 24.65 -58.53
CA ALA C 87 -27.22 23.27 -58.64
C ALA C 87 -25.73 23.30 -59.01
N SER C 88 -25.28 24.31 -59.78
CA SER C 88 -23.86 24.57 -60.14
C SER C 88 -23.05 25.04 -58.91
N ASP C 89 -23.68 25.64 -57.89
CA ASP C 89 -23.01 26.15 -56.65
C ASP C 89 -22.89 25.05 -55.57
N VAL C 90 -23.87 24.14 -55.45
CA VAL C 90 -23.78 22.94 -54.57
C VAL C 90 -22.70 21.99 -55.13
N GLU C 91 -22.67 21.76 -56.45
CA GLU C 91 -21.72 20.83 -57.14
C GLU C 91 -20.26 21.27 -56.96
N GLN C 92 -19.99 22.59 -56.94
CA GLN C 92 -18.64 23.22 -56.78
C GLN C 92 -17.97 22.75 -55.47
N PHE C 93 -18.74 22.63 -54.39
CA PHE C 93 -18.27 22.09 -53.08
C PHE C 93 -18.63 20.62 -52.82
N ALA C 94 -19.55 19.99 -53.53
CA ALA C 94 -20.09 18.63 -53.22
C ALA C 94 -19.21 17.54 -53.81
N LYS C 95 -18.13 17.95 -54.46
CA LYS C 95 -17.06 17.06 -54.97
C LYS C 95 -16.34 16.47 -53.76
N LYS C 96 -16.12 17.28 -52.73
CA LYS C 96 -15.48 16.88 -51.44
C LYS C 96 -16.50 16.78 -50.29
N LYS C 97 -17.73 16.32 -50.52
CA LYS C 97 -18.76 16.28 -49.43
C LYS C 97 -18.37 15.17 -48.42
N THR C 98 -17.86 14.03 -48.93
CA THR C 98 -17.43 12.83 -48.13
C THR C 98 -16.21 13.12 -47.26
N GLU C 99 -15.51 14.21 -47.52
CA GLU C 99 -14.24 14.55 -46.85
C GLU C 99 -14.50 15.34 -45.57
N LEU C 100 -15.74 15.78 -45.28
CA LEU C 100 -16.08 16.80 -44.21
C LEU C 100 -15.99 16.22 -42.77
N GLY C 101 -16.02 14.90 -42.63
CA GLY C 101 -15.61 14.23 -41.40
C GLY C 101 -14.20 14.59 -40.97
N ASP C 102 -13.19 14.34 -41.83
CA ASP C 102 -11.75 14.63 -41.55
C ASP C 102 -11.59 16.11 -41.21
N GLU C 103 -12.26 16.98 -41.95
CA GLU C 103 -12.13 18.45 -41.80
C GLU C 103 -12.64 18.88 -40.41
N LEU C 104 -13.72 18.26 -39.91
CA LEU C 104 -14.27 18.62 -38.57
C LEU C 104 -13.32 18.14 -37.46
N ARG C 105 -12.69 16.97 -37.64
CA ARG C 105 -11.66 16.41 -36.71
C ARG C 105 -10.46 17.35 -36.61
N SER C 106 -9.85 17.72 -37.74
CA SER C 106 -8.65 18.58 -37.78
C SER C 106 -9.03 20.06 -37.59
N GLY C 107 -10.30 20.42 -37.71
CA GLY C 107 -10.77 21.78 -37.38
C GLY C 107 -10.55 22.72 -38.54
N LYS C 108 -10.69 22.22 -39.76
CA LYS C 108 -10.60 22.98 -41.02
C LYS C 108 -12.01 23.43 -41.41
N LEU C 109 -12.30 24.69 -41.20
CA LEU C 109 -13.68 25.23 -41.22
C LEU C 109 -14.05 25.89 -42.57
N ASP C 110 -13.13 25.93 -43.52
CA ASP C 110 -13.17 26.94 -44.60
C ASP C 110 -14.32 26.60 -45.56
N VAL C 111 -14.60 25.31 -45.81
CA VAL C 111 -15.76 24.87 -46.66
C VAL C 111 -17.08 25.40 -46.08
N PHE C 112 -17.20 25.56 -44.76
CA PHE C 112 -18.42 26.09 -44.09
C PHE C 112 -18.50 27.60 -44.36
N TYR C 113 -17.38 28.29 -44.19
CA TYR C 113 -17.29 29.77 -44.38
C TYR C 113 -17.38 30.16 -45.87
N ASP C 114 -16.87 29.31 -46.77
CA ASP C 114 -16.87 29.62 -48.23
C ASP C 114 -18.28 29.42 -48.77
N LEU C 115 -19.09 28.53 -48.15
CA LEU C 115 -20.50 28.26 -48.56
C LEU C 115 -21.42 29.31 -47.94
N TYR C 116 -21.13 29.77 -46.74
CA TYR C 116 -21.95 30.77 -46.02
C TYR C 116 -21.69 32.17 -46.59
N ASN C 117 -20.49 32.45 -47.11
CA ASN C 117 -20.16 33.76 -47.73
C ASN C 117 -20.78 33.81 -49.14
N LEU C 118 -20.78 32.66 -49.84
CA LEU C 118 -21.43 32.49 -51.16
C LEU C 118 -22.93 32.63 -50.97
N ALA C 119 -23.54 31.84 -50.09
CA ALA C 119 -25.00 31.85 -49.93
C ALA C 119 -25.43 33.23 -49.47
N GLN C 120 -24.54 33.95 -48.77
CA GLN C 120 -24.92 35.26 -48.25
C GLN C 120 -25.06 36.20 -49.44
N LYS C 121 -24.21 36.07 -50.46
CA LYS C 121 -24.29 36.96 -51.65
C LYS C 121 -25.49 36.49 -52.48
N ARG C 122 -25.66 35.19 -52.75
CA ARG C 122 -26.84 34.66 -53.50
C ARG C 122 -28.16 35.03 -52.80
N ARG C 123 -28.16 35.21 -51.48
CA ARG C 123 -29.35 35.66 -50.71
C ARG C 123 -29.60 37.14 -51.01
N PHE C 124 -28.56 37.98 -50.94
CA PHE C 124 -28.62 39.39 -51.41
C PHE C 124 -29.20 39.48 -52.83
N GLU C 125 -28.77 38.59 -53.73
CA GLU C 125 -29.25 38.56 -55.14
C GLU C 125 -30.77 38.43 -55.17
N ARG C 126 -31.34 37.55 -54.33
CA ARG C 126 -32.79 37.23 -54.30
C ARG C 126 -33.59 38.40 -53.76
N TYR C 127 -33.12 39.10 -52.73
CA TYR C 127 -33.89 40.13 -52.03
C TYR C 127 -33.90 41.43 -52.85
N GLN C 128 -32.84 41.71 -53.61
CA GLN C 128 -32.84 42.86 -54.55
C GLN C 128 -33.78 42.51 -55.71
N TYR C 129 -33.72 41.29 -56.27
CA TYR C 129 -34.62 40.85 -57.37
C TYR C 129 -36.08 40.88 -56.88
N ALA C 130 -36.32 40.52 -55.61
CA ALA C 130 -37.66 40.51 -54.96
C ALA C 130 -38.16 41.95 -54.86
N LEU C 131 -37.31 42.91 -54.53
CA LEU C 131 -37.71 44.34 -54.46
C LEU C 131 -38.15 44.82 -55.86
N SER C 132 -37.51 44.29 -56.89
CA SER C 132 -37.84 44.56 -58.31
C SER C 132 -39.27 44.07 -58.59
N VAL C 133 -39.61 42.85 -58.18
CA VAL C 133 -40.95 42.21 -58.43
C VAL C 133 -42.08 42.91 -57.65
N LEU C 134 -41.80 43.75 -56.64
CA LEU C 134 -42.84 44.49 -55.88
C LEU C 134 -43.43 45.61 -56.73
N GLU C 135 -42.76 46.01 -57.81
CA GLU C 135 -43.23 47.08 -58.74
C GLU C 135 -44.24 46.47 -59.75
N LYS C 136 -44.04 45.23 -60.19
CA LYS C 136 -44.92 44.50 -61.14
C LYS C 136 -46.35 44.34 -60.59
N PRO C 137 -47.36 44.07 -61.44
CA PRO C 137 -48.73 43.94 -60.97
C PRO C 137 -49.00 42.59 -60.29
N MET C 138 -49.90 42.61 -59.29
CA MET C 138 -50.37 41.42 -58.53
C MET C 138 -51.65 40.91 -59.18
N ASP C 139 -51.70 39.61 -59.47
CA ASP C 139 -52.79 38.96 -60.23
C ASP C 139 -53.19 37.67 -59.52
N PHE C 140 -54.28 37.73 -58.73
CA PHE C 140 -54.66 36.61 -57.84
C PHE C 140 -55.81 35.86 -58.51
N THR C 141 -55.79 35.69 -59.83
CA THR C 141 -57.01 35.20 -60.53
C THR C 141 -56.76 33.85 -61.19
N GLY C 142 -55.61 33.20 -60.95
CA GLY C 142 -55.21 32.01 -61.74
C GLY C 142 -55.62 30.67 -61.13
N ASN C 143 -55.18 29.58 -61.73
CA ASN C 143 -55.43 28.18 -61.30
C ASN C 143 -54.19 27.66 -60.55
N ASP C 144 -53.25 28.56 -60.20
CA ASP C 144 -51.89 28.20 -59.74
C ASP C 144 -51.83 27.97 -58.22
N THR C 145 -50.74 27.33 -57.80
CA THR C 145 -50.50 26.87 -56.40
C THR C 145 -49.10 27.27 -55.97
N TYR C 146 -48.81 27.09 -54.69
CA TYR C 146 -47.48 27.28 -54.06
C TYR C 146 -47.21 26.12 -53.10
N ASN C 147 -46.17 25.33 -53.36
CA ASN C 147 -45.71 24.23 -52.47
C ASN C 147 -44.79 24.84 -51.40
N LEU C 148 -45.15 24.68 -50.11
CA LEU C 148 -44.45 25.28 -48.94
C LEU C 148 -43.33 24.34 -48.48
N ASP C 149 -43.35 23.06 -48.87
CA ASP C 149 -42.23 22.13 -48.64
C ASP C 149 -41.40 21.99 -49.92
N ARG C 150 -40.30 22.74 -50.04
CA ARG C 150 -39.34 22.54 -51.16
C ARG C 150 -38.04 21.87 -50.64
N SER C 151 -38.13 20.95 -49.67
CA SER C 151 -36.95 20.45 -48.90
C SER C 151 -36.28 19.30 -49.66
N LYS C 152 -37.06 18.39 -50.27
CA LYS C 152 -36.53 17.34 -51.20
C LYS C 152 -36.74 17.78 -52.65
N ALA C 153 -36.81 19.08 -52.93
CA ALA C 153 -36.97 19.61 -54.31
C ALA C 153 -35.59 19.59 -54.98
N PRO C 154 -35.52 19.32 -56.31
CA PRO C 154 -34.28 19.49 -57.06
C PRO C 154 -33.82 20.96 -57.00
N TRP C 155 -32.52 21.17 -56.95
CA TRP C 155 -31.89 22.50 -56.98
C TRP C 155 -32.22 23.24 -58.29
N PRO C 156 -32.38 24.58 -58.22
CA PRO C 156 -32.55 25.41 -59.42
C PRO C 156 -31.36 25.28 -60.38
N LYS C 157 -31.62 25.08 -61.68
CA LYS C 157 -30.58 24.95 -62.76
C LYS C 157 -29.95 26.30 -63.11
N ASN C 158 -30.74 27.32 -63.47
CA ASN C 158 -30.27 28.65 -64.01
C ASN C 158 -31.03 29.81 -63.38
N GLU C 159 -30.63 31.05 -63.65
CA GLU C 159 -31.34 32.27 -63.11
C GLU C 159 -32.84 32.28 -63.49
N ALA C 160 -33.26 31.56 -64.55
CA ALA C 160 -34.67 31.40 -64.93
C ALA C 160 -35.46 30.64 -63.87
N GLU C 161 -34.91 29.60 -63.22
CA GLU C 161 -35.63 28.90 -62.12
C GLU C 161 -35.67 29.84 -60.91
N LEU C 162 -34.56 30.56 -60.70
CA LEU C 162 -34.37 31.37 -59.46
C LEU C 162 -35.39 32.50 -59.42
N ASN C 163 -35.77 33.04 -60.58
CA ASN C 163 -36.72 34.18 -60.64
C ASN C 163 -38.15 33.64 -60.72
N ALA C 164 -38.38 32.48 -61.35
CA ALA C 164 -39.68 31.76 -61.32
C ALA C 164 -40.03 31.38 -59.85
N LEU C 165 -39.09 30.89 -59.05
CA LEU C 165 -39.34 30.53 -57.64
C LEU C 165 -39.58 31.79 -56.77
N TRP C 166 -38.90 32.91 -57.02
CA TRP C 166 -39.13 34.19 -56.26
C TRP C 166 -40.22 35.07 -56.90
N ASP C 167 -40.61 34.74 -58.12
CA ASP C 167 -41.89 35.24 -58.68
C ASP C 167 -42.94 34.67 -57.77
N SER C 168 -42.86 33.36 -57.57
CA SER C 168 -43.83 32.59 -56.77
C SER C 168 -43.75 33.04 -55.31
N LYS C 169 -42.55 33.23 -54.77
CA LYS C 169 -42.36 33.58 -53.34
C LYS C 169 -43.02 34.93 -53.05
N VAL C 170 -42.74 35.95 -53.86
CA VAL C 170 -43.25 37.32 -53.58
C VAL C 170 -44.79 37.39 -53.74
N LYS C 171 -45.36 36.56 -54.59
CA LYS C 171 -46.83 36.46 -54.83
C LYS C 171 -47.50 35.88 -53.58
N PHE C 172 -46.96 34.80 -53.03
CA PHE C 172 -47.42 34.23 -51.72
C PHE C 172 -47.30 35.30 -50.61
N ASP C 173 -46.16 35.99 -50.49
CA ASP C 173 -45.96 37.02 -49.43
C ASP C 173 -47.04 38.11 -49.58
N GLU C 174 -47.38 38.44 -50.83
CA GLU C 174 -48.35 39.49 -51.22
C GLU C 174 -49.78 39.04 -50.84
N LEU C 175 -50.12 37.78 -51.05
CA LEU C 175 -51.49 37.27 -50.80
C LEU C 175 -51.73 37.08 -49.30
N SER C 176 -50.72 36.65 -48.54
CA SER C 176 -50.76 36.60 -47.05
C SER C 176 -51.22 37.94 -46.50
N LEU C 177 -50.60 39.02 -46.93
CA LEU C 177 -50.92 40.37 -46.40
C LEU C 177 -52.28 40.82 -46.97
N LYS C 178 -52.62 40.47 -48.21
CA LYS C 178 -53.92 40.84 -48.78
C LYS C 178 -55.02 40.16 -47.93
N LEU C 179 -54.88 38.87 -47.65
CA LEU C 179 -55.95 38.07 -46.99
C LEU C 179 -56.20 38.56 -45.54
N THR C 180 -55.35 39.45 -45.02
CA THR C 180 -55.52 40.10 -43.70
C THR C 180 -55.92 41.55 -43.95
N GLY C 181 -56.63 41.79 -45.05
CA GLY C 181 -57.23 43.08 -45.40
C GLY C 181 -56.19 44.19 -45.46
N LYS C 182 -55.35 44.16 -46.48
CA LYS C 182 -54.46 45.30 -46.79
C LYS C 182 -54.61 45.69 -48.26
N THR C 183 -54.39 46.98 -48.52
CA THR C 183 -54.52 47.59 -49.87
C THR C 183 -53.18 47.35 -50.57
N ASP C 184 -53.20 47.23 -51.90
CA ASP C 184 -52.02 47.28 -52.79
C ASP C 184 -50.89 48.14 -52.17
N LYS C 185 -51.21 49.35 -51.69
CA LYS C 185 -50.28 50.34 -51.06
C LYS C 185 -49.58 49.73 -49.84
N GLU C 186 -50.34 49.30 -48.82
CA GLU C 186 -49.82 48.75 -47.54
C GLU C 186 -48.91 47.55 -47.86
N ILE C 187 -49.35 46.64 -48.74
CA ILE C 187 -48.66 45.36 -49.11
C ILE C 187 -47.27 45.66 -49.69
N ARG C 188 -47.14 46.72 -50.46
CA ARG C 188 -45.86 46.99 -51.17
C ARG C 188 -44.86 47.58 -50.16
N GLU C 189 -45.33 48.36 -49.19
CA GLU C 189 -44.44 49.06 -48.23
C GLU C 189 -44.00 48.09 -47.11
N THR C 190 -44.85 47.12 -46.75
CA THR C 190 -44.56 46.10 -45.70
C THR C 190 -43.44 45.18 -46.21
N LEU C 191 -43.64 44.58 -47.39
CA LEU C 191 -42.67 43.71 -48.09
C LEU C 191 -41.39 44.50 -48.44
N THR C 192 -41.47 45.80 -48.68
CA THR C 192 -40.28 46.65 -48.94
C THR C 192 -39.40 46.61 -47.70
N ARG C 193 -39.97 46.90 -46.52
CA ARG C 193 -39.28 46.85 -45.19
C ARG C 193 -38.75 45.43 -44.93
N ARG C 194 -39.58 44.42 -45.16
CA ARG C 194 -39.26 42.99 -44.90
C ARG C 194 -38.07 42.56 -45.78
N TYR C 195 -38.02 42.97 -47.04
CA TYR C 195 -36.96 42.56 -48.00
C TYR C 195 -35.68 43.36 -47.76
N LYS C 196 -35.80 44.60 -47.29
CA LYS C 196 -34.67 45.50 -46.96
C LYS C 196 -34.05 45.16 -45.58
N PHE C 197 -34.86 44.73 -44.59
CA PHE C 197 -34.36 44.25 -43.27
C PHE C 197 -33.73 42.88 -43.44
N ALA C 198 -34.25 42.06 -44.36
CA ALA C 198 -33.64 40.76 -44.75
C ALA C 198 -32.24 41.00 -45.30
N ILE C 199 -32.08 42.02 -46.14
CA ILE C 199 -30.73 42.43 -46.62
C ILE C 199 -29.92 42.99 -45.43
N ARG C 200 -30.50 43.80 -44.55
CA ARG C 200 -29.68 44.53 -43.53
C ARG C 200 -29.24 43.56 -42.41
N ARG C 201 -30.12 42.64 -42.00
CA ARG C 201 -29.88 41.54 -41.02
C ARG C 201 -28.67 40.73 -41.46
N LEU C 202 -28.61 40.44 -42.76
CA LEU C 202 -27.60 39.57 -43.43
C LEU C 202 -26.17 40.11 -43.21
N ALA C 203 -26.00 41.42 -43.01
CA ALA C 203 -24.69 42.07 -42.75
C ALA C 203 -24.50 42.39 -41.26
N GLN C 204 -25.30 41.83 -40.36
CA GLN C 204 -25.00 41.93 -38.90
C GLN C 204 -24.33 40.64 -38.42
N THR C 205 -24.39 39.54 -39.20
CA THR C 205 -24.08 38.17 -38.72
C THR C 205 -22.57 38.08 -38.46
N ASN C 206 -22.20 37.45 -37.33
CA ASN C 206 -20.83 37.32 -36.80
C ASN C 206 -20.19 36.10 -37.44
N SER C 207 -18.88 35.87 -37.24
CA SER C 207 -18.26 34.54 -37.47
C SER C 207 -18.87 33.49 -36.51
N GLU C 208 -19.30 33.90 -35.29
CA GLU C 208 -19.98 33.02 -34.30
C GLU C 208 -21.28 32.44 -34.87
N ASP C 209 -22.05 33.20 -35.69
CA ASP C 209 -23.26 32.71 -36.39
C ASP C 209 -22.92 31.63 -37.44
N VAL C 210 -21.84 31.78 -38.18
CA VAL C 210 -21.42 30.76 -39.22
C VAL C 210 -21.00 29.45 -38.53
N PHE C 211 -20.14 29.57 -37.51
CA PHE C 211 -19.66 28.43 -36.71
C PHE C 211 -20.86 27.74 -36.03
N SER C 212 -21.70 28.51 -35.34
CA SER C 212 -22.95 27.97 -34.73
C SER C 212 -23.68 27.06 -35.72
N LEU C 213 -23.90 27.50 -36.95
CA LEU C 213 -24.70 26.71 -37.92
C LEU C 213 -23.89 25.51 -38.43
N ALA C 214 -22.56 25.64 -38.55
CA ALA C 214 -21.65 24.56 -39.00
C ALA C 214 -21.74 23.34 -38.05
N MET C 215 -21.66 23.62 -36.76
CA MET C 215 -21.72 22.63 -35.68
C MET C 215 -23.13 22.07 -35.65
N THR C 216 -24.17 22.89 -35.88
CA THR C 216 -25.58 22.45 -35.88
C THR C 216 -25.81 21.40 -36.97
N ALA C 217 -25.10 21.48 -38.10
CA ALA C 217 -25.24 20.50 -39.20
C ALA C 217 -24.73 19.17 -38.69
N PHE C 218 -23.64 19.23 -37.91
CA PHE C 218 -23.00 18.03 -37.30
C PHE C 218 -23.97 17.50 -36.25
N ALA C 219 -24.27 18.32 -35.25
CA ALA C 219 -25.17 18.00 -34.11
C ALA C 219 -26.44 17.32 -34.63
N ARG C 220 -27.14 17.94 -35.59
CA ARG C 220 -28.56 17.57 -35.86
C ARG C 220 -28.60 16.39 -36.80
N GLU C 221 -27.47 16.06 -37.43
CA GLU C 221 -27.40 14.79 -38.23
C GLU C 221 -27.35 13.57 -37.29
N ILE C 222 -26.92 13.75 -36.04
CA ILE C 222 -26.75 12.61 -35.09
C ILE C 222 -28.15 12.25 -34.55
N ASP C 223 -28.78 13.25 -33.92
CA ASP C 223 -30.18 13.17 -33.45
C ASP C 223 -30.70 14.60 -33.28
N PRO C 224 -32.02 14.81 -33.21
CA PRO C 224 -32.57 16.17 -33.19
C PRO C 224 -32.46 16.91 -31.84
N HIS C 225 -32.06 16.21 -30.79
CA HIS C 225 -31.92 16.84 -29.45
C HIS C 225 -30.48 17.23 -29.21
N THR C 226 -29.55 16.88 -30.12
CA THR C 226 -28.11 17.24 -29.99
C THR C 226 -27.91 18.67 -30.51
N ASN C 227 -27.00 19.43 -29.91
CA ASN C 227 -26.81 20.87 -30.22
C ASN C 227 -25.39 21.31 -29.90
N TYR C 228 -24.90 22.34 -30.60
CA TYR C 228 -23.80 23.24 -30.19
C TYR C 228 -24.44 24.50 -29.68
N LEU C 229 -23.92 25.12 -28.62
CA LEU C 229 -24.54 26.32 -28.02
C LEU C 229 -23.48 27.39 -27.82
N SER C 230 -23.58 28.48 -28.58
CA SER C 230 -22.65 29.64 -28.50
C SER C 230 -22.61 30.24 -27.11
N PRO C 231 -21.44 30.72 -26.66
CA PRO C 231 -21.33 31.39 -25.37
C PRO C 231 -22.27 32.60 -25.26
N ARG C 232 -22.83 32.82 -24.09
CA ARG C 232 -23.68 34.00 -23.78
C ARG C 232 -22.75 35.19 -23.59
N ASN C 233 -23.15 36.37 -24.08
CA ASN C 233 -22.32 37.61 -24.04
C ASN C 233 -22.75 38.45 -22.82
N THR C 234 -22.17 39.66 -22.74
CA THR C 234 -22.57 40.88 -22.00
C THR C 234 -24.11 41.01 -21.89
N GLU C 235 -24.85 40.74 -22.97
CA GLU C 235 -26.34 40.87 -22.99
C GLU C 235 -26.95 39.87 -21.99
N GLN C 236 -26.69 38.55 -22.08
CA GLN C 236 -27.20 37.56 -21.09
C GLN C 236 -26.83 38.04 -19.67
N PHE C 237 -25.60 38.55 -19.47
CA PHE C 237 -25.12 39.08 -18.17
C PHE C 237 -26.04 40.23 -17.71
N ASN C 238 -26.46 41.15 -18.60
CA ASN C 238 -27.33 42.32 -18.28
C ASN C 238 -28.74 41.90 -17.86
N THR C 239 -29.33 40.93 -18.57
CA THR C 239 -30.68 40.39 -18.29
C THR C 239 -30.73 39.86 -16.84
N GLU C 240 -29.73 39.06 -16.49
CA GLU C 240 -29.53 38.48 -15.13
C GLU C 240 -29.30 39.64 -14.15
N MET C 241 -28.55 40.68 -14.56
CA MET C 241 -28.34 41.90 -13.75
C MET C 241 -29.68 42.53 -13.35
N SER C 242 -30.65 42.60 -14.27
CA SER C 242 -32.02 43.09 -13.97
C SER C 242 -32.94 41.92 -13.59
N LEU C 243 -32.44 40.68 -13.62
CA LEU C 243 -33.32 39.47 -13.52
C LEU C 243 -34.69 39.91 -13.01
N GLU C 246 -41.88 37.03 -17.07
CA GLU C 246 -40.61 37.57 -17.63
C GLU C 246 -40.26 36.85 -18.94
N GLY C 247 -40.36 35.52 -18.99
CA GLY C 247 -40.14 34.71 -20.21
C GLY C 247 -41.41 34.04 -20.68
N ILE C 248 -42.56 34.39 -20.07
CA ILE C 248 -43.93 33.91 -20.45
C ILE C 248 -44.01 32.39 -20.33
N GLY C 249 -42.99 31.75 -19.76
CA GLY C 249 -42.98 30.30 -19.49
C GLY C 249 -42.92 29.40 -20.73
N ALA C 250 -41.99 29.69 -21.64
CA ALA C 250 -41.77 28.87 -22.86
C ALA C 250 -40.27 28.80 -23.18
N VAL C 251 -39.87 27.74 -23.86
CA VAL C 251 -38.48 27.54 -24.35
C VAL C 251 -38.55 27.46 -25.87
N TYR C 252 -37.77 28.27 -26.58
CA TYR C 252 -37.97 28.51 -28.03
C TYR C 252 -36.82 27.85 -28.77
N GLN C 253 -37.17 27.03 -29.75
CA GLN C 253 -36.22 26.29 -30.62
C GLN C 253 -36.36 26.89 -32.01
N MET C 254 -35.44 26.58 -32.92
CA MET C 254 -35.66 27.10 -34.27
C MET C 254 -35.64 26.00 -35.31
N ASP C 255 -36.74 25.97 -36.08
CA ASP C 255 -36.91 25.28 -37.38
C ASP C 255 -36.65 26.37 -38.41
N ASP C 256 -35.71 26.17 -39.31
CA ASP C 256 -35.16 27.27 -40.16
C ASP C 256 -36.27 28.18 -40.70
N ASP C 257 -36.06 29.49 -40.47
CA ASP C 257 -36.85 30.65 -40.95
C ASP C 257 -38.08 30.82 -40.07
N TYR C 258 -38.14 30.16 -38.90
CA TYR C 258 -39.29 30.32 -37.97
C TYR C 258 -38.81 30.24 -36.52
N THR C 259 -39.26 31.19 -35.71
CA THR C 259 -39.18 31.14 -34.23
C THR C 259 -40.29 30.19 -33.72
N VAL C 260 -39.92 29.08 -33.08
CA VAL C 260 -40.87 27.97 -32.73
C VAL C 260 -40.86 27.80 -31.21
N ILE C 261 -42.05 27.63 -30.62
CA ILE C 261 -42.22 27.19 -29.20
C ILE C 261 -41.81 25.71 -29.07
N ASN C 262 -40.63 25.45 -28.48
CA ASN C 262 -40.08 24.07 -28.32
C ASN C 262 -40.80 23.34 -27.18
N SER C 263 -40.83 23.92 -25.98
CA SER C 263 -41.57 23.37 -24.82
C SER C 263 -42.20 24.50 -23.99
N MET C 264 -43.10 24.17 -23.07
CA MET C 264 -43.72 25.16 -22.15
C MET C 264 -43.53 24.67 -20.72
N VAL C 265 -43.32 25.62 -19.79
CA VAL C 265 -43.09 25.34 -18.35
C VAL C 265 -44.47 25.15 -17.71
N ALA C 266 -44.59 24.15 -16.82
CA ALA C 266 -45.84 23.79 -16.10
C ALA C 266 -46.35 24.97 -15.27
N GLY C 267 -47.64 25.33 -15.48
CA GLY C 267 -48.30 26.49 -14.85
C GLY C 267 -47.68 27.85 -15.23
N GLY C 268 -46.97 27.99 -16.35
CA GLY C 268 -46.58 29.30 -16.92
C GLY C 268 -47.79 30.03 -17.49
N PRO C 269 -47.73 31.36 -17.73
CA PRO C 269 -48.89 32.06 -18.29
C PRO C 269 -49.20 31.55 -19.71
N ALA C 270 -48.16 31.24 -20.49
CA ALA C 270 -48.19 30.51 -21.78
C ALA C 270 -49.06 29.26 -21.67
N ALA C 271 -48.73 28.41 -20.70
CA ALA C 271 -49.40 27.10 -20.49
C ALA C 271 -50.85 27.31 -20.02
N LYS C 272 -51.15 28.37 -19.25
CA LYS C 272 -52.51 28.65 -18.69
C LYS C 272 -53.50 29.01 -19.79
N SER C 273 -53.23 30.06 -20.58
CA SER C 273 -54.02 30.42 -21.80
C SER C 273 -53.82 29.33 -22.83
N LYS C 274 -54.76 28.38 -22.93
CA LYS C 274 -54.51 27.09 -23.62
C LYS C 274 -54.41 27.29 -25.14
N ALA C 275 -54.61 28.52 -25.65
CA ALA C 275 -54.50 28.87 -27.09
C ALA C 275 -53.07 28.67 -27.63
N ILE C 276 -52.12 28.22 -26.80
CA ILE C 276 -50.69 28.01 -27.21
C ILE C 276 -50.31 26.54 -27.07
N SER C 277 -49.89 25.88 -28.14
CA SER C 277 -49.44 24.46 -28.13
C SER C 277 -48.01 24.37 -28.65
N VAL C 278 -47.31 23.27 -28.33
CA VAL C 278 -45.90 22.99 -28.73
C VAL C 278 -45.81 22.95 -30.26
N GLY C 279 -44.77 23.57 -30.83
CA GLY C 279 -44.48 23.61 -32.29
C GLY C 279 -45.10 24.80 -33.01
N ASP C 280 -45.71 25.74 -32.26
CA ASP C 280 -46.39 26.96 -32.80
C ASP C 280 -45.32 27.98 -33.20
N LYS C 281 -45.52 28.59 -34.36
CA LYS C 281 -44.56 29.51 -35.00
C LYS C 281 -45.00 30.95 -34.75
N ILE C 282 -44.08 31.74 -34.21
CA ILE C 282 -44.22 33.21 -33.93
C ILE C 282 -43.80 34.00 -35.17
N VAL C 283 -44.67 34.91 -35.64
CA VAL C 283 -44.47 35.73 -36.87
C VAL C 283 -44.74 37.22 -36.58
N GLY C 284 -44.97 37.57 -35.30
CA GLY C 284 -45.36 38.92 -34.86
C GLY C 284 -45.38 39.00 -33.34
N VAL C 285 -44.83 40.08 -32.79
CA VAL C 285 -44.82 40.35 -31.32
C VAL C 285 -45.49 41.71 -31.06
N GLY C 286 -46.24 41.82 -29.97
CA GLY C 286 -46.93 43.04 -29.53
C GLY C 286 -46.23 43.70 -28.35
N GLN C 287 -46.71 44.87 -27.95
CA GLN C 287 -46.15 45.61 -26.79
C GLN C 287 -47.28 45.93 -25.79
N THR C 288 -46.94 46.57 -24.68
CA THR C 288 -47.88 46.92 -23.57
C THR C 288 -49.14 47.55 -24.18
N GLY C 289 -48.94 48.47 -25.13
CA GLY C 289 -49.95 49.00 -26.04
C GLY C 289 -49.33 49.34 -27.39
N LYS C 290 -49.59 48.56 -28.44
CA LYS C 290 -49.00 48.91 -29.77
C LYS C 290 -49.30 47.87 -30.84
N PRO C 291 -48.79 48.08 -32.09
CA PRO C 291 -49.06 47.20 -33.22
C PRO C 291 -48.19 45.94 -33.21
N MET C 292 -48.51 44.96 -34.05
CA MET C 292 -47.72 43.69 -34.15
C MET C 292 -46.58 43.89 -35.16
N VAL C 293 -45.34 43.84 -34.67
CA VAL C 293 -44.08 43.93 -35.47
C VAL C 293 -43.64 42.52 -35.90
N ASP C 294 -43.47 42.31 -37.21
CA ASP C 294 -43.10 40.99 -37.82
C ASP C 294 -41.70 40.58 -37.37
N VAL C 295 -41.54 39.29 -37.04
CA VAL C 295 -40.25 38.72 -36.55
C VAL C 295 -39.83 37.58 -37.49
N ILE C 296 -40.38 37.55 -38.71
CA ILE C 296 -40.09 36.45 -39.69
C ILE C 296 -38.64 36.62 -40.17
N GLY C 297 -37.90 35.49 -40.26
CA GLY C 297 -36.53 35.42 -40.77
C GLY C 297 -35.52 35.91 -39.76
N TRP C 298 -35.93 36.07 -38.50
CA TRP C 298 -35.07 36.66 -37.45
C TRP C 298 -34.17 35.59 -36.82
N ARG C 299 -33.08 36.07 -36.19
CA ARG C 299 -32.23 35.36 -35.21
C ARG C 299 -33.03 35.35 -33.89
N LEU C 300 -32.87 34.29 -33.08
CA LEU C 300 -33.70 33.99 -31.88
C LEU C 300 -33.50 34.98 -30.72
N ASP C 301 -32.25 35.27 -30.32
CA ASP C 301 -31.94 36.13 -29.14
C ASP C 301 -32.72 37.45 -29.25
N ASP C 302 -32.81 38.01 -30.46
CA ASP C 302 -33.44 39.33 -30.75
C ASP C 302 -34.97 39.18 -30.66
N VAL C 303 -35.52 38.11 -31.24
CA VAL C 303 -36.97 37.77 -31.12
C VAL C 303 -37.36 37.67 -29.62
N VAL C 304 -36.54 37.00 -28.80
CA VAL C 304 -36.84 36.68 -27.37
C VAL C 304 -36.75 37.97 -26.54
N ALA C 305 -35.91 38.91 -26.99
CA ALA C 305 -35.73 40.24 -26.34
C ALA C 305 -37.05 41.03 -26.36
N LEU C 306 -37.88 40.90 -27.42
CA LEU C 306 -39.22 41.56 -27.58
C LEU C 306 -40.15 41.13 -26.45
N ILE C 307 -40.06 39.85 -26.06
CA ILE C 307 -40.97 39.18 -25.10
C ILE C 307 -40.53 39.52 -23.67
N LYS C 308 -39.22 39.52 -23.37
CA LYS C 308 -38.82 39.53 -21.93
C LYS C 308 -39.00 40.96 -21.40
N GLY C 309 -40.11 41.18 -20.68
CA GLY C 309 -40.52 42.50 -20.19
C GLY C 309 -40.92 42.49 -18.71
N PRO C 310 -41.04 43.69 -18.07
CA PRO C 310 -41.42 43.80 -16.66
C PRO C 310 -42.76 43.13 -16.35
N LYS C 311 -42.81 42.45 -15.22
CA LYS C 311 -44.01 41.69 -14.76
C LYS C 311 -45.20 42.65 -14.64
N GLY C 312 -46.36 42.22 -15.15
CA GLY C 312 -47.66 42.93 -15.05
C GLY C 312 -48.03 43.59 -16.38
N SER C 313 -47.07 44.28 -17.01
CA SER C 313 -47.16 44.91 -18.36
C SER C 313 -47.01 43.79 -19.41
N LYS C 314 -48.13 43.44 -20.03
CA LYS C 314 -48.28 42.25 -20.89
C LYS C 314 -47.59 42.50 -22.25
N VAL C 315 -47.44 41.42 -23.03
CA VAL C 315 -46.91 41.38 -24.43
C VAL C 315 -47.81 40.41 -25.24
N ARG C 316 -48.15 40.77 -26.48
CA ARG C 316 -49.07 39.96 -27.34
C ARG C 316 -48.27 39.34 -28.49
N LEU C 317 -48.55 38.08 -28.83
CA LEU C 317 -47.78 37.35 -29.88
C LEU C 317 -48.74 36.80 -30.92
N GLU C 318 -48.30 36.82 -32.18
CA GLU C 318 -49.01 36.16 -33.30
C GLU C 318 -48.60 34.69 -33.29
N ILE C 319 -49.41 33.82 -33.85
CA ILE C 319 -49.11 32.35 -33.86
C ILE C 319 -49.55 31.74 -35.19
N LEU C 320 -48.59 31.36 -36.01
CA LEU C 320 -48.82 30.38 -37.10
C LEU C 320 -48.68 28.99 -36.48
N PRO C 321 -49.74 28.14 -36.46
CA PRO C 321 -49.65 26.81 -35.85
C PRO C 321 -49.00 25.78 -36.79
N ALA C 322 -48.95 24.49 -36.43
CA ALA C 322 -48.23 23.45 -37.19
C ALA C 322 -49.04 22.94 -38.41
N GLY C 323 -48.42 22.96 -39.59
CA GLY C 323 -48.82 22.32 -40.86
C GLY C 323 -50.18 22.71 -41.43
N LYS C 324 -50.49 24.00 -41.65
CA LYS C 324 -51.70 24.41 -42.44
C LYS C 324 -51.47 25.78 -43.10
N GLY C 325 -52.06 25.99 -44.29
CA GLY C 325 -52.14 27.32 -44.94
C GLY C 325 -52.29 28.40 -43.89
N THR C 326 -51.47 29.45 -43.94
CA THR C 326 -51.11 30.30 -42.76
C THR C 326 -52.25 31.23 -42.32
N LYS C 327 -53.21 30.71 -41.58
CA LYS C 327 -54.20 31.56 -40.86
C LYS C 327 -53.61 31.85 -39.48
N THR C 328 -53.25 33.10 -39.18
CA THR C 328 -52.49 33.41 -37.93
C THR C 328 -53.42 33.98 -36.84
N ARG C 329 -53.30 33.35 -35.67
CA ARG C 329 -53.93 33.65 -34.35
C ARG C 329 -53.13 34.74 -33.67
N THR C 330 -53.76 35.63 -32.92
CA THR C 330 -53.01 36.56 -32.02
C THR C 330 -53.41 36.25 -30.60
N VAL C 331 -52.44 36.06 -29.72
CA VAL C 331 -52.65 35.73 -28.28
C VAL C 331 -52.06 36.87 -27.47
N THR C 332 -52.76 37.30 -26.42
CA THR C 332 -52.27 38.34 -25.48
C THR C 332 -52.06 37.67 -24.12
N LEU C 333 -50.82 37.68 -23.63
CA LEU C 333 -50.46 37.05 -22.33
C LEU C 333 -49.65 38.07 -21.53
N THR C 334 -49.87 38.11 -20.21
CA THR C 334 -49.07 38.93 -19.26
C THR C 334 -47.87 38.08 -18.84
N ARG C 335 -46.84 38.72 -18.28
CA ARG C 335 -45.57 38.06 -17.86
C ARG C 335 -45.53 37.91 -16.33
N GLU C 336 -44.76 36.95 -15.82
CA GLU C 336 -44.59 36.68 -14.36
C GLU C 336 -43.58 35.55 -14.11
N ARG C 337 -43.35 35.22 -12.83
CA ARG C 337 -42.53 34.07 -12.36
C ARG C 337 -43.46 32.88 -12.10
N ILE C 338 -42.93 31.66 -12.10
CA ILE C 338 -43.76 30.44 -11.94
C ILE C 338 -44.29 30.40 -10.49
N ARG C 339 -45.55 30.78 -10.30
CA ARG C 339 -46.26 30.69 -8.99
C ARG C 339 -46.49 29.21 -8.61
N LEU C 340 -46.09 28.81 -7.39
CA LEU C 340 -45.95 27.38 -6.99
C LEU C 340 -47.29 26.64 -7.02
N GLU C 341 -48.39 27.26 -6.56
CA GLU C 341 -49.68 26.53 -6.44
C GLU C 341 -50.28 26.29 -7.83
N ASP C 342 -49.83 26.99 -8.87
CA ASP C 342 -50.25 26.73 -10.29
C ASP C 342 -49.54 25.47 -10.81
N ARG C 343 -48.28 25.29 -10.44
CA ARG C 343 -47.48 24.08 -10.77
C ARG C 343 -47.96 22.88 -9.91
N ALA C 344 -48.69 23.10 -8.81
CA ALA C 344 -49.16 22.04 -7.88
C ALA C 344 -50.23 21.16 -8.50
N VAL C 345 -50.42 19.97 -7.94
CA VAL C 345 -51.49 19.03 -8.36
C VAL C 345 -52.80 19.64 -7.90
N LYS C 346 -53.88 19.43 -8.64
CA LYS C 346 -55.24 19.98 -8.36
C LYS C 346 -56.21 18.80 -8.33
N MET C 347 -57.06 18.72 -7.33
CA MET C 347 -58.00 17.59 -7.18
C MET C 347 -59.46 18.08 -7.29
N SER C 348 -60.36 17.22 -7.72
CA SER C 348 -61.80 17.52 -7.90
C SER C 348 -62.59 16.22 -8.00
N VAL C 349 -63.88 16.29 -7.78
CA VAL C 349 -64.76 15.09 -7.86
C VAL C 349 -65.77 15.35 -8.96
N LYS C 350 -65.83 14.49 -9.98
CA LYS C 350 -66.99 14.42 -10.92
C LYS C 350 -68.02 13.48 -10.29
N THR C 351 -69.31 13.82 -10.34
CA THR C 351 -70.44 12.93 -9.93
C THR C 351 -71.23 12.59 -11.20
N VAL C 352 -71.85 11.40 -11.27
CA VAL C 352 -72.68 10.99 -12.45
C VAL C 352 -73.91 10.23 -11.95
N GLY C 353 -75.04 10.95 -11.90
CA GLY C 353 -76.13 10.67 -10.96
C GLY C 353 -75.53 10.43 -9.59
N LYS C 354 -75.58 9.18 -9.11
CA LYS C 354 -75.04 8.71 -7.80
C LYS C 354 -73.50 8.56 -7.78
N GLU C 355 -72.90 7.85 -8.75
CA GLU C 355 -71.48 7.37 -8.76
C GLU C 355 -70.49 8.55 -8.76
N LYS C 356 -69.27 8.34 -8.23
CA LYS C 356 -68.24 9.41 -8.10
C LYS C 356 -66.89 8.95 -8.68
N VAL C 357 -66.12 9.91 -9.20
CA VAL C 357 -64.78 9.74 -9.83
C VAL C 357 -63.87 10.89 -9.40
N GLY C 358 -62.79 10.57 -8.69
CA GLY C 358 -61.74 11.56 -8.37
C GLY C 358 -60.87 11.87 -9.57
N VAL C 359 -60.36 13.08 -9.68
CA VAL C 359 -59.50 13.52 -10.82
C VAL C 359 -58.32 14.26 -10.21
N LEU C 360 -57.09 13.82 -10.49
CA LEU C 360 -55.85 14.56 -10.17
C LEU C 360 -55.29 15.17 -11.45
N ASP C 361 -55.40 16.50 -11.59
CA ASP C 361 -54.72 17.27 -12.68
C ASP C 361 -53.27 17.43 -12.21
N ILE C 362 -52.34 16.69 -12.83
CA ILE C 362 -50.89 16.80 -12.58
C ILE C 362 -50.30 17.55 -13.76
N PRO C 363 -49.95 18.84 -13.59
CA PRO C 363 -49.31 19.62 -14.64
C PRO C 363 -47.86 19.20 -14.89
N GLY C 364 -47.17 18.76 -13.86
CA GLY C 364 -45.74 18.42 -14.07
C GLY C 364 -45.25 17.57 -12.96
N PHE C 365 -44.06 17.00 -13.13
CA PHE C 365 -43.49 16.12 -12.09
C PHE C 365 -42.46 16.93 -11.31
N TYR C 366 -42.96 17.84 -10.49
CA TYR C 366 -42.15 18.66 -9.56
C TYR C 366 -41.75 17.84 -8.34
N VAL C 367 -40.58 18.16 -7.78
CA VAL C 367 -40.16 17.53 -6.50
C VAL C 367 -41.25 17.82 -5.44
N GLY C 368 -41.88 16.79 -4.89
CA GLY C 368 -42.86 16.91 -3.80
C GLY C 368 -44.24 16.45 -4.24
N LEU C 369 -44.37 16.14 -5.53
CA LEU C 369 -45.66 15.71 -6.14
C LEU C 369 -46.23 14.51 -5.35
N THR C 370 -45.42 13.50 -5.04
CA THR C 370 -45.91 12.19 -4.55
C THR C 370 -46.54 12.41 -3.16
N ASP C 371 -45.99 13.35 -2.40
CA ASP C 371 -46.46 13.73 -1.04
C ASP C 371 -47.83 14.42 -1.16
N ASP C 372 -47.95 15.42 -2.05
CA ASP C 372 -49.24 16.10 -2.36
C ASP C 372 -50.30 15.08 -2.79
N VAL C 373 -49.94 14.16 -3.69
CA VAL C 373 -50.87 13.10 -4.19
C VAL C 373 -51.38 12.28 -3.01
N LYS C 374 -50.50 11.79 -2.14
CA LYS C 374 -50.87 10.96 -0.96
C LYS C 374 -51.94 11.69 -0.13
N VAL C 375 -51.76 13.00 0.10
CA VAL C 375 -52.70 13.85 0.90
C VAL C 375 -54.07 13.78 0.24
N GLN C 376 -54.13 13.98 -1.08
CA GLN C 376 -55.39 14.16 -1.85
C GLN C 376 -56.08 12.81 -2.00
N LEU C 377 -55.30 11.73 -2.09
CA LEU C 377 -55.83 10.34 -2.21
C LEU C 377 -56.61 10.02 -0.93
N GLN C 378 -56.17 10.54 0.23
CA GLN C 378 -56.81 10.26 1.55
C GLN C 378 -58.13 11.08 1.62
N LYS C 379 -58.16 12.27 0.99
CA LYS C 379 -59.42 13.05 0.81
C LYS C 379 -60.35 12.31 -0.16
N LEU C 380 -59.79 11.64 -1.16
CA LEU C 380 -60.60 10.88 -2.13
C LEU C 380 -61.21 9.63 -1.46
N GLU C 381 -60.55 9.05 -0.44
CA GLU C 381 -61.05 7.92 0.39
C GLU C 381 -62.31 8.38 1.16
N LYS C 382 -62.27 9.62 1.68
CA LYS C 382 -63.37 10.23 2.50
C LYS C 382 -64.65 10.37 1.69
N GLN C 383 -64.54 10.76 0.41
CA GLN C 383 -65.69 11.06 -0.48
C GLN C 383 -66.16 9.81 -1.22
N ASN C 384 -65.79 8.61 -0.79
CA ASN C 384 -66.38 7.31 -1.22
C ASN C 384 -66.45 7.18 -2.75
N VAL C 385 -65.40 7.56 -3.49
CA VAL C 385 -65.36 7.48 -4.99
C VAL C 385 -65.18 6.02 -5.39
N SER C 386 -65.66 5.62 -6.58
CA SER C 386 -65.60 4.22 -7.07
C SER C 386 -64.46 4.05 -8.09
N SER C 387 -63.84 5.15 -8.55
CA SER C 387 -62.60 5.14 -9.36
C SER C 387 -61.92 6.52 -9.38
N VAL C 388 -60.66 6.57 -9.86
CA VAL C 388 -59.77 7.78 -9.91
C VAL C 388 -59.13 7.89 -11.30
N ILE C 389 -58.97 9.13 -11.79
CA ILE C 389 -58.29 9.46 -13.06
C ILE C 389 -57.07 10.30 -12.71
N ILE C 390 -55.94 9.95 -13.29
CA ILE C 390 -54.71 10.78 -13.22
C ILE C 390 -54.64 11.46 -14.57
N ASP C 391 -54.75 12.79 -14.62
CA ASP C 391 -54.74 13.53 -15.91
C ASP C 391 -53.34 14.06 -16.14
N LEU C 392 -52.68 13.56 -17.17
CA LEU C 392 -51.32 13.96 -17.56
C LEU C 392 -51.30 14.46 -18.99
N ARG C 393 -52.40 15.05 -19.46
CA ARG C 393 -52.40 15.77 -20.76
C ARG C 393 -51.53 17.02 -20.62
N SER C 394 -50.61 17.10 -21.60
CA SER C 394 -49.67 18.23 -21.81
C SER C 394 -48.79 18.40 -20.56
N ASN C 395 -48.03 17.36 -20.27
CA ASN C 395 -47.13 17.30 -19.10
C ASN C 395 -45.76 16.88 -19.61
N GLY C 396 -44.83 17.82 -19.77
CA GLY C 396 -43.56 17.59 -20.49
C GLY C 396 -42.53 16.80 -19.70
N GLY C 397 -42.99 16.00 -18.73
CA GLY C 397 -42.13 15.35 -17.72
C GLY C 397 -41.68 16.34 -16.64
N GLY C 398 -40.68 15.91 -15.88
CA GLY C 398 -40.11 16.57 -14.68
C GLY C 398 -39.10 15.62 -14.05
N ALA C 399 -39.02 15.59 -12.72
CA ALA C 399 -38.07 14.77 -11.93
C ALA C 399 -38.32 13.27 -12.12
N LEU C 400 -37.40 12.54 -12.74
CA LEU C 400 -37.56 11.07 -12.97
C LEU C 400 -37.87 10.33 -11.66
N THR C 401 -37.40 10.86 -10.54
CA THR C 401 -37.52 10.24 -9.19
C THR C 401 -39.01 10.22 -8.78
N GLU C 402 -39.73 11.28 -9.17
CA GLU C 402 -41.15 11.46 -8.79
C GLU C 402 -42.04 10.57 -9.67
N ALA C 403 -41.63 10.32 -10.90
CA ALA C 403 -42.32 9.38 -11.82
C ALA C 403 -42.39 8.03 -11.12
N VAL C 404 -41.28 7.65 -10.50
CA VAL C 404 -41.10 6.30 -9.89
C VAL C 404 -41.87 6.23 -8.57
N SER C 405 -41.78 7.25 -7.74
CA SER C 405 -42.51 7.19 -6.45
C SER C 405 -43.98 7.18 -6.75
N LEU C 406 -44.42 8.06 -7.67
CA LEU C 406 -45.86 8.23 -7.99
C LEU C 406 -46.37 6.91 -8.55
N SER C 407 -45.63 6.29 -9.48
CA SER C 407 -45.94 4.94 -10.03
C SER C 407 -46.17 4.02 -8.85
N GLY C 408 -45.27 4.07 -7.87
CA GLY C 408 -45.23 3.12 -6.74
C GLY C 408 -46.41 3.24 -5.80
N LEU C 409 -47.20 4.32 -5.90
CA LEU C 409 -48.35 4.52 -4.97
C LEU C 409 -49.44 3.53 -5.32
N PHE C 410 -49.39 2.91 -6.50
CA PHE C 410 -50.55 2.14 -7.04
C PHE C 410 -50.16 0.69 -7.18
N ILE C 411 -48.87 0.37 -7.07
CA ILE C 411 -48.34 -1.03 -7.04
C ILE C 411 -47.74 -1.32 -5.66
N PRO C 412 -47.77 -2.58 -5.16
CA PRO C 412 -47.02 -2.92 -3.94
C PRO C 412 -45.53 -2.52 -4.09
N ALA C 413 -44.79 -3.16 -5.02
CA ALA C 413 -43.36 -2.88 -5.23
C ALA C 413 -42.87 -3.58 -6.47
N GLY C 414 -41.85 -3.02 -7.09
CA GLY C 414 -41.37 -3.52 -8.38
C GLY C 414 -40.50 -2.50 -9.07
N PRO C 415 -39.92 -2.84 -10.24
CA PRO C 415 -39.22 -1.87 -11.10
C PRO C 415 -40.24 -1.00 -11.86
N ILE C 416 -39.89 0.24 -12.12
CA ILE C 416 -40.79 1.21 -12.79
C ILE C 416 -40.21 1.52 -14.15
N VAL C 417 -38.91 1.75 -14.25
CA VAL C 417 -38.24 2.14 -15.55
C VAL C 417 -36.82 1.60 -15.56
N GLN C 418 -36.34 1.17 -16.71
CA GLN C 418 -34.94 0.74 -16.90
C GLN C 418 -34.28 1.89 -17.64
N VAL C 419 -33.07 2.27 -17.26
CA VAL C 419 -32.34 3.37 -17.94
C VAL C 419 -31.07 2.74 -18.48
N ARG C 420 -30.79 2.91 -19.78
CA ARG C 420 -29.51 2.59 -20.46
C ARG C 420 -28.69 3.86 -20.76
N ASP C 421 -27.37 3.79 -20.63
CA ASP C 421 -26.43 4.96 -20.75
C ASP C 421 -25.67 4.79 -22.07
N ASN C 422 -24.70 5.66 -22.38
CA ASN C 422 -23.90 5.65 -23.64
C ASN C 422 -22.92 4.47 -23.70
N ASN C 423 -22.53 3.94 -22.53
CA ASN C 423 -21.44 2.93 -22.34
C ASN C 423 -22.01 1.52 -22.14
N GLY C 424 -23.34 1.36 -22.16
CA GLY C 424 -24.05 0.06 -22.16
C GLY C 424 -24.70 -0.26 -20.81
N LYS C 425 -24.38 0.49 -19.74
CA LYS C 425 -24.87 0.17 -18.37
C LYS C 425 -26.41 0.35 -18.33
N VAL C 426 -27.15 -0.67 -17.90
CA VAL C 426 -28.61 -0.62 -17.61
C VAL C 426 -28.86 -0.57 -16.09
N ARG C 427 -29.68 0.37 -15.65
CA ARG C 427 -30.02 0.58 -14.22
C ARG C 427 -31.55 0.54 -14.08
N GLU C 428 -32.08 -0.10 -13.04
CA GLU C 428 -33.54 -0.12 -12.72
C GLU C 428 -33.82 0.86 -11.59
N ASP C 429 -34.82 1.73 -11.76
CA ASP C 429 -35.34 2.60 -10.66
C ASP C 429 -36.61 1.93 -10.11
N SER C 430 -36.72 1.78 -8.79
CA SER C 430 -37.80 0.92 -8.22
C SER C 430 -38.54 1.64 -7.08
N ASP C 431 -39.73 1.10 -6.86
CA ASP C 431 -40.58 1.34 -5.67
C ASP C 431 -40.46 0.06 -4.84
N THR C 432 -40.07 0.23 -3.57
CA THR C 432 -39.57 -0.88 -2.71
C THR C 432 -40.41 -1.06 -1.44
N ASP C 433 -41.12 -0.01 -0.96
CA ASP C 433 -42.19 -0.20 0.06
C ASP C 433 -43.22 -1.10 -0.60
N GLY C 434 -43.66 -2.17 0.06
CA GLY C 434 -44.64 -3.11 -0.51
C GLY C 434 -46.05 -2.62 -0.25
N GLN C 435 -46.27 -1.30 -0.29
CA GLN C 435 -47.50 -0.55 0.09
C GLN C 435 -48.32 -0.11 -1.15
N VAL C 436 -49.65 -0.11 -1.03
CA VAL C 436 -50.57 0.47 -2.06
C VAL C 436 -51.46 1.50 -1.38
N PHE C 437 -51.37 2.78 -1.78
CA PHE C 437 -52.08 3.92 -1.14
C PHE C 437 -53.42 4.23 -1.81
N TYR C 438 -53.79 3.45 -2.83
CA TYR C 438 -55.12 3.59 -3.48
C TYR C 438 -55.69 2.21 -3.81
N LYS C 439 -55.17 1.42 -4.76
CA LYS C 439 -55.60 0.00 -5.01
C LYS C 439 -56.96 -0.21 -5.68
N GLY C 440 -57.82 0.83 -5.77
CA GLY C 440 -59.12 0.83 -6.47
C GLY C 440 -58.92 1.13 -7.96
N PRO C 441 -60.00 1.19 -8.76
CA PRO C 441 -59.87 1.33 -10.22
C PRO C 441 -59.22 2.66 -10.63
N LEU C 442 -58.30 2.57 -11.57
CA LEU C 442 -57.44 3.71 -11.93
C LEU C 442 -57.41 3.90 -13.45
N VAL C 443 -57.60 5.15 -13.87
CA VAL C 443 -57.47 5.54 -15.29
C VAL C 443 -56.34 6.56 -15.36
N VAL C 444 -55.50 6.46 -16.38
CA VAL C 444 -54.53 7.52 -16.70
C VAL C 444 -54.88 8.15 -18.04
N LEU C 445 -55.12 9.48 -18.04
CA LEU C 445 -55.55 10.28 -19.23
C LEU C 445 -54.30 10.95 -19.79
N VAL C 446 -53.96 10.76 -21.06
CA VAL C 446 -52.70 11.25 -21.67
C VAL C 446 -53.04 11.77 -23.05
N ASP C 447 -52.18 12.58 -23.65
CA ASP C 447 -52.34 13.10 -25.03
C ASP C 447 -50.95 13.15 -25.65
N ARG C 448 -50.83 13.74 -26.84
CA ARG C 448 -49.60 13.78 -27.68
C ARG C 448 -48.51 14.63 -27.01
N PHE C 449 -48.86 15.43 -26.01
CA PHE C 449 -47.93 16.36 -25.31
C PHE C 449 -47.53 15.78 -23.93
N SER C 450 -47.95 14.57 -23.57
CA SER C 450 -47.44 13.83 -22.38
C SER C 450 -46.03 13.33 -22.71
N ALA C 451 -44.99 13.77 -22.00
CA ALA C 451 -43.58 13.42 -22.34
C ALA C 451 -42.91 12.67 -21.16
N ILE C 452 -41.67 12.21 -21.38
CA ILE C 452 -40.70 11.51 -20.47
C ILE C 452 -41.38 10.95 -19.19
N ALA C 453 -41.49 11.70 -18.08
CA ALA C 453 -41.97 11.22 -16.75
C ALA C 453 -43.41 10.65 -16.84
N SER C 454 -44.27 11.32 -17.62
CA SER C 454 -45.71 11.00 -17.80
C SER C 454 -45.82 9.65 -18.50
N GLU C 455 -45.01 9.48 -19.54
CA GLU C 455 -44.88 8.23 -20.31
C GLU C 455 -44.46 7.12 -19.34
N ILE C 456 -43.50 7.39 -18.43
CA ILE C 456 -42.91 6.33 -17.59
C ILE C 456 -43.99 5.82 -16.64
N PHE C 457 -44.64 6.76 -15.97
CA PHE C 457 -45.80 6.48 -15.09
C PHE C 457 -46.87 5.68 -15.82
N ALA C 458 -47.33 6.13 -17.00
CA ALA C 458 -48.45 5.51 -17.79
C ALA C 458 -48.01 4.14 -18.29
N ALA C 459 -46.84 4.02 -18.91
CA ALA C 459 -46.21 2.74 -19.33
C ALA C 459 -46.17 1.76 -18.16
N ALA C 460 -45.71 2.18 -16.97
CA ALA C 460 -45.67 1.29 -15.78
C ALA C 460 -47.10 0.90 -15.38
N MET C 461 -48.04 1.83 -15.27
CA MET C 461 -49.44 1.48 -14.90
C MET C 461 -50.07 0.47 -15.91
N GLN C 462 -49.74 0.54 -17.20
CA GLN C 462 -50.25 -0.40 -18.25
C GLN C 462 -49.62 -1.81 -18.08
N ASP C 463 -48.28 -1.85 -17.97
CA ASP C 463 -47.45 -3.07 -17.96
C ASP C 463 -47.72 -3.92 -16.73
N TYR C 464 -47.99 -3.27 -15.59
CA TYR C 464 -48.38 -3.90 -14.29
C TYR C 464 -49.86 -4.34 -14.31
N GLY C 465 -50.62 -3.93 -15.30
CA GLY C 465 -52.03 -4.32 -15.41
C GLY C 465 -52.84 -3.63 -14.33
N ARG C 466 -52.30 -2.50 -13.86
CA ARG C 466 -52.86 -1.70 -12.77
C ARG C 466 -53.92 -0.71 -13.28
N ALA C 467 -53.74 -0.15 -14.49
CA ALA C 467 -54.63 0.97 -14.93
C ALA C 467 -54.92 0.92 -16.41
N LEU C 468 -56.11 1.40 -16.74
CA LEU C 468 -56.53 1.65 -18.13
C LEU C 468 -55.88 2.94 -18.55
N VAL C 469 -55.29 2.99 -19.73
CA VAL C 469 -54.70 4.22 -20.31
C VAL C 469 -55.62 4.70 -21.42
N VAL C 470 -56.09 5.95 -21.33
CA VAL C 470 -57.08 6.58 -22.26
C VAL C 470 -56.42 7.83 -22.85
N GLY C 471 -56.77 8.15 -24.11
CA GLY C 471 -56.47 9.43 -24.77
C GLY C 471 -55.75 9.24 -26.09
N GLU C 472 -54.62 9.91 -26.28
CA GLU C 472 -53.83 9.78 -27.54
C GLU C 472 -52.48 9.15 -27.28
N PRO C 473 -51.86 8.50 -28.28
CA PRO C 473 -50.44 8.18 -28.22
C PRO C 473 -49.58 9.37 -27.78
N THR C 474 -48.61 9.08 -26.92
CA THR C 474 -47.79 10.08 -26.18
C THR C 474 -46.66 10.53 -27.12
N PHE C 475 -45.93 11.57 -26.68
CA PHE C 475 -44.85 12.30 -27.38
C PHE C 475 -43.79 11.35 -27.95
N GLY C 476 -43.21 10.49 -27.11
CA GLY C 476 -42.21 9.48 -27.52
C GLY C 476 -40.77 9.97 -27.37
N LYS C 477 -40.51 11.02 -26.61
CA LYS C 477 -39.13 11.46 -26.28
C LYS C 477 -38.61 10.53 -25.18
N GLY C 478 -38.07 9.38 -25.55
CA GLY C 478 -37.51 8.40 -24.58
C GLY C 478 -35.99 8.52 -24.39
N THR C 479 -35.42 9.71 -24.46
CA THR C 479 -33.98 9.94 -24.25
C THR C 479 -33.81 11.20 -23.44
N VAL C 480 -32.65 11.28 -22.81
CA VAL C 480 -32.27 12.42 -21.93
C VAL C 480 -30.96 12.95 -22.49
N GLN C 481 -30.74 14.26 -22.35
CA GLN C 481 -29.52 14.94 -22.87
C GLN C 481 -28.82 15.62 -21.68
N GLN C 482 -27.50 15.83 -21.73
CA GLN C 482 -26.85 16.83 -20.81
C GLN C 482 -25.97 17.79 -21.61
N TYR C 483 -25.66 18.92 -20.99
CA TYR C 483 -24.71 19.97 -21.43
C TYR C 483 -23.30 19.64 -20.94
N ARG C 484 -22.28 19.89 -21.77
CA ARG C 484 -20.85 19.81 -21.35
C ARG C 484 -20.10 21.06 -21.83
N SER C 485 -19.38 21.74 -20.95
CA SER C 485 -18.55 22.90 -21.37
C SER C 485 -17.39 22.44 -22.28
N LEU C 486 -17.04 23.24 -23.28
CA LEU C 486 -15.85 23.04 -24.15
C LEU C 486 -14.67 23.82 -23.54
N ASN C 487 -14.91 24.54 -22.45
CA ASN C 487 -13.80 25.17 -21.70
C ASN C 487 -12.92 24.08 -21.06
N ARG C 488 -11.61 24.34 -21.04
CA ARG C 488 -10.61 23.50 -20.34
C ARG C 488 -9.84 24.41 -19.37
N ILE C 489 -9.43 23.86 -18.22
CA ILE C 489 -8.77 24.58 -17.09
C ILE C 489 -7.49 25.28 -17.54
N TYR C 490 -6.95 25.03 -18.73
CA TYR C 490 -5.64 25.59 -19.16
C TYR C 490 -5.80 26.58 -20.30
N ASP C 491 -7.03 26.74 -20.81
CA ASP C 491 -7.46 27.85 -21.72
C ASP C 491 -7.28 29.11 -20.86
N GLN C 492 -6.66 30.16 -21.34
CA GLN C 492 -6.52 31.40 -20.52
C GLN C 492 -5.28 31.32 -19.62
N MET C 493 -4.56 30.22 -19.53
CA MET C 493 -3.13 30.33 -19.18
C MET C 493 -2.40 30.30 -20.54
N LEU C 494 -2.93 29.59 -21.54
CA LEU C 494 -2.18 29.34 -22.80
C LEU C 494 -2.72 30.24 -23.91
N ARG C 495 -3.97 30.73 -23.76
CA ARG C 495 -4.60 31.55 -24.83
C ARG C 495 -5.55 32.56 -24.21
N PRO C 496 -5.07 33.63 -23.54
CA PRO C 496 -5.97 34.64 -22.97
C PRO C 496 -6.77 35.46 -24.03
N GLU C 497 -6.23 35.71 -25.23
CA GLU C 497 -6.96 36.32 -26.40
C GLU C 497 -8.39 35.75 -26.44
N TRP C 498 -8.51 34.42 -26.30
CA TRP C 498 -9.78 33.64 -26.31
C TRP C 498 -10.76 34.14 -25.24
N PRO C 499 -12.06 34.22 -25.59
CA PRO C 499 -13.11 34.40 -24.59
C PRO C 499 -13.58 33.03 -24.07
N ALA C 500 -14.63 33.03 -23.24
CA ALA C 500 -15.34 31.80 -22.85
C ALA C 500 -15.82 31.14 -24.15
N LEU C 501 -15.87 29.82 -24.21
CA LEU C 501 -16.33 29.02 -25.37
C LEU C 501 -17.70 28.42 -25.03
N GLY C 502 -18.17 27.56 -25.91
CA GLY C 502 -19.57 27.12 -25.87
C GLY C 502 -19.80 25.92 -24.99
N SER C 503 -20.82 25.17 -25.37
CA SER C 503 -21.20 23.90 -24.77
C SER C 503 -21.59 23.01 -25.92
N VAL C 504 -21.64 21.71 -25.67
CA VAL C 504 -22.44 20.77 -26.48
C VAL C 504 -23.60 20.29 -25.60
N GLN C 505 -24.60 19.70 -26.25
CA GLN C 505 -25.80 19.12 -25.63
C GLN C 505 -25.95 17.81 -26.38
N TYR C 506 -25.86 16.66 -25.71
CA TYR C 506 -25.90 15.37 -26.42
C TYR C 506 -26.61 14.33 -25.54
N THR C 507 -27.13 13.32 -26.22
CA THR C 507 -27.97 12.26 -25.64
C THR C 507 -27.06 11.25 -24.95
N ILE C 508 -27.30 11.01 -23.65
CA ILE C 508 -26.51 10.11 -22.74
C ILE C 508 -27.30 8.88 -22.30
N GLN C 509 -28.63 8.88 -22.39
CA GLN C 509 -29.50 7.90 -21.71
C GLN C 509 -30.75 7.62 -22.55
N LYS C 510 -31.29 6.42 -22.48
CA LYS C 510 -32.52 6.01 -23.19
C LYS C 510 -33.40 5.20 -22.22
N PHE C 511 -34.64 5.66 -21.99
CA PHE C 511 -35.63 4.97 -21.13
C PHE C 511 -36.21 3.73 -21.84
N TYR C 512 -36.41 2.66 -21.08
CA TYR C 512 -37.09 1.41 -21.50
C TYR C 512 -38.11 1.05 -20.42
N ARG C 513 -39.18 0.40 -20.85
CA ARG C 513 -40.22 -0.04 -19.90
C ARG C 513 -39.73 -1.29 -19.19
N VAL C 514 -40.47 -1.71 -18.15
CA VAL C 514 -40.23 -3.01 -17.46
C VAL C 514 -40.58 -4.16 -18.40
N ASN C 515 -41.29 -3.93 -19.52
CA ASN C 515 -41.61 -4.96 -20.56
C ASN C 515 -40.40 -5.12 -21.54
N GLY C 516 -39.40 -4.24 -21.42
CA GLY C 516 -38.24 -4.22 -22.33
C GLY C 516 -38.47 -3.37 -23.58
N GLY C 517 -39.66 -2.79 -23.79
CA GLY C 517 -39.87 -1.82 -24.88
C GLY C 517 -39.37 -0.42 -24.50
N SER C 518 -38.75 0.27 -25.45
CA SER C 518 -38.41 1.70 -25.26
C SER C 518 -39.68 2.55 -25.46
N THR C 519 -39.68 3.71 -24.83
CA THR C 519 -40.70 4.76 -25.02
C THR C 519 -40.28 5.58 -26.25
N GLN C 520 -39.05 5.46 -26.75
CA GLN C 520 -38.62 6.21 -27.95
C GLN C 520 -39.64 5.97 -29.06
N ARG C 521 -40.16 7.09 -29.60
CA ARG C 521 -40.88 7.14 -30.90
C ARG C 521 -42.29 6.53 -30.94
N LYS C 522 -42.71 5.80 -29.94
CA LYS C 522 -43.96 5.03 -29.86
C LYS C 522 -44.70 5.60 -28.65
N GLY C 523 -43.92 5.89 -27.60
CA GLY C 523 -44.42 6.19 -26.25
C GLY C 523 -45.48 5.18 -25.91
N VAL C 524 -46.48 5.61 -25.17
CA VAL C 524 -47.58 4.73 -24.66
C VAL C 524 -48.77 4.83 -25.60
N THR C 525 -49.19 3.69 -26.12
CA THR C 525 -50.46 3.50 -26.85
C THR C 525 -51.60 3.32 -25.86
N PRO C 526 -52.58 4.23 -25.76
CA PRO C 526 -53.67 4.03 -24.81
C PRO C 526 -54.54 2.81 -25.17
N ASP C 527 -55.13 2.20 -24.15
CA ASP C 527 -56.05 1.03 -24.19
C ASP C 527 -57.36 1.45 -24.91
N ILE C 528 -57.82 2.67 -24.72
CA ILE C 528 -58.91 3.31 -25.49
C ILE C 528 -58.37 4.61 -26.08
N ILE C 529 -58.21 4.64 -27.39
CA ILE C 529 -57.68 5.79 -28.15
C ILE C 529 -58.88 6.67 -28.50
N MET C 530 -58.89 7.89 -27.94
CA MET C 530 -59.83 8.99 -28.21
C MET C 530 -59.52 9.55 -29.60
N PRO C 531 -60.53 9.95 -30.41
CA PRO C 531 -60.41 9.88 -31.86
C PRO C 531 -59.23 10.64 -32.49
N THR C 532 -58.77 11.74 -31.88
CA THR C 532 -57.64 12.55 -32.44
C THR C 532 -56.33 11.73 -32.43
N GLY C 533 -56.27 10.57 -31.76
CA GLY C 533 -55.03 9.84 -31.48
C GLY C 533 -54.65 8.84 -32.55
N ASN C 534 -55.62 8.09 -33.09
CA ASN C 534 -55.31 7.08 -34.13
C ASN C 534 -54.71 7.81 -35.35
N GLU C 535 -55.31 8.93 -35.73
CA GLU C 535 -54.92 9.70 -36.95
C GLU C 535 -53.45 10.12 -36.80
N GLU C 536 -52.68 10.01 -37.88
CA GLU C 536 -51.27 10.43 -37.88
C GLU C 536 -51.21 11.89 -37.41
N THR C 537 -50.32 12.21 -36.47
CA THR C 537 -50.22 13.54 -35.81
C THR C 537 -49.15 14.37 -36.55
N GLU C 538 -49.13 15.70 -36.34
CA GLU C 538 -48.04 16.62 -36.77
C GLU C 538 -46.91 16.54 -35.74
N THR C 539 -47.22 16.63 -34.45
CA THR C 539 -46.23 16.65 -33.34
C THR C 539 -46.01 15.26 -32.72
N GLY C 540 -44.83 15.09 -32.12
CA GLY C 540 -44.32 13.82 -31.60
C GLY C 540 -42.90 13.55 -32.07
N GLU C 541 -42.09 12.91 -31.22
CA GLU C 541 -40.71 12.47 -31.51
C GLU C 541 -40.70 11.67 -32.83
N LYS C 542 -41.71 10.86 -33.15
CA LYS C 542 -41.62 9.99 -34.36
C LYS C 542 -41.58 10.82 -35.65
N PHE C 543 -41.89 12.12 -35.62
CA PHE C 543 -41.84 13.03 -36.82
C PHE C 543 -40.64 14.00 -36.76
N GLU C 544 -39.77 13.88 -35.77
CA GLU C 544 -38.57 14.75 -35.64
C GLU C 544 -37.49 14.18 -36.57
N ASP C 545 -36.61 15.04 -37.05
CA ASP C 545 -35.63 14.69 -38.13
C ASP C 545 -34.49 13.87 -37.52
N ASN C 546 -34.37 12.60 -37.95
CA ASN C 546 -33.25 11.67 -37.59
C ASN C 546 -33.38 11.27 -36.12
N ALA C 547 -34.61 11.09 -35.65
CA ALA C 547 -34.91 10.67 -34.28
C ALA C 547 -34.29 9.27 -34.12
N LEU C 548 -33.70 8.96 -32.95
CA LEU C 548 -33.19 7.60 -32.75
C LEU C 548 -34.32 6.59 -32.89
N PRO C 549 -34.02 5.37 -33.37
CA PRO C 549 -35.03 4.33 -33.59
C PRO C 549 -35.66 3.86 -32.27
N TRP C 550 -36.71 3.07 -32.40
CA TRP C 550 -37.26 2.31 -31.25
C TRP C 550 -36.53 0.97 -31.23
N ASP C 551 -36.24 0.47 -30.03
CA ASP C 551 -35.58 -0.84 -29.86
C ASP C 551 -36.07 -1.38 -28.52
N SER C 552 -35.81 -2.67 -28.29
CA SER C 552 -36.20 -3.49 -27.10
C SER C 552 -34.96 -3.74 -26.21
N ILE C 553 -35.15 -4.19 -24.97
CA ILE C 553 -34.14 -4.98 -24.19
C ILE C 553 -34.86 -6.12 -23.44
N ASP C 554 -34.11 -6.92 -22.70
CA ASP C 554 -34.66 -7.94 -21.77
C ASP C 554 -35.60 -7.22 -20.78
N ALA C 555 -36.80 -7.80 -20.62
CA ALA C 555 -37.77 -7.43 -19.57
C ALA C 555 -37.10 -7.51 -18.21
N ALA C 556 -37.49 -6.63 -17.29
CA ALA C 556 -37.23 -6.75 -15.84
C ALA C 556 -38.10 -7.86 -15.25
N THR C 557 -37.83 -8.24 -14.00
CA THR C 557 -38.70 -9.20 -13.25
C THR C 557 -39.57 -8.32 -12.35
N TYR C 558 -40.89 -8.52 -12.48
CA TYR C 558 -41.93 -7.74 -11.76
C TYR C 558 -43.16 -8.63 -11.59
N VAL C 559 -43.96 -8.44 -10.55
CA VAL C 559 -45.29 -9.14 -10.43
C VAL C 559 -46.42 -8.18 -10.81
N LYS C 560 -47.08 -8.43 -11.95
CA LYS C 560 -48.28 -7.70 -12.44
C LYS C 560 -49.33 -7.62 -11.35
N SER C 561 -49.86 -6.45 -11.06
CA SER C 561 -50.83 -6.29 -9.93
C SER C 561 -52.23 -6.71 -10.38
N GLY C 562 -52.47 -6.94 -11.67
CA GLY C 562 -53.81 -7.24 -12.21
C GLY C 562 -53.80 -7.42 -13.73
N ASP C 563 -54.98 -7.50 -14.34
CA ASP C 563 -55.12 -7.68 -15.81
C ASP C 563 -56.46 -7.15 -16.28
N LEU C 564 -56.48 -6.12 -17.12
CA LEU C 564 -57.73 -5.44 -17.55
C LEU C 564 -57.97 -5.67 -19.05
N THR C 565 -57.28 -6.62 -19.68
CA THR C 565 -57.52 -7.05 -21.09
C THR C 565 -58.89 -7.72 -21.20
N ALA C 566 -59.35 -8.42 -20.15
CA ALA C 566 -60.72 -8.98 -20.03
C ALA C 566 -61.75 -7.89 -20.38
N PHE C 567 -61.70 -6.74 -19.70
CA PHE C 567 -62.73 -5.67 -19.76
C PHE C 567 -62.69 -4.85 -21.06
N GLU C 568 -61.60 -4.89 -21.83
CA GLU C 568 -61.35 -3.91 -22.92
C GLU C 568 -62.51 -3.86 -23.92
N PRO C 569 -62.97 -4.97 -24.53
CA PRO C 569 -64.04 -4.88 -25.54
C PRO C 569 -65.35 -4.24 -25.04
N GLU C 570 -65.84 -4.54 -23.83
CA GLU C 570 -67.12 -3.97 -23.30
C GLU C 570 -66.94 -2.46 -23.05
N LEU C 571 -65.78 -2.05 -22.54
CA LEU C 571 -65.41 -0.64 -22.23
C LEU C 571 -65.37 0.11 -23.54
N LEU C 572 -64.69 -0.46 -24.54
CA LEU C 572 -64.53 0.15 -25.89
C LEU C 572 -65.90 0.27 -26.61
N LYS C 573 -66.84 -0.66 -26.43
CA LYS C 573 -68.13 -0.63 -27.17
C LYS C 573 -69.06 0.40 -26.51
N GLU C 574 -69.13 0.47 -25.18
CA GLU C 574 -69.92 1.51 -24.45
C GLU C 574 -69.37 2.93 -24.76
N HIS C 575 -68.07 3.06 -25.00
CA HIS C 575 -67.35 4.32 -25.37
C HIS C 575 -67.84 4.75 -26.76
N ASN C 576 -67.81 3.86 -27.75
CA ASN C 576 -68.19 4.19 -29.14
C ASN C 576 -69.71 4.55 -29.23
N ALA C 577 -70.51 3.95 -28.35
CA ALA C 577 -71.98 4.17 -28.25
C ALA C 577 -72.26 5.62 -27.80
N ARG C 578 -71.54 6.10 -26.79
CA ARG C 578 -71.69 7.48 -26.21
C ARG C 578 -71.15 8.54 -27.17
N ILE C 579 -69.94 8.38 -27.71
CA ILE C 579 -69.30 9.39 -28.61
C ILE C 579 -69.99 9.41 -29.99
N ALA C 580 -70.89 8.48 -30.31
CA ALA C 580 -71.71 8.52 -31.55
C ALA C 580 -72.81 9.59 -31.42
N LYS C 581 -73.34 9.76 -30.18
CA LYS C 581 -74.49 10.63 -29.78
C LYS C 581 -74.01 12.01 -29.26
N ASP C 582 -72.73 12.32 -29.44
CA ASP C 582 -72.11 13.45 -28.71
C ASP C 582 -71.68 14.48 -29.76
N PRO C 583 -72.25 15.70 -29.69
CA PRO C 583 -71.93 16.71 -30.70
C PRO C 583 -70.47 17.18 -30.61
N GLU C 584 -69.85 17.17 -29.42
CA GLU C 584 -68.42 17.57 -29.33
C GLU C 584 -67.57 16.58 -30.14
N PHE C 585 -67.76 15.29 -29.87
CA PHE C 585 -66.97 14.20 -30.47
C PHE C 585 -67.37 14.07 -31.93
N GLN C 586 -68.65 14.30 -32.24
CA GLN C 586 -69.16 14.24 -33.65
C GLN C 586 -68.43 15.30 -34.46
N ASN C 587 -68.36 16.53 -33.94
CA ASN C 587 -67.68 17.67 -34.60
C ASN C 587 -66.21 17.32 -34.83
N ILE C 588 -65.55 16.72 -33.82
CA ILE C 588 -64.07 16.53 -33.85
C ILE C 588 -63.72 15.38 -34.83
N MET C 589 -64.62 14.41 -34.99
CA MET C 589 -64.49 13.33 -36.00
C MET C 589 -64.77 13.83 -37.43
N LYS C 590 -65.66 14.81 -37.66
CA LYS C 590 -65.88 15.37 -39.02
C LYS C 590 -64.65 16.19 -39.46
N ASP C 591 -63.86 16.76 -38.56
CA ASP C 591 -62.63 17.52 -38.92
C ASP C 591 -61.49 16.55 -39.23
N ILE C 592 -61.57 15.33 -38.72
CA ILE C 592 -60.61 14.22 -39.02
C ILE C 592 -60.91 13.64 -40.40
N ALA C 593 -62.18 13.42 -40.76
CA ALA C 593 -62.61 13.01 -42.12
C ALA C 593 -62.23 14.10 -43.14
N ARG C 594 -62.25 15.38 -42.73
CA ARG C 594 -61.86 16.60 -43.52
C ARG C 594 -60.33 16.66 -43.65
N PHE C 595 -59.58 16.49 -42.55
CA PHE C 595 -58.11 16.66 -42.53
C PHE C 595 -57.43 15.45 -43.20
N ASN C 596 -58.06 14.26 -43.23
CA ASN C 596 -57.48 13.02 -43.82
C ASN C 596 -57.80 12.97 -45.33
N ALA C 597 -58.97 13.48 -45.76
CA ALA C 597 -59.40 13.49 -47.18
C ALA C 597 -58.51 14.47 -47.99
N MET C 598 -58.12 15.63 -47.42
CA MET C 598 -57.27 16.67 -48.08
C MET C 598 -55.79 16.50 -47.65
N LYS C 599 -55.34 15.25 -47.49
CA LYS C 599 -54.02 14.86 -46.93
C LYS C 599 -52.92 14.77 -48.01
N ASP C 600 -53.17 14.21 -49.21
CA ASP C 600 -52.11 14.04 -50.23
C ASP C 600 -51.61 15.43 -50.66
N LYS C 601 -52.53 16.39 -50.73
CA LYS C 601 -52.28 17.79 -51.16
C LYS C 601 -52.50 18.68 -49.93
N ARG C 602 -51.60 18.64 -48.95
CA ARG C 602 -51.84 19.30 -47.63
C ARG C 602 -50.95 20.55 -47.52
N ASN C 603 -49.71 20.54 -48.04
CA ASN C 603 -48.80 21.73 -47.94
C ASN C 603 -49.03 22.67 -49.15
N ILE C 604 -49.27 22.11 -50.32
CA ILE C 604 -49.70 22.80 -51.57
C ILE C 604 -50.86 23.78 -51.31
N VAL C 605 -50.63 25.09 -51.43
CA VAL C 605 -51.55 26.20 -51.03
C VAL C 605 -51.91 27.03 -52.28
N SER C 606 -53.19 27.32 -52.51
CA SER C 606 -53.66 28.01 -53.74
C SER C 606 -53.25 29.49 -53.76
N LEU C 607 -53.17 30.12 -54.94
CA LEU C 607 -52.71 31.51 -55.13
C LEU C 607 -53.82 32.40 -55.69
N ASN C 608 -55.04 31.85 -55.74
CA ASN C 608 -56.28 32.54 -56.15
C ASN C 608 -56.95 33.22 -54.94
N TYR C 609 -57.09 34.54 -54.94
CA TYR C 609 -57.75 35.31 -53.86
C TYR C 609 -59.19 34.83 -53.63
N ALA C 610 -59.98 34.53 -54.65
CA ALA C 610 -61.40 34.08 -54.47
C ALA C 610 -61.45 32.74 -53.73
N VAL C 611 -60.58 31.78 -54.08
CA VAL C 611 -60.60 30.41 -53.47
C VAL C 611 -60.09 30.55 -52.02
N ARG C 612 -59.13 31.44 -51.73
CA ARG C 612 -58.48 31.55 -50.39
C ARG C 612 -59.40 32.32 -49.43
N GLU C 613 -60.04 33.41 -49.88
CA GLU C 613 -60.99 34.19 -49.01
C GLU C 613 -62.17 33.28 -48.69
N LYS C 614 -62.59 32.42 -49.61
CA LYS C 614 -63.72 31.47 -49.41
C LYS C 614 -63.36 30.51 -48.28
N GLU C 615 -62.18 29.88 -48.39
CA GLU C 615 -61.64 28.90 -47.40
C GLU C 615 -61.51 29.59 -46.03
N ASN C 616 -61.06 30.85 -45.98
CA ASN C 616 -60.99 31.71 -44.76
C ASN C 616 -62.40 31.96 -44.18
N ASN C 617 -63.35 32.41 -45.02
CA ASN C 617 -64.74 32.75 -44.64
C ASN C 617 -65.41 31.52 -44.05
N GLU C 618 -65.24 30.33 -44.67
CA GLU C 618 -65.92 29.05 -44.32
C GLU C 618 -65.36 28.47 -43.01
N ASP C 619 -64.05 28.63 -42.75
CA ASP C 619 -63.42 28.23 -41.46
C ASP C 619 -64.10 29.01 -40.35
N ASP C 620 -64.21 30.33 -40.53
CA ASP C 620 -64.88 31.24 -39.57
C ASP C 620 -66.36 30.87 -39.43
N ALA C 621 -67.06 30.60 -40.52
CA ALA C 621 -68.50 30.25 -40.47
C ALA C 621 -68.64 28.97 -39.66
N THR C 622 -67.74 27.99 -39.87
CA THR C 622 -67.83 26.66 -39.22
C THR C 622 -67.62 26.86 -37.71
N ARG C 623 -66.52 27.51 -37.37
CA ARG C 623 -66.09 27.77 -35.98
C ARG C 623 -67.24 28.48 -35.27
N LEU C 624 -67.83 29.50 -35.89
CA LEU C 624 -68.94 30.26 -35.26
C LEU C 624 -70.15 29.33 -35.08
N ALA C 625 -70.48 28.51 -36.06
CA ALA C 625 -71.65 27.58 -35.96
C ALA C 625 -71.37 26.49 -34.92
N ARG C 626 -70.12 26.05 -34.73
CA ARG C 626 -69.72 25.09 -33.65
C ARG C 626 -69.90 25.76 -32.27
N LEU C 627 -69.45 26.99 -32.11
CA LEU C 627 -69.60 27.76 -30.85
C LEU C 627 -71.09 27.96 -30.54
N ASN C 628 -71.87 28.38 -31.53
CA ASN C 628 -73.33 28.69 -31.39
C ASN C 628 -74.17 27.44 -31.16
N GLU C 629 -73.73 26.27 -31.67
CA GLU C 629 -74.39 24.96 -31.37
C GLU C 629 -74.08 24.65 -29.89
N ARG C 630 -72.85 24.90 -29.45
CA ARG C 630 -72.44 24.71 -28.05
C ARG C 630 -73.29 25.59 -27.16
N PHE C 631 -73.42 26.88 -27.49
CA PHE C 631 -74.10 27.88 -26.62
C PHE C 631 -75.61 27.52 -26.51
N LYS C 632 -76.27 27.15 -27.60
CA LYS C 632 -77.67 26.72 -27.55
C LYS C 632 -77.84 25.53 -26.59
N ARG C 633 -76.88 24.59 -26.49
CA ARG C 633 -77.02 23.45 -25.54
C ARG C 633 -76.98 24.02 -24.10
N GLU C 634 -76.07 24.97 -23.85
CA GLU C 634 -75.72 25.53 -22.51
C GLU C 634 -76.73 26.62 -22.07
N GLY C 635 -77.59 27.10 -22.96
CA GLY C 635 -78.63 28.13 -22.66
C GLY C 635 -78.07 29.54 -22.71
N LYS C 636 -76.99 29.73 -23.48
CA LYS C 636 -76.05 30.88 -23.46
C LYS C 636 -76.41 31.64 -24.71
N PRO C 637 -76.29 32.98 -24.70
CA PRO C 637 -76.85 33.76 -25.79
C PRO C 637 -75.92 33.65 -27.02
N GLU C 638 -76.49 33.71 -28.24
CA GLU C 638 -75.72 33.32 -29.46
C GLU C 638 -74.88 34.46 -29.99
N LEU C 639 -73.74 34.13 -30.62
CA LEU C 639 -72.80 35.12 -31.23
C LEU C 639 -73.13 35.35 -32.69
N LYS C 640 -73.14 36.62 -33.15
CA LYS C 640 -73.46 36.96 -34.56
C LYS C 640 -72.18 37.14 -35.38
N LYS C 641 -71.05 37.48 -34.77
CA LYS C 641 -69.72 37.57 -35.42
C LYS C 641 -68.70 36.85 -34.54
N LEU C 642 -67.77 36.15 -35.16
CA LEU C 642 -66.76 35.34 -34.44
C LEU C 642 -65.83 36.28 -33.66
N ASP C 643 -65.77 37.56 -34.02
CA ASP C 643 -64.87 38.55 -33.37
C ASP C 643 -65.38 38.98 -31.99
N ASP C 644 -66.67 38.78 -31.69
CA ASP C 644 -67.32 39.17 -30.40
C ASP C 644 -67.00 38.14 -29.30
N LEU C 645 -66.35 37.03 -29.62
CA LEU C 645 -66.02 35.99 -28.62
C LEU C 645 -65.01 36.58 -27.64
N PRO C 646 -65.28 36.63 -26.33
CA PRO C 646 -64.29 37.15 -25.37
C PRO C 646 -62.92 36.44 -25.49
N LYS C 647 -61.83 37.19 -25.32
CA LYS C 647 -60.46 36.63 -25.56
C LYS C 647 -60.14 35.55 -24.52
N ASP C 648 -60.78 35.56 -23.36
CA ASP C 648 -60.54 34.54 -22.32
C ASP C 648 -61.59 33.39 -22.36
N TYR C 649 -62.26 33.15 -23.50
CA TYR C 649 -63.26 32.05 -23.62
C TYR C 649 -62.59 30.72 -23.28
N GLN C 650 -63.18 29.90 -22.43
CA GLN C 650 -62.63 28.54 -22.11
C GLN C 650 -63.43 27.46 -22.87
N GLU C 651 -62.72 26.80 -23.81
CA GLU C 651 -63.14 25.59 -24.57
C GLU C 651 -63.56 24.55 -23.55
N PRO C 652 -64.63 23.75 -23.76
CA PRO C 652 -64.96 22.68 -22.81
C PRO C 652 -64.03 21.47 -23.02
N ASP C 653 -64.10 20.50 -22.10
CA ASP C 653 -63.29 19.26 -22.07
C ASP C 653 -64.18 18.02 -22.20
N PRO C 654 -64.59 17.65 -23.42
CA PRO C 654 -65.34 16.41 -23.60
C PRO C 654 -64.42 15.19 -23.39
N TYR C 655 -63.08 15.30 -23.56
CA TYR C 655 -62.12 14.18 -23.30
C TYR C 655 -62.20 13.82 -21.81
N LEU C 656 -62.18 14.80 -20.91
CA LEU C 656 -62.37 14.53 -19.45
C LEU C 656 -63.73 13.91 -19.14
N ASP C 657 -64.82 14.47 -19.68
CA ASP C 657 -66.21 14.06 -19.33
C ASP C 657 -66.41 12.61 -19.76
N GLU C 658 -65.96 12.25 -20.96
CA GLU C 658 -66.00 10.85 -21.47
C GLU C 658 -65.10 9.93 -20.65
N THR C 659 -63.93 10.40 -20.19
CA THR C 659 -62.96 9.60 -19.39
C THR C 659 -63.61 9.29 -18.04
N VAL C 660 -64.43 10.17 -17.50
CA VAL C 660 -65.16 9.90 -16.24
C VAL C 660 -66.12 8.70 -16.41
N ASN C 661 -66.81 8.62 -17.54
CA ASN C 661 -67.76 7.52 -17.83
C ASN C 661 -66.96 6.23 -18.00
N ILE C 662 -65.79 6.31 -18.67
CA ILE C 662 -64.88 5.15 -18.92
C ILE C 662 -64.42 4.63 -17.55
N ALA C 663 -64.11 5.56 -16.66
CA ALA C 663 -63.61 5.23 -15.32
C ALA C 663 -64.73 4.51 -14.57
N LEU C 664 -66.01 4.90 -14.77
CA LEU C 664 -67.19 4.34 -14.02
C LEU C 664 -67.58 2.97 -14.57
N ASP C 665 -67.49 2.80 -15.89
CA ASP C 665 -67.66 1.52 -16.58
C ASP C 665 -66.69 0.50 -15.97
N LEU C 666 -65.47 0.97 -15.62
CA LEU C 666 -64.38 0.09 -15.15
C LEU C 666 -64.68 -0.33 -13.71
N ALA C 667 -65.07 0.60 -12.84
CA ALA C 667 -65.59 0.33 -11.48
C ALA C 667 -66.79 -0.62 -11.52
N LYS C 668 -67.75 -0.42 -12.44
CA LYS C 668 -68.91 -1.32 -12.61
C LYS C 668 -68.41 -2.72 -13.01
N LEU C 669 -67.58 -2.81 -14.05
CA LEU C 669 -67.05 -4.08 -14.61
C LEU C 669 -66.19 -4.80 -13.56
N GLU C 670 -65.38 -4.05 -12.80
CA GLU C 670 -64.40 -4.55 -11.81
C GLU C 670 -65.12 -5.16 -10.58
N LYS C 671 -66.05 -4.41 -9.97
CA LYS C 671 -66.83 -4.81 -8.76
C LYS C 671 -67.68 -6.06 -9.04
N ALA C 672 -67.96 -6.38 -10.32
CA ALA C 672 -68.63 -7.63 -10.75
C ALA C 672 -67.61 -8.78 -10.65
N THR D 27 37.23 0.63 64.04
CA THR D 27 36.10 -0.37 63.98
C THR D 27 36.35 -1.49 64.98
N ARG D 28 35.53 -1.67 66.03
CA ARG D 28 35.76 -2.65 67.14
C ARG D 28 34.59 -3.65 67.28
N ALA D 29 33.35 -3.29 66.90
CA ALA D 29 32.15 -4.14 67.06
C ALA D 29 31.42 -4.30 65.70
N ASP D 30 30.10 -4.47 65.68
CA ASP D 30 29.29 -4.15 64.47
C ASP D 30 29.01 -2.63 64.46
N GLN D 31 30.00 -1.81 64.08
CA GLN D 31 29.87 -0.38 63.69
C GLN D 31 29.95 -0.25 62.16
N ILE D 32 29.70 -1.35 61.44
CA ILE D 32 29.73 -1.50 59.95
C ILE D 32 28.31 -1.28 59.42
N PRO D 33 28.05 -0.36 58.47
CA PRO D 33 26.67 -0.09 58.06
C PRO D 33 25.98 -1.36 57.52
N VAL D 34 24.78 -1.71 57.99
CA VAL D 34 23.95 -2.80 57.41
C VAL D 34 23.46 -2.28 56.05
N LEU D 35 23.90 -2.92 54.96
CA LEU D 35 23.75 -2.43 53.56
C LEU D 35 22.29 -2.71 53.12
N LYS D 36 21.75 -1.77 52.34
CA LYS D 36 20.35 -1.79 51.80
C LYS D 36 20.42 -1.83 50.27
N GLU D 37 19.57 -2.62 49.63
CA GLU D 37 19.28 -2.51 48.16
C GLU D 37 18.83 -1.07 47.81
N GLU D 38 19.46 -0.41 46.84
CA GLU D 38 18.91 0.86 46.26
C GLU D 38 17.62 0.53 45.44
N THR D 39 16.80 1.53 45.14
CA THR D 39 15.39 1.34 44.67
C THR D 39 15.40 0.78 43.25
N GLN D 40 16.28 1.32 42.40
CA GLN D 40 16.71 0.86 41.05
C GLN D 40 17.01 -0.65 40.98
N HIS D 41 17.71 -1.25 41.95
CA HIS D 41 18.18 -2.66 41.87
C HIS D 41 17.01 -3.62 41.63
N ALA D 42 15.81 -3.30 42.11
CA ALA D 42 14.56 -4.07 41.89
C ALA D 42 14.45 -4.35 40.38
N THR D 43 14.35 -3.27 39.62
CA THR D 43 14.17 -3.27 38.16
C THR D 43 15.32 -4.05 37.52
N VAL D 44 16.57 -3.65 37.82
CA VAL D 44 17.79 -4.19 37.19
C VAL D 44 17.82 -5.72 37.32
N SER D 45 17.44 -6.30 38.44
CA SER D 45 17.43 -7.77 38.55
C SER D 45 16.50 -8.37 37.49
N GLU D 46 15.33 -7.74 37.25
CA GLU D 46 14.26 -8.26 36.34
C GLU D 46 14.82 -8.22 34.91
N ARG D 47 15.38 -7.06 34.59
CA ARG D 47 16.07 -6.70 33.31
C ARG D 47 17.19 -7.71 32.96
N VAL D 48 18.00 -8.14 33.91
CA VAL D 48 19.09 -9.11 33.60
C VAL D 48 18.50 -10.53 33.47
N THR D 49 17.40 -10.82 34.13
CA THR D 49 16.78 -12.16 34.07
C THR D 49 16.13 -12.31 32.70
N SER D 50 15.64 -11.20 32.12
CA SER D 50 15.04 -11.20 30.75
C SER D 50 16.12 -11.55 29.75
N ARG D 51 17.23 -10.83 29.79
CA ARG D 51 18.31 -11.02 28.81
C ARG D 51 18.95 -12.41 28.93
N PHE D 52 19.26 -12.93 30.14
CA PHE D 52 19.96 -14.23 30.23
C PHE D 52 18.99 -15.33 29.89
N THR D 53 17.75 -15.26 30.37
CA THR D 53 16.79 -16.38 30.21
C THR D 53 16.29 -16.45 28.78
N ARG D 54 16.25 -15.32 28.07
CA ARG D 54 15.78 -15.28 26.66
C ARG D 54 16.94 -15.21 25.66
N SER D 55 17.86 -14.25 25.76
CA SER D 55 18.84 -13.93 24.69
C SER D 55 20.13 -14.78 24.78
N HIS D 56 20.45 -15.45 25.89
CA HIS D 56 21.74 -16.19 26.04
C HIS D 56 21.86 -17.35 25.04
N TYR D 57 23.04 -17.57 24.48
CA TYR D 57 23.29 -18.69 23.56
C TYR D 57 22.93 -20.01 24.23
N ARG D 58 23.28 -20.13 25.51
CA ARG D 58 22.99 -21.38 26.25
C ARG D 58 21.51 -21.32 26.68
N GLN D 59 20.79 -22.38 26.35
CA GLN D 59 19.33 -22.54 26.57
C GLN D 59 19.10 -23.35 27.85
N PHE D 60 19.05 -22.65 28.96
CA PHE D 60 18.89 -23.25 30.30
C PHE D 60 17.52 -22.88 30.85
N ASP D 61 16.98 -23.68 31.77
CA ASP D 61 15.75 -23.34 32.52
C ASP D 61 16.11 -22.78 33.88
N LEU D 62 15.70 -21.53 34.15
CA LEU D 62 15.77 -20.94 35.52
C LEU D 62 14.66 -21.59 36.35
N ASP D 63 14.80 -22.89 36.59
CA ASP D 63 13.85 -23.72 37.37
C ASP D 63 14.38 -23.90 38.82
N GLN D 64 13.96 -24.97 39.49
CA GLN D 64 14.42 -25.27 40.86
C GLN D 64 15.90 -25.67 40.82
N ALA D 65 16.29 -26.69 40.06
CA ALA D 65 17.70 -27.17 39.94
C ALA D 65 18.68 -25.99 39.68
N PHE D 66 18.33 -25.04 38.81
CA PHE D 66 19.26 -23.96 38.40
C PHE D 66 19.41 -22.90 39.52
N SER D 67 18.37 -22.65 40.29
CA SER D 67 18.40 -21.68 41.42
C SER D 67 19.36 -22.18 42.49
N ALA D 68 19.28 -23.48 42.78
CA ALA D 68 20.15 -24.23 43.74
C ALA D 68 21.61 -23.92 43.42
N LYS D 69 22.00 -24.22 42.17
CA LYS D 69 23.38 -24.02 41.69
C LYS D 69 23.73 -22.54 41.81
N ILE D 70 22.79 -21.63 41.52
CA ILE D 70 23.04 -20.16 41.68
C ILE D 70 23.34 -19.89 43.16
N PHE D 71 22.56 -20.48 44.07
CA PHE D 71 22.68 -20.28 45.53
C PHE D 71 24.11 -20.62 45.97
N ASP D 72 24.54 -21.85 45.63
CA ASP D 72 25.86 -22.43 45.95
C ASP D 72 26.98 -21.43 45.56
N ARG D 73 26.94 -20.94 44.34
CA ARG D 73 28.03 -20.11 43.74
C ARG D 73 28.02 -18.70 44.40
N TYR D 74 26.88 -18.25 44.93
CA TYR D 74 26.80 -16.99 45.71
C TYR D 74 27.54 -17.19 47.05
N LEU D 75 27.42 -18.36 47.66
CA LEU D 75 28.10 -18.65 48.94
C LEU D 75 29.61 -18.64 48.69
N ASN D 76 30.04 -19.30 47.62
CA ASN D 76 31.46 -19.43 47.17
C ASN D 76 32.00 -18.06 46.78
N LEU D 77 31.16 -17.08 46.52
CA LEU D 77 31.66 -15.71 46.23
C LEU D 77 31.79 -14.94 47.56
N LEU D 78 30.97 -15.30 48.56
CA LEU D 78 30.95 -14.66 49.91
C LEU D 78 32.11 -15.21 50.75
N ASP D 79 32.34 -16.51 50.63
CA ASP D 79 33.33 -17.28 51.43
C ASP D 79 33.98 -18.32 50.52
N TYR D 80 34.96 -17.88 49.73
CA TYR D 80 35.70 -18.71 48.73
C TYR D 80 36.37 -19.92 49.43
N SER D 81 36.99 -19.69 50.59
CA SER D 81 37.91 -20.65 51.27
C SER D 81 37.19 -21.46 52.35
N HIS D 82 35.86 -21.31 52.52
CA HIS D 82 35.00 -22.08 53.46
C HIS D 82 35.56 -21.98 54.88
N ASN D 83 35.79 -20.76 55.33
CA ASN D 83 36.38 -20.52 56.66
C ASN D 83 35.81 -19.22 57.26
N VAL D 84 34.68 -18.70 56.77
CA VAL D 84 34.00 -17.52 57.38
C VAL D 84 32.62 -17.92 57.90
N LEU D 85 31.82 -18.55 57.04
CA LEU D 85 30.42 -18.95 57.36
C LEU D 85 30.44 -20.28 58.13
N LEU D 86 29.39 -20.53 58.96
CA LEU D 86 29.10 -21.85 59.62
C LEU D 86 28.05 -22.63 58.85
N ALA D 87 28.16 -23.95 58.77
CA ALA D 87 27.16 -24.88 58.16
C ALA D 87 25.73 -24.52 58.61
N SER D 88 25.58 -24.10 59.87
CA SER D 88 24.29 -23.69 60.49
C SER D 88 23.86 -22.30 59.97
N ASP D 89 24.79 -21.51 59.41
CA ASP D 89 24.48 -20.23 58.69
C ASP D 89 24.07 -20.46 57.22
N VAL D 90 24.65 -21.44 56.51
CA VAL D 90 24.21 -21.79 55.13
C VAL D 90 22.82 -22.43 55.20
N GLU D 91 22.57 -23.35 56.14
CA GLU D 91 21.25 -24.03 56.35
C GLU D 91 20.09 -23.08 56.65
N GLN D 92 20.35 -21.98 57.40
CA GLN D 92 19.36 -20.91 57.77
C GLN D 92 18.72 -20.28 56.51
N PHE D 93 19.50 -20.08 55.44
CA PHE D 93 19.01 -19.61 54.12
C PHE D 93 18.83 -20.71 53.06
N ALA D 94 19.37 -21.92 53.21
CA ALA D 94 19.39 -22.97 52.14
C ALA D 94 18.13 -23.80 52.14
N LYS D 95 17.17 -23.43 52.99
CA LYS D 95 15.83 -24.03 53.01
C LYS D 95 15.11 -23.55 51.76
N LYS D 96 15.36 -22.31 51.37
CA LYS D 96 14.77 -21.68 50.17
C LYS D 96 15.80 -21.53 49.02
N LYS D 97 16.73 -22.47 48.84
CA LYS D 97 17.77 -22.38 47.78
C LYS D 97 17.11 -22.48 46.39
N THR D 98 16.13 -23.41 46.23
CA THR D 98 15.40 -23.68 44.95
C THR D 98 14.48 -22.51 44.55
N GLU D 99 14.20 -21.59 45.46
CA GLU D 99 13.21 -20.51 45.26
C GLU D 99 13.90 -19.28 44.63
N LEU D 100 15.23 -19.28 44.45
CA LEU D 100 16.05 -18.06 44.08
C LEU D 100 15.88 -17.68 42.58
N GLY D 101 15.45 -18.62 41.75
CA GLY D 101 14.95 -18.30 40.39
C GLY D 101 13.82 -17.29 40.42
N ASP D 102 12.72 -17.60 41.12
CA ASP D 102 11.51 -16.74 41.20
C ASP D 102 11.92 -15.37 41.73
N GLU D 103 12.77 -15.35 42.76
CA GLU D 103 13.17 -14.10 43.44
C GLU D 103 13.93 -13.19 42.46
N LEU D 104 14.79 -13.75 41.59
CA LEU D 104 15.58 -12.95 40.62
C LEU D 104 14.66 -12.38 39.54
N ARG D 105 13.66 -13.17 39.09
CA ARG D 105 12.59 -12.73 38.15
C ARG D 105 11.82 -11.54 38.75
N SER D 106 11.29 -11.72 39.95
CA SER D 106 10.46 -10.73 40.69
C SER D 106 11.34 -9.59 41.23
N GLY D 107 12.63 -9.81 41.40
CA GLY D 107 13.57 -8.77 41.89
C GLY D 107 13.49 -8.62 43.40
N LYS D 108 13.28 -9.74 44.10
CA LYS D 108 13.31 -9.89 45.57
C LYS D 108 14.73 -10.28 46.00
N LEU D 109 15.47 -9.29 46.47
CA LEU D 109 16.94 -9.34 46.60
C LEU D 109 17.38 -9.64 48.04
N ASP D 110 16.46 -9.85 48.95
CA ASP D 110 16.73 -9.78 50.41
C ASP D 110 17.66 -10.92 50.84
N VAL D 111 17.51 -12.12 50.27
CA VAL D 111 18.38 -13.29 50.58
C VAL D 111 19.85 -12.94 50.26
N PHE D 112 20.11 -12.11 49.27
CA PHE D 112 21.47 -11.72 48.83
C PHE D 112 22.02 -10.74 49.85
N TYR D 113 21.21 -9.75 50.23
CA TYR D 113 21.58 -8.69 51.21
C TYR D 113 21.73 -9.24 52.65
N ASP D 114 20.92 -10.24 53.01
CA ASP D 114 20.93 -10.80 54.39
C ASP D 114 22.15 -11.71 54.55
N LEU D 115 22.62 -12.32 53.46
CA LEU D 115 23.82 -13.22 53.48
C LEU D 115 25.09 -12.38 53.38
N TYR D 116 25.08 -11.26 52.71
CA TYR D 116 26.26 -10.38 52.58
C TYR D 116 26.37 -9.47 53.82
N ASN D 117 25.28 -9.25 54.58
CA ASN D 117 25.37 -8.49 55.88
C ASN D 117 25.85 -9.47 56.96
N LEU D 118 25.32 -10.69 56.93
CA LEU D 118 25.91 -11.86 57.61
C LEU D 118 27.19 -12.11 56.84
N ALA D 119 28.26 -12.49 57.52
CA ALA D 119 29.53 -12.80 56.85
C ALA D 119 30.23 -11.51 56.50
N GLN D 120 29.55 -10.38 56.59
CA GLN D 120 30.25 -9.10 56.74
C GLN D 120 30.57 -9.11 58.24
N LYS D 121 29.66 -9.65 59.05
CA LYS D 121 29.84 -9.86 60.50
C LYS D 121 30.88 -10.97 60.70
N ARG D 122 30.58 -12.15 60.16
CA ARG D 122 31.41 -13.38 60.30
C ARG D 122 32.87 -13.12 59.87
N ARG D 123 33.13 -12.22 58.93
CA ARG D 123 34.51 -11.88 58.47
C ARG D 123 35.20 -11.08 59.58
N PHE D 124 34.55 -10.02 60.07
CA PHE D 124 35.06 -9.17 61.18
C PHE D 124 35.41 -10.06 62.37
N GLU D 125 34.59 -11.08 62.61
CA GLU D 125 34.88 -12.10 63.64
C GLU D 125 36.24 -12.72 63.36
N ARG D 126 36.53 -13.10 62.10
CA ARG D 126 37.76 -13.85 61.70
C ARG D 126 38.98 -12.93 61.81
N TYR D 127 38.85 -11.66 61.43
CA TYR D 127 39.99 -10.71 61.36
C TYR D 127 40.29 -10.22 62.78
N GLN D 128 39.26 -10.09 63.62
CA GLN D 128 39.38 -9.89 65.09
C GLN D 128 40.21 -11.05 65.66
N TYR D 129 39.74 -12.29 65.47
CA TYR D 129 40.39 -13.53 65.96
C TYR D 129 41.83 -13.65 65.45
N ALA D 130 42.06 -13.29 64.18
CA ALA D 130 43.36 -13.33 63.49
C ALA D 130 44.32 -12.35 64.14
N LEU D 131 43.85 -11.15 64.51
CA LEU D 131 44.71 -10.13 65.16
C LEU D 131 45.13 -10.66 66.53
N SER D 132 44.23 -11.43 67.17
CA SER D 132 44.47 -12.03 68.51
C SER D 132 45.61 -13.05 68.38
N VAL D 133 45.57 -13.94 67.38
CA VAL D 133 46.56 -15.03 67.14
C VAL D 133 47.94 -14.46 66.74
N LEU D 134 48.09 -13.17 66.37
CA LEU D 134 49.42 -12.59 66.04
C LEU D 134 50.23 -12.29 67.31
N GLU D 135 49.61 -12.39 68.50
CA GLU D 135 50.33 -12.28 69.81
C GLU D 135 50.97 -13.63 70.15
N LYS D 136 50.32 -14.75 69.80
CA LYS D 136 50.79 -16.13 70.10
C LYS D 136 52.12 -16.40 69.42
N PRO D 137 52.95 -17.34 69.92
CA PRO D 137 54.25 -17.62 69.31
C PRO D 137 54.10 -18.41 68.01
N MET D 138 55.00 -18.19 67.06
CA MET D 138 55.02 -18.91 65.76
C MET D 138 56.03 -20.07 65.88
N ASP D 139 55.60 -21.28 65.51
CA ASP D 139 56.38 -22.54 65.64
C ASP D 139 56.35 -23.30 64.32
N PHE D 140 57.43 -23.22 63.54
CA PHE D 140 57.47 -23.80 62.16
C PHE D 140 58.24 -25.11 62.20
N THR D 141 58.09 -25.90 63.27
CA THR D 141 58.97 -27.09 63.46
C THR D 141 58.13 -28.37 63.39
N GLY D 142 56.84 -28.30 62.99
CA GLY D 142 55.92 -29.46 63.03
C GLY D 142 55.85 -30.24 61.74
N ASN D 143 54.99 -31.26 61.69
CA ASN D 143 54.80 -32.17 60.50
C ASN D 143 53.53 -31.77 59.76
N ASP D 144 53.06 -30.54 59.99
CA ASP D 144 51.67 -30.14 59.64
C ASP D 144 51.63 -29.56 58.21
N THR D 145 50.41 -29.44 57.70
CA THR D 145 50.04 -29.24 56.27
C THR D 145 49.05 -28.07 56.17
N TYR D 146 48.94 -27.48 54.98
CA TYR D 146 47.93 -26.43 54.66
C TYR D 146 47.35 -26.69 53.27
N ASN D 147 46.07 -27.02 53.17
CA ASN D 147 45.36 -27.19 51.87
C ASN D 147 44.88 -25.81 51.41
N LEU D 148 45.35 -25.38 50.21
CA LEU D 148 45.00 -24.09 49.57
C LEU D 148 43.68 -24.22 48.79
N ASP D 149 43.24 -25.44 48.47
CA ASP D 149 41.91 -25.68 47.86
C ASP D 149 40.94 -26.15 48.95
N ARG D 150 40.19 -25.21 49.53
CA ARG D 150 39.09 -25.55 50.49
C ARG D 150 37.73 -25.30 49.82
N SER D 151 37.63 -25.48 48.50
CA SER D 151 36.48 -24.96 47.69
C SER D 151 35.31 -25.94 47.79
N LYS D 152 35.60 -27.25 47.80
CA LYS D 152 34.58 -28.34 47.96
C LYS D 152 34.65 -28.86 49.39
N ALA D 153 35.19 -28.10 50.34
CA ALA D 153 35.31 -28.51 51.75
C ALA D 153 33.92 -28.60 52.38
N PRO D 154 33.67 -29.53 53.33
CA PRO D 154 32.52 -29.42 54.22
C PRO D 154 32.59 -28.09 54.98
N TRP D 155 31.43 -27.49 55.21
CA TRP D 155 31.36 -26.21 55.94
C TRP D 155 31.77 -26.41 57.41
N PRO D 156 32.40 -25.39 58.03
CA PRO D 156 32.75 -25.46 59.46
C PRO D 156 31.52 -25.63 60.35
N LYS D 157 31.57 -26.57 61.30
CA LYS D 157 30.48 -26.89 62.27
C LYS D 157 30.40 -25.81 63.35
N ASN D 158 31.49 -25.44 64.04
CA ASN D 158 31.49 -24.61 65.30
C ASN D 158 32.60 -23.55 65.28
N GLU D 159 32.57 -22.63 66.24
CA GLU D 159 33.63 -21.60 66.49
C GLU D 159 35.03 -22.22 66.67
N ALA D 160 35.14 -23.49 67.06
CA ALA D 160 36.45 -24.16 67.29
C ALA D 160 37.13 -24.37 65.94
N GLU D 161 36.43 -25.01 64.99
CA GLU D 161 36.98 -25.35 63.65
C GLU D 161 37.20 -24.07 62.86
N LEU D 162 36.35 -23.07 63.07
CA LEU D 162 36.57 -21.71 62.53
C LEU D 162 37.88 -21.14 63.10
N ASN D 163 38.30 -21.51 64.31
CA ASN D 163 39.56 -21.00 64.92
C ASN D 163 40.73 -21.93 64.53
N ALA D 164 40.50 -23.23 64.40
CA ALA D 164 41.47 -24.19 63.81
C ALA D 164 41.84 -23.80 62.37
N LEU D 165 40.88 -23.42 61.52
CA LEU D 165 41.19 -23.05 60.10
C LEU D 165 41.93 -21.71 60.07
N TRP D 166 41.64 -20.74 60.96
CA TRP D 166 42.36 -19.43 61.03
C TRP D 166 43.61 -19.48 61.91
N ASP D 167 43.75 -20.52 62.72
CA ASP D 167 45.08 -20.87 63.27
C ASP D 167 45.92 -21.21 62.08
N SER D 168 45.43 -22.13 61.25
CA SER D 168 46.18 -22.59 60.07
C SER D 168 46.46 -21.39 59.15
N LYS D 169 45.47 -20.52 58.97
CA LYS D 169 45.58 -19.46 57.95
C LYS D 169 46.64 -18.47 58.38
N VAL D 170 46.61 -18.00 59.62
CA VAL D 170 47.59 -16.95 60.07
C VAL D 170 49.03 -17.52 60.12
N LYS D 171 49.17 -18.81 60.36
CA LYS D 171 50.49 -19.51 60.35
C LYS D 171 51.05 -19.55 58.92
N PHE D 172 50.23 -19.94 57.94
CA PHE D 172 50.62 -19.87 56.50
C PHE D 172 51.03 -18.42 56.16
N ASP D 173 50.24 -17.41 56.51
CA ASP D 173 50.54 -15.99 56.18
C ASP D 173 51.90 -15.64 56.80
N GLU D 174 52.18 -16.16 58.01
CA GLU D 174 53.42 -15.89 58.80
C GLU D 174 54.63 -16.55 58.13
N LEU D 175 54.48 -17.79 57.62
CA LEU D 175 55.59 -18.54 57.00
C LEU D 175 55.91 -17.96 55.61
N SER D 176 54.91 -17.56 54.83
CA SER D 176 55.09 -16.88 53.53
C SER D 176 56.01 -15.66 53.70
N LEU D 177 55.76 -14.83 54.69
CA LEU D 177 56.59 -13.63 54.92
C LEU D 177 57.96 -14.04 55.52
N LYS D 178 58.02 -15.07 56.35
CA LYS D 178 59.32 -15.56 56.86
C LYS D 178 60.19 -16.04 55.69
N LEU D 179 59.64 -16.81 54.76
CA LEU D 179 60.40 -17.44 53.65
C LEU D 179 60.92 -16.36 52.67
N THR D 180 60.52 -15.10 52.84
CA THR D 180 61.06 -13.95 52.08
C THR D 180 61.90 -13.14 53.05
N GLY D 181 62.51 -13.82 54.02
CA GLY D 181 63.47 -13.25 54.99
C GLY D 181 62.90 -12.06 55.74
N LYS D 182 61.97 -12.29 56.65
CA LYS D 182 61.34 -11.23 57.47
C LYS D 182 61.52 -11.61 58.95
N THR D 183 61.65 -10.60 59.81
CA THR D 183 61.88 -10.77 61.27
C THR D 183 60.52 -11.04 61.92
N ASP D 184 60.52 -11.61 63.12
CA ASP D 184 59.30 -11.77 63.94
C ASP D 184 58.55 -10.41 63.96
N LYS D 185 59.28 -9.32 64.21
CA LYS D 185 58.83 -7.90 64.27
C LYS D 185 58.09 -7.52 62.97
N GLU D 186 58.75 -7.61 61.81
CA GLU D 186 58.19 -7.18 60.50
C GLU D 186 56.92 -8.00 60.21
N ILE D 187 56.96 -9.33 60.39
CA ILE D 187 55.85 -10.29 60.10
C ILE D 187 54.60 -9.92 60.92
N ARG D 188 54.76 -9.45 62.14
CA ARG D 188 53.59 -9.20 63.03
C ARG D 188 52.94 -7.89 62.61
N GLU D 189 53.73 -6.89 62.19
CA GLU D 189 53.16 -5.56 61.86
C GLU D 189 52.57 -5.57 60.44
N THR D 190 53.10 -6.38 59.52
CA THR D 190 52.61 -6.52 58.11
C THR D 190 51.24 -7.21 58.15
N LEU D 191 51.12 -8.36 58.82
CA LEU D 191 49.84 -9.09 59.00
C LEU D 191 48.83 -8.29 59.84
N THR D 192 49.30 -7.43 60.75
CA THR D 192 48.40 -6.54 61.52
C THR D 192 47.74 -5.60 60.51
N ARG D 193 48.55 -4.94 59.68
CA ARG D 193 48.17 -3.95 58.64
C ARG D 193 47.26 -4.65 57.62
N ARG D 194 47.53 -5.90 57.29
CA ARG D 194 46.70 -6.71 56.38
C ARG D 194 45.33 -6.99 57.03
N TYR D 195 45.26 -7.46 58.28
CA TYR D 195 43.97 -7.89 58.89
C TYR D 195 43.13 -6.68 59.33
N LYS D 196 43.73 -5.53 59.63
CA LYS D 196 43.00 -4.28 60.01
C LYS D 196 42.59 -3.50 58.74
N PHE D 197 43.34 -3.54 57.61
CA PHE D 197 42.87 -2.93 56.34
C PHE D 197 41.79 -3.83 55.73
N ALA D 198 41.88 -5.15 55.95
CA ALA D 198 40.81 -6.11 55.63
C ALA D 198 39.56 -5.75 56.44
N ILE D 199 39.70 -5.33 57.69
CA ILE D 199 38.55 -4.89 58.53
C ILE D 199 38.03 -3.59 57.91
N ARG D 200 38.91 -2.66 57.53
CA ARG D 200 38.48 -1.30 57.08
C ARG D 200 37.82 -1.41 55.69
N ARG D 201 38.38 -2.25 54.79
CA ARG D 201 37.87 -2.54 53.41
C ARG D 201 36.42 -3.05 53.50
N LEU D 202 36.15 -3.89 54.48
CA LEU D 202 34.85 -4.59 54.68
C LEU D 202 33.72 -3.58 54.98
N ALA D 203 34.06 -2.41 55.53
CA ALA D 203 33.12 -1.33 55.89
C ALA D 203 33.07 -0.23 54.83
N GLN D 204 33.87 -0.31 53.77
CA GLN D 204 33.89 0.68 52.64
C GLN D 204 33.00 0.16 51.48
N THR D 205 32.51 -1.11 51.54
CA THR D 205 31.71 -1.72 50.46
C THR D 205 30.33 -1.08 50.50
N ASN D 206 29.72 -0.80 49.34
CA ASN D 206 28.40 -0.12 49.18
C ASN D 206 27.39 -1.15 48.64
N SER D 207 26.14 -0.72 48.41
CA SER D 207 25.05 -1.64 47.96
C SER D 207 25.32 -2.11 46.52
N GLU D 208 25.99 -1.31 45.67
CA GLU D 208 26.38 -1.69 44.28
C GLU D 208 27.35 -2.88 44.32
N ASP D 209 28.25 -3.01 45.32
CA ASP D 209 29.15 -4.18 45.51
C ASP D 209 28.34 -5.45 45.81
N VAL D 210 27.31 -5.39 46.65
CA VAL D 210 26.57 -6.64 47.01
C VAL D 210 25.66 -7.03 45.85
N PHE D 211 25.02 -6.06 45.19
CA PHE D 211 24.24 -6.33 43.94
C PHE D 211 25.17 -6.95 42.87
N SER D 212 26.29 -6.30 42.57
CA SER D 212 27.28 -6.79 41.60
C SER D 212 27.61 -8.27 41.81
N LEU D 213 27.82 -8.71 43.06
CA LEU D 213 28.18 -10.12 43.35
C LEU D 213 26.95 -11.04 43.18
N ALA D 214 25.75 -10.55 43.46
CA ALA D 214 24.49 -11.33 43.35
C ALA D 214 24.25 -11.71 41.87
N MET D 215 24.41 -10.72 41.00
CA MET D 215 24.25 -10.88 39.53
C MET D 215 25.35 -11.82 39.02
N THR D 216 26.58 -11.72 39.58
CA THR D 216 27.73 -12.58 39.18
C THR D 216 27.42 -14.05 39.46
N ALA D 217 26.67 -14.35 40.52
CA ALA D 217 26.33 -15.73 40.88
C ALA D 217 25.40 -16.27 39.79
N PHE D 218 24.52 -15.40 39.32
CA PHE D 218 23.56 -15.72 38.21
C PHE D 218 24.39 -15.91 36.94
N ALA D 219 25.10 -14.86 36.54
CA ALA D 219 25.91 -14.80 35.31
C ALA D 219 26.76 -16.06 35.19
N ARG D 220 27.52 -16.42 36.25
CA ARG D 220 28.65 -17.36 36.12
C ARG D 220 28.14 -18.79 36.19
N GLU D 221 26.91 -18.97 36.64
CA GLU D 221 26.27 -20.30 36.62
C GLU D 221 25.86 -20.67 35.19
N ILE D 222 25.75 -19.68 34.29
CA ILE D 222 25.34 -19.97 32.88
C ILE D 222 26.57 -20.41 32.10
N ASP D 223 27.55 -19.53 32.04
CA ASP D 223 28.89 -19.83 31.46
C ASP D 223 29.89 -18.86 32.09
N PRO D 224 31.20 -19.15 32.00
CA PRO D 224 32.21 -18.32 32.65
C PRO D 224 32.51 -16.98 31.98
N HIS D 225 31.99 -16.78 30.78
CA HIS D 225 32.26 -15.51 30.05
C HIS D 225 31.11 -14.52 30.28
N THR D 226 30.02 -14.94 30.92
CA THR D 226 28.83 -14.07 31.18
C THR D 226 29.12 -13.21 32.43
N ASN D 227 28.63 -11.96 32.48
CA ASN D 227 28.96 -10.99 33.55
C ASN D 227 27.88 -9.93 33.67
N TYR D 228 27.69 -9.38 34.88
CA TYR D 228 27.02 -8.08 35.14
C TYR D 228 28.13 -7.04 35.35
N LEU D 229 27.98 -5.81 34.89
CA LEU D 229 29.04 -4.78 35.06
C LEU D 229 28.42 -3.47 35.55
N SER D 230 28.78 -3.08 36.76
CA SER D 230 28.31 -1.84 37.42
C SER D 230 28.64 -0.62 36.58
N PRO D 231 27.79 0.42 36.66
CA PRO D 231 28.12 1.73 36.12
C PRO D 231 29.47 2.27 36.64
N ARG D 232 30.18 2.92 35.73
CA ARG D 232 31.40 3.70 36.03
C ARG D 232 30.97 4.97 36.78
N ASN D 233 31.83 5.42 37.69
CA ASN D 233 31.72 6.71 38.43
C ASN D 233 32.46 7.79 37.64
N THR D 234 32.55 9.00 38.17
CA THR D 234 33.34 10.09 37.55
C THR D 234 34.78 9.61 37.35
N GLU D 235 35.29 8.78 38.26
CA GLU D 235 36.71 8.31 38.21
C GLU D 235 37.14 7.98 36.76
N GLN D 236 36.31 7.31 35.95
CA GLN D 236 36.60 7.05 34.50
C GLN D 236 36.50 8.37 33.73
N PHE D 237 35.48 9.20 34.02
CA PHE D 237 35.24 10.55 33.45
C PHE D 237 36.53 11.39 33.54
N ASN D 238 37.16 11.44 34.72
CA ASN D 238 38.29 12.35 35.08
C ASN D 238 39.59 11.89 34.39
N THR D 239 39.82 10.57 34.26
CA THR D 239 40.99 10.02 33.51
C THR D 239 40.93 10.48 32.04
N GLU D 240 39.81 10.19 31.36
CA GLU D 240 39.53 10.65 29.97
C GLU D 240 39.58 12.18 29.89
N MET D 241 39.01 12.88 30.88
CA MET D 241 38.92 14.36 30.93
C MET D 241 40.32 14.97 30.86
N SER D 242 41.31 14.42 31.59
CA SER D 242 42.65 15.04 31.78
C SER D 242 43.79 14.29 31.06
N LEU D 243 43.73 12.96 30.82
CA LEU D 243 44.90 12.18 30.31
C LEU D 243 44.59 11.45 28.98
N GLU D 246 47.16 5.48 31.54
CA GLU D 246 47.80 4.55 30.57
C GLU D 246 48.68 3.56 31.36
N GLY D 247 48.20 2.33 31.54
CA GLY D 247 48.91 1.24 32.25
C GLY D 247 49.66 0.32 31.31
N ILE D 248 50.02 -0.88 31.77
CA ILE D 248 50.56 -1.99 30.92
C ILE D 248 49.38 -2.61 30.16
N GLY D 249 49.72 -3.36 29.09
CA GLY D 249 48.73 -3.80 28.10
C GLY D 249 48.10 -5.09 28.55
N ALA D 250 47.24 -5.05 29.57
CA ALA D 250 46.62 -6.25 30.16
C ALA D 250 45.18 -5.95 30.58
N VAL D 251 44.31 -6.96 30.56
CA VAL D 251 42.90 -6.83 31.02
C VAL D 251 42.72 -7.86 32.14
N TYR D 252 42.14 -7.44 33.26
CA TYR D 252 42.21 -8.19 34.55
C TYR D 252 40.82 -8.63 35.00
N GLN D 253 40.74 -9.80 35.66
CA GLN D 253 39.51 -10.37 36.28
C GLN D 253 39.76 -10.70 37.76
N MET D 254 38.76 -11.22 38.46
CA MET D 254 38.94 -11.54 39.88
C MET D 254 38.82 -13.05 40.08
N ASP D 255 39.93 -13.69 40.41
CA ASP D 255 39.88 -14.95 41.19
C ASP D 255 39.59 -14.50 42.61
N ASP D 256 38.81 -15.24 43.39
CA ASP D 256 38.40 -14.64 44.69
C ASP D 256 39.62 -14.24 45.52
N ASP D 257 39.65 -12.93 45.81
CA ASP D 257 40.67 -12.17 46.60
C ASP D 257 41.92 -11.99 45.74
N TYR D 258 41.94 -12.56 44.54
CA TYR D 258 43.13 -12.48 43.65
C TYR D 258 42.78 -11.72 42.39
N THR D 259 43.65 -10.78 42.03
CA THR D 259 43.64 -10.06 40.74
C THR D 259 44.36 -10.94 39.71
N VAL D 260 43.62 -11.50 38.75
CA VAL D 260 44.13 -12.42 37.69
C VAL D 260 44.30 -11.60 36.41
N ILE D 261 45.40 -11.81 35.70
CA ILE D 261 45.58 -11.34 34.28
C ILE D 261 44.67 -12.18 33.39
N ASN D 262 43.59 -11.60 32.88
CA ASN D 262 42.63 -12.30 31.98
C ASN D 262 43.33 -12.53 30.63
N SER D 263 43.76 -11.45 29.98
CA SER D 263 44.43 -11.49 28.66
C SER D 263 45.44 -10.32 28.54
N MET D 264 46.28 -10.36 27.52
CA MET D 264 47.30 -9.32 27.25
C MET D 264 47.14 -8.81 25.81
N VAL D 265 47.33 -7.51 25.60
CA VAL D 265 47.20 -6.82 24.27
C VAL D 265 48.47 -7.12 23.48
N ALA D 266 48.33 -7.47 22.19
CA ALA D 266 49.41 -7.89 21.27
C ALA D 266 50.47 -6.79 21.17
N GLY D 267 51.75 -7.17 21.37
CA GLY D 267 52.91 -6.26 21.42
C GLY D 267 52.84 -5.20 22.53
N GLY D 268 52.04 -5.40 23.59
CA GLY D 268 52.01 -4.53 24.79
C GLY D 268 53.27 -4.77 25.64
N PRO D 269 53.62 -3.89 26.60
CA PRO D 269 54.86 -4.11 27.37
C PRO D 269 54.75 -5.38 28.23
N ALA D 270 53.55 -5.66 28.78
CA ALA D 270 53.15 -6.94 29.41
C ALA D 270 53.53 -8.11 28.52
N ALA D 271 53.06 -8.10 27.28
CA ALA D 271 53.25 -9.19 26.31
C ALA D 271 54.73 -9.29 25.88
N LYS D 272 55.49 -8.18 25.84
CA LYS D 272 56.93 -8.14 25.42
C LYS D 272 57.82 -8.89 26.42
N SER D 273 57.83 -8.46 27.69
CA SER D 273 58.54 -9.16 28.80
C SER D 273 57.81 -10.47 29.03
N LYS D 274 58.35 -11.56 28.49
CA LYS D 274 57.63 -12.84 28.29
C LYS D 274 57.49 -13.59 29.63
N ALA D 275 57.84 -12.93 30.75
CA ALA D 275 57.68 -13.42 32.14
C ALA D 275 56.18 -13.51 32.52
N ILE D 276 55.37 -12.54 32.11
CA ILE D 276 53.92 -12.47 32.41
C ILE D 276 53.16 -13.44 31.49
N SER D 277 52.31 -14.29 32.06
CA SER D 277 51.51 -15.29 31.30
C SER D 277 50.05 -15.12 31.71
N VAL D 278 49.10 -15.50 30.84
CA VAL D 278 47.62 -15.42 31.10
C VAL D 278 47.27 -16.32 32.30
N GLY D 279 46.45 -15.83 33.23
CA GLY D 279 45.97 -16.56 34.42
C GLY D 279 46.80 -16.32 35.68
N ASP D 280 47.88 -15.52 35.60
CA ASP D 280 48.82 -15.21 36.72
C ASP D 280 48.24 -14.14 37.67
N LYS D 281 48.61 -14.20 38.96
CA LYS D 281 47.95 -13.46 40.07
C LYS D 281 48.96 -12.52 40.74
N ILE D 282 48.59 -11.25 40.91
CA ILE D 282 49.39 -10.19 41.61
C ILE D 282 49.16 -10.24 43.13
N VAL D 283 50.23 -9.98 43.89
CA VAL D 283 50.24 -9.95 45.39
C VAL D 283 50.76 -8.59 45.89
N GLY D 284 51.44 -7.81 45.03
CA GLY D 284 51.90 -6.46 45.36
C GLY D 284 52.31 -5.62 44.16
N VAL D 285 52.17 -4.30 44.28
CA VAL D 285 52.54 -3.30 43.24
C VAL D 285 53.51 -2.28 43.86
N GLY D 286 54.77 -2.29 43.44
CA GLY D 286 55.76 -1.24 43.79
C GLY D 286 55.97 -0.24 42.65
N GLN D 287 56.40 0.98 42.96
CA GLN D 287 56.78 2.03 41.97
C GLN D 287 58.32 2.07 41.89
N THR D 288 58.91 3.01 41.15
CA THR D 288 60.40 3.16 41.03
C THR D 288 60.94 3.72 42.35
N GLY D 289 61.87 2.98 42.99
CA GLY D 289 62.57 3.37 44.23
C GLY D 289 61.78 3.08 45.51
N LYS D 290 60.46 3.33 45.48
CA LYS D 290 59.51 3.35 46.63
C LYS D 290 59.13 1.90 46.98
N PRO D 291 58.49 1.64 48.15
CA PRO D 291 58.39 0.26 48.67
C PRO D 291 57.28 -0.58 48.02
N MET D 292 57.37 -1.92 48.15
CA MET D 292 56.38 -2.90 47.64
C MET D 292 55.10 -2.86 48.50
N VAL D 293 53.96 -2.34 47.97
CA VAL D 293 52.65 -2.28 48.71
C VAL D 293 51.83 -3.54 48.37
N ASP D 294 51.47 -4.33 49.39
CA ASP D 294 50.87 -5.69 49.24
C ASP D 294 49.38 -5.50 49.00
N VAL D 295 48.84 -6.21 48.01
CA VAL D 295 47.46 -5.99 47.47
C VAL D 295 46.66 -7.28 47.66
N ILE D 296 46.84 -7.89 48.82
CA ILE D 296 46.18 -9.17 49.23
C ILE D 296 44.70 -8.87 49.47
N GLY D 297 43.81 -9.56 48.76
CA GLY D 297 42.33 -9.44 48.86
C GLY D 297 41.78 -8.04 48.74
N TRP D 298 41.94 -7.40 47.58
CA TRP D 298 41.51 -6.00 47.34
C TRP D 298 40.34 -5.95 46.35
N ARG D 299 39.67 -4.81 46.24
CA ARG D 299 38.70 -4.57 45.13
C ARG D 299 39.55 -4.23 43.88
N LEU D 300 39.21 -4.81 42.73
CA LEU D 300 40.05 -4.72 41.50
C LEU D 300 40.38 -3.26 41.21
N ASP D 301 39.38 -2.39 41.24
CA ASP D 301 39.45 -0.99 40.72
C ASP D 301 40.67 -0.31 41.35
N ASP D 302 40.91 -0.51 42.65
CA ASP D 302 42.01 0.15 43.41
C ASP D 302 43.34 -0.49 43.02
N VAL D 303 43.39 -1.83 42.93
CA VAL D 303 44.59 -2.59 42.49
C VAL D 303 45.03 -2.07 41.10
N VAL D 304 44.08 -1.89 40.16
CA VAL D 304 44.36 -1.56 38.73
C VAL D 304 44.76 -0.08 38.64
N ALA D 305 44.24 0.74 39.55
CA ALA D 305 44.54 2.19 39.64
C ALA D 305 46.02 2.37 40.03
N LEU D 306 46.58 1.48 40.88
CA LEU D 306 48.02 1.49 41.31
C LEU D 306 48.94 1.29 40.09
N ILE D 307 48.49 0.47 39.13
CA ILE D 307 49.27 0.08 37.91
C ILE D 307 49.18 1.20 36.87
N LYS D 308 48.02 1.84 36.71
CA LYS D 308 47.72 2.83 35.64
C LYS D 308 48.27 4.23 36.00
N GLY D 309 49.04 4.86 35.10
CA GLY D 309 49.48 6.26 35.24
C GLY D 309 50.26 6.71 34.00
N PRO D 310 50.30 8.03 33.71
CA PRO D 310 50.72 8.54 32.39
C PRO D 310 52.13 8.19 31.86
N LYS D 311 52.35 8.46 30.56
CA LYS D 311 53.45 7.94 29.69
C LYS D 311 54.85 8.03 30.32
N GLY D 312 55.80 7.25 29.80
CA GLY D 312 57.25 7.31 30.09
C GLY D 312 57.62 6.57 31.37
N SER D 313 56.82 6.80 32.44
CA SER D 313 57.00 6.30 33.83
C SER D 313 57.18 4.79 33.86
N LYS D 314 57.47 4.23 35.03
CA LYS D 314 57.59 2.76 35.24
C LYS D 314 56.72 2.33 36.42
N VAL D 315 56.38 1.03 36.48
CA VAL D 315 55.78 0.36 37.68
C VAL D 315 56.31 -1.08 37.75
N ARG D 316 56.72 -1.54 38.94
CA ARG D 316 57.17 -2.94 39.18
C ARG D 316 55.99 -3.73 39.76
N LEU D 317 55.87 -4.99 39.35
CA LEU D 317 54.76 -5.87 39.78
C LEU D 317 55.32 -7.16 40.34
N GLU D 318 55.21 -7.34 41.65
CA GLU D 318 55.39 -8.66 42.31
C GLU D 318 54.13 -9.44 42.02
N ILE D 319 54.25 -10.64 41.46
CA ILE D 319 53.09 -11.47 41.07
C ILE D 319 53.46 -12.93 41.32
N LEU D 320 52.46 -13.81 41.38
CA LEU D 320 52.62 -15.26 41.65
C LEU D 320 51.94 -16.06 40.55
N PRO D 321 52.58 -17.13 40.03
CA PRO D 321 52.02 -17.88 38.88
C PRO D 321 50.85 -18.82 39.19
N ALA D 322 50.21 -19.41 38.17
CA ALA D 322 48.90 -20.11 38.24
C ALA D 322 49.08 -21.57 38.68
N GLY D 323 48.70 -21.86 39.94
CA GLY D 323 48.89 -23.17 40.61
C GLY D 323 50.27 -23.30 41.22
N GLY D 325 52.76 -23.03 45.24
CA GLY D 325 52.74 -22.75 46.70
C GLY D 325 52.78 -21.26 46.96
N THR D 326 53.93 -20.64 46.76
CA THR D 326 54.11 -19.18 46.62
C THR D 326 55.49 -18.97 46.00
N LYS D 327 55.68 -18.05 45.07
CA LYS D 327 57.05 -17.75 44.59
C LYS D 327 57.26 -16.24 44.43
N THR D 328 58.36 -15.74 44.99
CA THR D 328 58.64 -14.29 45.22
C THR D 328 59.06 -13.60 43.91
N ARG D 329 58.30 -13.80 42.82
CA ARG D 329 58.61 -13.31 41.45
C ARG D 329 58.33 -11.82 41.28
N THR D 330 59.29 -11.07 40.74
CA THR D 330 59.10 -9.64 40.41
C THR D 330 59.24 -9.46 38.89
N VAL D 331 58.37 -8.63 38.31
CA VAL D 331 58.40 -8.12 36.91
C VAL D 331 58.44 -6.59 37.00
N THR D 332 59.14 -5.92 36.08
CA THR D 332 59.35 -4.45 36.02
C THR D 332 59.08 -3.98 34.58
N LEU D 333 58.12 -3.07 34.38
CA LEU D 333 57.65 -2.69 33.03
C LEU D 333 57.53 -1.17 32.86
N THR D 334 58.07 -0.69 31.74
CA THR D 334 57.92 0.71 31.22
C THR D 334 56.53 0.84 30.58
N ARG D 335 55.82 1.88 30.97
CA ARG D 335 54.42 2.20 30.60
C ARG D 335 54.36 2.68 29.15
N GLU D 336 53.39 2.23 28.34
CA GLU D 336 53.30 2.66 26.92
C GLU D 336 51.90 2.58 26.30
N ARG D 337 51.84 3.18 25.11
CA ARG D 337 50.76 3.08 24.11
C ARG D 337 51.26 2.04 23.12
N ILE D 338 50.39 1.16 22.67
CA ILE D 338 50.73 0.12 21.64
C ILE D 338 51.43 0.75 20.42
N ARG D 339 52.65 0.29 20.10
CA ARG D 339 53.38 0.70 18.86
C ARG D 339 53.07 -0.29 17.71
N LEU D 340 52.68 0.26 16.56
CA LEU D 340 52.18 -0.50 15.38
C LEU D 340 53.23 -1.52 14.91
N GLU D 341 54.52 -1.16 14.80
CA GLU D 341 55.61 -2.05 14.29
C GLU D 341 55.79 -3.26 15.22
N ASP D 342 55.52 -3.07 16.51
CA ASP D 342 55.57 -4.08 17.60
C ASP D 342 54.46 -5.12 17.42
N ARG D 343 53.24 -4.66 17.13
CA ARG D 343 52.12 -5.63 16.96
C ARG D 343 52.13 -6.16 15.53
N ALA D 344 53.03 -5.66 14.67
CA ALA D 344 53.13 -6.04 13.23
C ALA D 344 53.67 -7.46 13.12
N VAL D 345 53.37 -8.15 12.04
CA VAL D 345 53.98 -9.45 11.75
C VAL D 345 55.47 -9.22 11.55
N LYS D 346 56.32 -10.12 12.04
CA LYS D 346 57.79 -10.00 11.84
C LYS D 346 58.26 -11.22 11.07
N MET D 347 59.05 -11.03 10.02
CA MET D 347 59.57 -12.17 9.23
C MET D 347 61.08 -12.36 9.44
N SER D 348 61.57 -13.58 9.25
CA SER D 348 63.00 -13.94 9.35
C SER D 348 63.23 -15.30 8.69
N VAL D 349 64.47 -15.61 8.35
CA VAL D 349 64.82 -16.90 7.71
C VAL D 349 65.70 -17.66 8.70
N LYS D 350 65.30 -18.86 9.11
CA LYS D 350 66.20 -19.84 9.73
C LYS D 350 66.87 -20.61 8.58
N THR D 351 68.18 -20.82 8.63
CA THR D 351 68.91 -21.65 7.64
C THR D 351 69.37 -22.91 8.35
N VAL D 352 69.39 -24.05 7.67
CA VAL D 352 69.95 -25.31 8.24
C VAL D 352 70.82 -25.95 7.15
N GLY D 353 72.14 -25.72 7.28
CA GLY D 353 73.11 -25.80 6.20
C GLY D 353 72.57 -25.08 4.98
N LYS D 354 72.29 -25.82 3.91
CA LYS D 354 71.81 -25.37 2.58
C LYS D 354 70.36 -24.84 2.67
N GLU D 355 69.46 -25.63 3.28
CA GLU D 355 67.97 -25.43 3.24
C GLU D 355 67.57 -24.25 4.14
N LYS D 356 66.47 -23.58 3.77
CA LYS D 356 65.93 -22.37 4.43
C LYS D 356 64.43 -22.53 4.74
N VAL D 357 63.97 -21.82 5.77
CA VAL D 357 62.60 -21.89 6.33
C VAL D 357 62.22 -20.48 6.75
N GLY D 358 61.21 -19.92 6.09
CA GLY D 358 60.60 -18.64 6.46
C GLY D 358 59.77 -18.79 7.71
N VAL D 359 59.75 -17.74 8.53
CA VAL D 359 59.03 -17.75 9.83
C VAL D 359 58.27 -16.44 9.91
N LEU D 360 56.94 -16.50 10.00
CA LEU D 360 56.09 -15.31 10.25
C LEU D 360 55.60 -15.36 11.69
N ASP D 361 56.14 -14.49 12.54
CA ASP D 361 55.68 -14.28 13.93
C ASP D 361 54.48 -13.36 13.78
N ILE D 362 53.27 -13.88 13.95
CA ILE D 362 52.02 -13.09 14.05
C ILE D 362 51.64 -13.00 15.51
N PRO D 363 51.88 -11.83 16.14
CA PRO D 363 51.44 -11.57 17.52
C PRO D 363 49.92 -11.42 17.63
N GLY D 364 49.27 -10.85 16.62
CA GLY D 364 47.81 -10.67 16.77
C GLY D 364 47.15 -10.52 15.45
N PHE D 365 45.83 -10.64 15.39
CA PHE D 365 45.08 -10.54 14.11
C PHE D 365 44.48 -9.15 14.03
N TYR D 366 45.36 -8.19 13.77
CA TYR D 366 45.03 -6.77 13.60
C TYR D 366 44.48 -6.53 12.20
N VAL D 367 43.60 -5.55 12.05
CA VAL D 367 43.15 -5.11 10.71
C VAL D 367 44.39 -4.76 9.87
N GLY D 368 44.63 -5.48 8.78
CA GLY D 368 45.72 -5.17 7.82
C GLY D 368 46.76 -6.26 7.81
N LEU D 369 46.61 -7.25 8.68
CA LEU D 369 47.56 -8.37 8.80
C LEU D 369 47.73 -9.06 7.45
N THR D 370 46.65 -9.33 6.71
CA THR D 370 46.67 -10.18 5.48
C THR D 370 47.54 -9.48 4.44
N ASP D 371 47.48 -8.14 4.43
CA ASP D 371 48.21 -7.27 3.48
C ASP D 371 49.71 -7.31 3.84
N ASP D 372 50.06 -7.12 5.10
CA ASP D 372 51.46 -7.24 5.60
C ASP D 372 52.02 -8.64 5.32
N VAL D 373 51.23 -9.69 5.55
CA VAL D 373 51.67 -11.09 5.26
C VAL D 373 52.01 -11.25 3.78
N LYS D 374 51.13 -10.81 2.88
CA LYS D 374 51.35 -10.89 1.41
C LYS D 374 52.69 -10.25 1.05
N VAL D 375 53.02 -9.09 1.65
CA VAL D 375 54.29 -8.33 1.38
C VAL D 375 55.44 -9.26 1.74
N GLN D 376 55.38 -9.89 2.92
CA GLN D 376 56.52 -10.66 3.48
C GLN D 376 56.63 -11.99 2.75
N LEU D 377 55.52 -12.53 2.25
CA LEU D 377 55.51 -13.81 1.49
C LEU D 377 56.27 -13.59 0.20
N GLN D 378 56.17 -12.39 -0.42
CA GLN D 378 56.87 -12.12 -1.71
C GLN D 378 58.38 -12.04 -1.42
N LYS D 379 58.76 -11.43 -0.29
CA LYS D 379 60.16 -11.48 0.22
C LYS D 379 60.61 -12.93 0.46
N LEU D 380 59.74 -13.76 1.01
CA LEU D 380 60.08 -15.19 1.28
C LEU D 380 60.30 -15.95 -0.05
N GLU D 381 59.60 -15.60 -1.14
CA GLU D 381 59.78 -16.34 -2.42
C GLU D 381 61.07 -15.86 -3.10
N LYS D 382 61.52 -14.62 -2.84
CA LYS D 382 62.81 -14.08 -3.35
C LYS D 382 63.99 -14.85 -2.76
N GLN D 383 63.92 -15.28 -1.50
CA GLN D 383 65.02 -15.96 -0.77
C GLN D 383 64.92 -17.49 -0.92
N ASN D 384 64.15 -18.00 -1.89
CA ASN D 384 64.13 -19.46 -2.24
C ASN D 384 64.09 -20.35 -0.97
N VAL D 385 63.14 -20.11 -0.06
CA VAL D 385 62.88 -20.98 1.13
C VAL D 385 62.17 -22.26 0.63
N SER D 386 62.30 -23.38 1.35
CA SER D 386 61.72 -24.71 0.99
C SER D 386 60.40 -24.95 1.73
N SER D 387 60.15 -24.19 2.80
CA SER D 387 58.93 -24.23 3.64
C SER D 387 58.79 -23.00 4.54
N VAL D 388 57.58 -22.77 5.07
CA VAL D 388 57.17 -21.58 5.88
C VAL D 388 56.46 -22.04 7.16
N ILE D 389 56.74 -21.33 8.26
CA ILE D 389 56.08 -21.54 9.58
C ILE D 389 55.30 -20.29 9.89
N ILE D 390 54.04 -20.47 10.27
CA ILE D 390 53.22 -19.36 10.81
C ILE D 390 53.23 -19.58 12.30
N ASP D 391 53.79 -18.66 13.06
CA ASP D 391 53.92 -18.81 14.53
C ASP D 391 52.79 -18.03 15.18
N LEU D 392 51.88 -18.73 15.83
CA LEU D 392 50.71 -18.15 16.53
C LEU D 392 50.71 -18.59 17.99
N ARG D 393 51.88 -18.85 18.59
CA ARG D 393 51.96 -19.07 20.04
C ARG D 393 51.65 -17.76 20.78
N SER D 394 50.71 -17.90 21.72
CA SER D 394 50.23 -16.84 22.65
C SER D 394 49.69 -15.67 21.83
N ASN D 395 48.65 -15.95 21.06
CA ASN D 395 47.98 -14.96 20.19
C ASN D 395 46.51 -14.96 20.58
N GLY D 396 46.06 -13.90 21.26
CA GLY D 396 44.76 -13.89 21.97
C GLY D 396 43.57 -13.74 21.03
N GLY D 397 43.72 -14.15 19.77
CA GLY D 397 42.76 -13.82 18.67
C GLY D 397 42.84 -12.37 18.25
N GLY D 398 41.76 -11.89 17.61
CA GLY D 398 41.69 -10.56 16.97
C GLY D 398 40.52 -10.52 16.00
N ALA D 399 40.63 -9.78 14.90
CA ALA D 399 39.55 -9.64 13.89
C ALA D 399 39.23 -10.99 13.24
N LEU D 400 38.06 -11.57 13.49
CA LEU D 400 37.58 -12.80 12.79
C LEU D 400 37.76 -12.65 11.27
N THR D 401 37.69 -11.42 10.78
CA THR D 401 37.73 -11.07 9.33
C THR D 401 39.13 -11.39 8.76
N GLU D 402 40.15 -11.10 9.58
CA GLU D 402 41.57 -11.25 9.21
C GLU D 402 41.95 -12.75 9.28
N ALA D 403 41.36 -13.50 10.21
CA ALA D 403 41.56 -14.96 10.32
C ALA D 403 41.17 -15.60 8.99
N VAL D 404 40.10 -15.09 8.40
CA VAL D 404 39.50 -15.66 7.16
C VAL D 404 40.37 -15.25 5.98
N SER D 405 40.74 -13.99 5.89
CA SER D 405 41.53 -13.56 4.72
C SER D 405 42.89 -14.27 4.77
N LEU D 406 43.49 -14.35 5.96
CA LEU D 406 44.83 -14.93 6.13
C LEU D 406 44.72 -16.41 5.78
N SER D 407 43.69 -17.12 6.29
CA SER D 407 43.44 -18.54 5.91
C SER D 407 43.46 -18.61 4.40
N GLY D 408 42.76 -17.68 3.75
CA GLY D 408 42.51 -17.74 2.30
C GLY D 408 43.76 -17.53 1.46
N LEU D 409 44.90 -17.10 2.05
CA LEU D 409 46.14 -16.86 1.25
C LEU D 409 46.72 -18.20 0.83
N PHE D 410 46.29 -19.30 1.44
CA PHE D 410 47.01 -20.60 1.34
C PHE D 410 46.10 -21.63 0.70
N ILE D 411 44.81 -21.30 0.57
CA ILE D 411 43.84 -22.13 -0.20
C ILE D 411 43.34 -21.33 -1.39
N PRO D 412 42.93 -21.98 -2.51
CA PRO D 412 42.25 -21.26 -3.60
C PRO D 412 41.06 -20.47 -3.07
N ALA D 413 40.03 -21.18 -2.56
CA ALA D 413 38.76 -20.59 -2.10
C ALA D 413 37.96 -21.63 -1.36
N GLY D 414 36.99 -21.18 -0.61
CA GLY D 414 36.15 -22.08 0.19
C GLY D 414 35.75 -21.40 1.50
N PRO D 415 34.95 -22.11 2.30
CA PRO D 415 34.60 -21.67 3.65
C PRO D 415 35.80 -21.81 4.61
N ILE D 416 35.91 -20.91 5.58
CA ILE D 416 36.99 -20.92 6.58
C ILE D 416 36.38 -21.26 7.93
N VAL D 417 35.26 -20.65 8.29
CA VAL D 417 34.61 -20.86 9.63
C VAL D 417 33.10 -20.75 9.50
N GLN D 418 32.37 -21.58 10.22
CA GLN D 418 30.90 -21.48 10.34
C GLN D 418 30.61 -20.79 11.67
N VAL D 419 29.67 -19.86 11.72
CA VAL D 419 29.31 -19.14 12.97
C VAL D 419 27.85 -19.43 13.26
N ARG D 420 27.51 -19.89 14.46
CA ARG D 420 26.11 -20.16 14.89
C ARG D 420 25.75 -19.22 16.03
N ASP D 421 24.57 -18.61 15.98
CA ASP D 421 24.23 -17.45 16.85
C ASP D 421 23.20 -17.94 17.88
N ASN D 422 22.74 -17.01 18.72
CA ASN D 422 21.83 -17.29 19.86
C ASN D 422 20.40 -17.49 19.37
N ASN D 423 20.20 -17.90 18.10
CA ASN D 423 18.88 -17.89 17.38
C ASN D 423 18.71 -19.16 16.51
N GLY D 424 19.76 -19.96 16.34
CA GLY D 424 19.77 -21.18 15.51
C GLY D 424 20.51 -20.96 14.19
N LYS D 425 20.66 -19.69 13.77
CA LYS D 425 21.16 -19.33 12.42
C LYS D 425 22.63 -19.70 12.33
N VAL D 426 23.03 -20.43 11.29
CA VAL D 426 24.46 -20.64 10.92
C VAL D 426 24.87 -19.78 9.70
N ARG D 427 25.90 -18.97 9.84
CA ARG D 427 26.55 -18.15 8.78
C ARG D 427 27.91 -18.77 8.40
N GLU D 428 28.28 -18.79 7.12
CA GLU D 428 29.62 -19.24 6.66
C GLU D 428 30.42 -18.03 6.19
N ASP D 429 31.65 -17.89 6.67
CA ASP D 429 32.59 -16.83 6.24
C ASP D 429 33.58 -17.45 5.26
N SER D 430 33.78 -16.85 4.09
CA SER D 430 34.59 -17.48 3.04
C SER D 430 35.67 -16.57 2.48
N ASP D 431 36.65 -17.25 1.87
CA ASP D 431 37.66 -16.69 0.94
C ASP D 431 37.21 -17.13 -0.45
N THR D 432 37.08 -16.16 -1.36
CA THR D 432 36.34 -16.32 -2.64
C THR D 432 37.22 -16.02 -3.85
N ASP D 433 38.31 -15.24 -3.72
CA ASP D 433 39.37 -15.19 -4.77
C ASP D 433 39.91 -16.62 -4.87
N GLY D 434 39.99 -17.19 -6.07
CA GLY D 434 40.46 -18.57 -6.25
C GLY D 434 41.97 -18.62 -6.33
N GLN D 435 42.68 -17.74 -5.59
CA GLN D 435 44.13 -17.44 -5.63
C GLN D 435 44.90 -18.11 -4.47
N VAL D 436 46.14 -18.53 -4.73
CA VAL D 436 47.06 -19.06 -3.67
C VAL D 436 48.36 -18.26 -3.73
N PHE D 437 48.70 -17.51 -2.68
CA PHE D 437 49.86 -16.59 -2.61
C PHE D 437 51.13 -17.25 -2.06
N TYR D 438 51.03 -18.54 -1.73
CA TYR D 438 52.10 -19.45 -1.28
C TYR D 438 51.48 -20.84 -1.33
N LYS D 439 51.94 -21.71 -2.23
CA LYS D 439 51.34 -23.04 -2.48
C LYS D 439 52.24 -24.11 -1.85
N GLY D 440 53.41 -23.68 -1.30
CA GLY D 440 54.50 -24.53 -0.80
C GLY D 440 54.23 -25.06 0.61
N PRO D 441 55.14 -25.87 1.19
CA PRO D 441 54.92 -26.53 2.47
C PRO D 441 54.76 -25.53 3.62
N LEU D 442 53.76 -25.80 4.46
CA LEU D 442 53.31 -24.84 5.47
C LEU D 442 53.15 -25.57 6.81
N VAL D 443 53.69 -24.97 7.86
CA VAL D 443 53.54 -25.46 9.25
C VAL D 443 52.90 -24.29 9.99
N VAL D 444 51.95 -24.62 10.86
CA VAL D 444 51.42 -23.64 11.85
C VAL D 444 51.83 -24.06 13.26
N LEU D 445 52.53 -23.17 13.98
CA LEU D 445 53.06 -23.40 15.36
C LEU D 445 52.08 -22.75 16.33
N VAL D 446 51.54 -23.47 17.29
CA VAL D 446 50.48 -22.97 18.21
C VAL D 446 50.83 -23.50 19.60
N ASP D 447 50.26 -22.92 20.65
CA ASP D 447 50.39 -23.40 22.05
C ASP D 447 49.05 -23.18 22.70
N ARG D 448 48.97 -23.44 23.99
CA ARG D 448 47.73 -23.42 24.82
C ARG D 448 47.14 -22.00 24.93
N PHE D 449 47.87 -20.97 24.53
CA PHE D 449 47.41 -19.56 24.61
C PHE D 449 47.05 -19.03 23.22
N SER D 450 47.03 -19.88 22.19
CA SER D 450 46.51 -19.50 20.85
C SER D 450 44.98 -19.50 20.95
N ALA D 451 44.32 -18.38 20.70
CA ALA D 451 42.89 -18.20 21.00
C ALA D 451 42.09 -18.01 19.71
N ILE D 452 40.75 -17.92 19.81
CA ILE D 452 39.71 -17.65 18.75
C ILE D 452 40.29 -17.59 17.31
N ALA D 453 40.82 -16.44 16.86
CA ALA D 453 41.28 -16.24 15.46
C ALA D 453 42.30 -17.32 15.07
N SER D 454 43.33 -17.53 15.90
CA SER D 454 44.49 -18.43 15.68
C SER D 454 44.00 -19.87 15.53
N GLU D 455 43.03 -20.25 16.34
CA GLU D 455 42.35 -21.55 16.29
C GLU D 455 41.66 -21.68 14.92
N ILE D 456 40.98 -20.64 14.44
CA ILE D 456 40.18 -20.72 13.19
C ILE D 456 41.14 -20.93 12.03
N PHE D 457 42.19 -20.11 11.96
CA PHE D 457 43.26 -20.23 10.95
C PHE D 457 43.86 -21.64 10.94
N ALA D 458 44.30 -22.15 12.10
CA ALA D 458 44.99 -23.45 12.28
C ALA D 458 44.02 -24.58 11.92
N ALA D 459 42.82 -24.59 12.51
CA ALA D 459 41.72 -25.52 12.15
C ALA D 459 41.48 -25.53 10.64
N ALA D 460 41.40 -24.39 9.96
CA ALA D 460 41.15 -24.36 8.49
C ALA D 460 42.36 -24.96 7.75
N MET D 461 43.59 -24.60 8.11
CA MET D 461 44.79 -25.17 7.44
C MET D 461 44.84 -26.70 7.63
N GLN D 462 44.37 -27.26 8.76
CA GLN D 462 44.34 -28.73 9.04
C GLN D 462 43.25 -29.41 8.19
N ASP D 463 42.03 -28.86 8.21
CA ASP D 463 40.79 -29.44 7.61
C ASP D 463 40.91 -29.52 6.10
N TYR D 464 41.55 -28.51 5.51
CA TYR D 464 41.85 -28.39 4.06
C TYR D 464 43.05 -29.26 3.68
N GLY D 465 43.79 -29.78 4.65
CA GLY D 465 44.95 -30.67 4.40
C GLY D 465 46.06 -29.86 3.79
N ARG D 466 46.02 -28.55 4.07
CA ARG D 466 47.01 -27.55 3.60
C ARG D 466 48.30 -27.53 4.45
N ALA D 467 48.21 -27.75 5.77
CA ALA D 467 49.36 -27.51 6.66
C ALA D 467 49.42 -28.50 7.81
N LEU D 468 50.64 -28.77 8.23
CA LEU D 468 50.93 -29.55 9.44
C LEU D 468 50.76 -28.58 10.62
N VAL D 469 50.10 -29.00 11.68
CA VAL D 469 49.89 -28.17 12.89
C VAL D 469 50.79 -28.74 14.00
N VAL D 470 51.66 -27.91 14.58
CA VAL D 470 52.68 -28.32 15.59
C VAL D 470 52.45 -27.52 16.87
N GLY D 471 52.73 -28.13 18.02
CA GLY D 471 52.83 -27.48 19.33
C GLY D 471 51.93 -28.10 20.39
N GLU D 472 51.12 -27.29 21.06
CA GLU D 472 50.18 -27.78 22.10
C GLU D 472 48.74 -27.59 21.67
N PRO D 473 47.80 -28.40 22.20
CA PRO D 473 46.38 -28.08 22.09
C PRO D 473 46.11 -26.61 22.46
N THR D 474 45.21 -25.98 21.71
CA THR D 474 44.89 -24.55 21.80
C THR D 474 43.89 -24.36 22.95
N PHE D 475 43.67 -23.09 23.29
CA PHE D 475 42.86 -22.55 24.40
C PHE D 475 41.46 -23.17 24.43
N GLY D 476 40.75 -23.12 23.30
CA GLY D 476 39.39 -23.69 23.15
C GLY D 476 38.27 -22.71 23.49
N LYS D 477 38.51 -21.40 23.54
CA LYS D 477 37.43 -20.38 23.68
C LYS D 477 36.78 -20.25 22.29
N GLY D 478 35.75 -21.06 22.05
CA GLY D 478 35.03 -21.08 20.76
C GLY D 478 33.73 -20.26 20.75
N THR D 479 33.62 -19.21 21.55
CA THR D 479 32.38 -18.43 21.64
C THR D 479 32.76 -16.98 21.75
N VAL D 480 31.79 -16.15 21.43
CA VAL D 480 31.88 -14.68 21.38
C VAL D 480 30.79 -14.16 22.32
N GLN D 481 31.08 -13.03 22.96
CA GLN D 481 30.16 -12.37 23.90
C GLN D 481 29.89 -10.95 23.36
N GLN D 482 28.77 -10.31 23.73
CA GLN D 482 28.62 -8.85 23.55
C GLN D 482 28.05 -8.24 24.83
N TYR D 483 28.17 -6.91 24.95
CA TYR D 483 27.62 -6.05 26.02
C TYR D 483 26.24 -5.53 25.61
N ARG D 484 25.35 -5.31 26.57
CA ARG D 484 24.02 -4.66 26.38
C ARG D 484 23.72 -3.75 27.56
N SER D 485 23.47 -2.47 27.36
CA SER D 485 23.00 -1.56 28.44
C SER D 485 21.67 -2.04 29.04
N LEU D 486 21.50 -1.87 30.34
CA LEU D 486 20.23 -2.16 31.06
C LEU D 486 19.46 -0.82 31.16
N ASN D 487 20.03 0.26 30.67
CA ASN D 487 19.32 1.54 30.52
C ASN D 487 18.20 1.37 29.49
N ARG D 488 17.07 2.01 29.75
CA ARG D 488 15.94 2.09 28.80
C ARG D 488 15.55 3.55 28.63
N ILE D 489 15.08 3.92 27.44
CA ILE D 489 14.91 5.33 27.01
C ILE D 489 13.87 6.05 27.88
N TYR D 490 13.13 5.36 28.75
CA TYR D 490 12.08 6.01 29.59
C TYR D 490 12.50 6.08 31.08
N ASP D 491 13.68 5.53 31.44
CA ASP D 491 14.30 5.56 32.80
C ASP D 491 14.41 7.01 33.31
N GLN D 492 15.13 7.91 32.63
CA GLN D 492 15.34 9.31 33.11
C GLN D 492 13.97 9.99 33.20
N MET D 493 13.01 9.72 32.31
CA MET D 493 11.70 10.40 32.34
C MET D 493 10.87 9.91 33.54
N LEU D 494 10.98 8.67 33.99
CA LEU D 494 10.08 8.14 35.06
C LEU D 494 10.77 8.12 36.40
N ARG D 495 12.05 8.51 36.50
CA ARG D 495 12.81 8.28 37.77
C ARG D 495 13.68 9.46 38.25
N PRO D 496 13.67 9.65 39.60
CA PRO D 496 14.79 10.29 40.31
C PRO D 496 16.17 9.68 40.10
N GLU D 497 16.22 8.35 40.23
CA GLU D 497 17.38 7.43 40.20
C GLU D 497 17.95 7.58 38.80
N TRP D 498 18.65 8.68 38.49
CA TRP D 498 19.20 9.01 37.14
C TRP D 498 20.51 8.24 37.02
N PRO D 499 21.04 7.58 38.10
CA PRO D 499 22.37 7.01 38.00
C PRO D 499 22.23 6.07 36.80
N ALA D 500 23.06 6.29 35.78
CA ALA D 500 23.21 5.31 34.69
C ALA D 500 23.19 3.92 35.37
N LEU D 501 22.53 2.93 34.80
CA LEU D 501 22.57 1.52 35.28
C LEU D 501 23.73 0.81 34.54
N GLY D 502 23.81 -0.49 34.74
CA GLY D 502 24.97 -1.24 34.24
C GLY D 502 24.82 -1.71 32.81
N SER D 503 25.52 -2.79 32.53
CA SER D 503 25.36 -3.60 31.32
C SER D 503 25.40 -5.05 31.74
N VAL D 504 25.01 -5.93 30.84
CA VAL D 504 25.35 -7.38 30.91
C VAL D 504 26.30 -7.67 29.76
N GLN D 505 27.00 -8.80 29.87
CA GLN D 505 27.95 -9.33 28.89
C GLN D 505 27.56 -10.80 28.80
N TYR D 506 27.14 -11.30 27.63
CA TYR D 506 26.64 -12.70 27.50
C TYR D 506 26.96 -13.25 26.11
N THR D 507 26.97 -14.56 26.00
CA THR D 507 27.43 -15.33 24.84
C THR D 507 26.30 -15.32 23.82
N ILE D 508 26.60 -14.87 22.59
CA ILE D 508 25.66 -14.79 21.41
C ILE D 508 26.03 -15.75 20.27
N GLN D 509 27.23 -16.29 20.21
CA GLN D 509 27.73 -16.99 19.01
C GLN D 509 28.74 -18.07 19.40
N LYS D 510 28.84 -19.09 18.58
CA LYS D 510 29.74 -20.24 18.77
C LYS D 510 30.36 -20.58 17.42
N PHE D 511 31.69 -20.58 17.31
CA PHE D 511 32.44 -20.96 16.11
C PHE D 511 32.47 -22.49 15.96
N TYR D 512 32.37 -22.93 14.70
CA TYR D 512 32.51 -24.34 14.27
C TYR D 512 33.45 -24.40 13.07
N ARG D 513 34.16 -25.51 12.97
CA ARG D 513 35.11 -25.68 11.85
C ARG D 513 34.31 -26.01 10.61
N VAL D 514 35.00 -26.01 9.49
CA VAL D 514 34.52 -26.36 8.14
C VAL D 514 34.16 -27.85 8.12
N ASN D 515 34.71 -28.64 9.05
CA ASN D 515 34.45 -30.10 9.17
C ASN D 515 33.23 -30.34 10.09
N GLY D 516 32.65 -29.28 10.62
CA GLY D 516 31.49 -29.33 11.52
C GLY D 516 31.85 -29.58 12.97
N GLY D 517 33.13 -29.50 13.38
CA GLY D 517 33.51 -29.67 14.80
C GLY D 517 33.62 -28.29 15.44
N SER D 518 33.17 -28.09 16.67
CA SER D 518 33.35 -26.79 17.36
C SER D 518 34.81 -26.70 17.83
N THR D 519 35.28 -25.47 17.96
CA THR D 519 36.58 -25.14 18.58
C THR D 519 36.36 -25.09 20.10
N GLN D 520 35.12 -25.03 20.59
CA GLN D 520 34.91 -25.01 22.07
C GLN D 520 35.61 -26.18 22.69
N ARG D 521 36.38 -25.89 23.72
CA ARG D 521 36.87 -26.87 24.74
C ARG D 521 37.84 -27.94 24.22
N LYS D 522 38.27 -27.88 22.98
CA LYS D 522 39.07 -28.91 22.29
C LYS D 522 40.12 -28.06 21.58
N GLY D 523 39.67 -26.95 21.01
CA GLY D 523 40.39 -26.17 20.01
C GLY D 523 41.03 -27.15 19.05
N VAL D 524 42.21 -26.80 18.56
CA VAL D 524 42.96 -27.54 17.51
C VAL D 524 43.97 -28.43 18.20
N THR D 525 43.89 -29.73 17.92
CA THR D 525 44.91 -30.72 18.30
C THR D 525 46.01 -30.70 17.28
N PRO D 526 47.26 -30.35 17.62
CA PRO D 526 48.34 -30.40 16.62
C PRO D 526 48.62 -31.83 16.14
N ASP D 527 49.05 -31.95 14.88
CA ASP D 527 49.47 -33.19 14.18
C ASP D 527 50.77 -33.74 14.84
N ILE D 528 51.65 -32.87 15.36
CA ILE D 528 52.79 -33.23 16.23
C ILE D 528 52.70 -32.42 17.51
N ILE D 529 52.42 -33.09 18.62
CA ILE D 529 52.28 -32.47 19.97
C ILE D 529 53.65 -32.44 20.66
N MET D 530 54.16 -31.22 20.88
CA MET D 530 55.40 -30.89 21.63
C MET D 530 55.18 -31.21 23.10
N PRO D 531 56.20 -31.66 23.87
CA PRO D 531 55.95 -32.48 25.05
C PRO D 531 55.04 -31.86 26.12
N THR D 532 54.98 -30.53 26.23
CA THR D 532 54.15 -29.87 27.28
C THR D 532 52.65 -30.01 26.95
N GLY D 533 52.29 -30.38 25.72
CA GLY D 533 50.90 -30.42 25.21
C GLY D 533 50.22 -31.76 25.43
N ASN D 534 51.03 -32.83 25.49
CA ASN D 534 50.69 -34.24 25.86
C ASN D 534 50.50 -34.35 27.40
N GLU D 535 49.99 -33.29 28.05
CA GLU D 535 49.76 -33.19 29.50
C GLU D 535 48.41 -32.51 29.74
N GLU D 536 47.75 -32.82 30.86
CA GLU D 536 46.80 -31.89 31.53
C GLU D 536 47.51 -30.53 31.66
N THR D 537 46.86 -29.45 31.26
CA THR D 537 47.29 -28.05 31.51
C THR D 537 46.48 -27.50 32.70
N GLU D 538 46.94 -26.40 33.32
CA GLU D 538 46.17 -25.55 34.26
C GLU D 538 45.19 -24.68 33.47
N THR D 539 45.67 -24.00 32.43
CA THR D 539 44.91 -23.01 31.62
C THR D 539 44.28 -23.63 30.36
N GLY D 540 43.20 -22.98 29.91
CA GLY D 540 42.35 -23.41 28.79
C GLY D 540 40.88 -23.47 29.15
N GLU D 541 40.00 -23.20 28.17
CA GLU D 541 38.53 -23.19 28.31
C GLU D 541 38.09 -24.53 28.92
N LYS D 542 38.71 -25.68 28.60
CA LYS D 542 38.17 -26.98 29.07
C LYS D 542 38.28 -27.11 30.60
N PHE D 543 39.02 -26.25 31.31
CA PHE D 543 39.12 -26.27 32.80
C PHE D 543 38.38 -25.09 33.44
N GLU D 544 37.66 -24.27 32.66
CA GLU D 544 36.96 -23.08 33.18
C GLU D 544 35.66 -23.59 33.78
N ASP D 545 35.14 -22.85 34.76
CA ASP D 545 33.97 -23.25 35.56
C ASP D 545 32.68 -23.13 34.73
N ASN D 546 32.08 -24.27 34.32
CA ASN D 546 30.77 -24.34 33.63
C ASN D 546 30.92 -23.87 32.15
N ALA D 547 32.04 -24.18 31.52
CA ALA D 547 32.30 -23.83 30.11
C ALA D 547 31.27 -24.57 29.27
N LEU D 548 30.76 -23.98 28.19
CA LEU D 548 29.74 -24.70 27.38
C LEU D 548 30.41 -25.93 26.80
N PRO D 549 29.64 -27.01 26.53
CA PRO D 549 30.21 -28.25 26.04
C PRO D 549 30.80 -28.11 24.63
N TRP D 550 31.47 -29.16 24.15
CA TRP D 550 31.85 -29.27 22.73
C TRP D 550 30.71 -29.97 22.03
N ASP D 551 30.43 -29.55 20.79
CA ASP D 551 29.35 -30.15 19.97
C ASP D 551 29.76 -29.94 18.51
N SER D 552 29.03 -30.59 17.59
CA SER D 552 29.25 -30.70 16.13
C SER D 552 28.10 -29.99 15.38
N ILE D 553 28.28 -29.69 14.08
CA ILE D 553 27.17 -29.42 13.11
C ILE D 553 27.51 -30.12 11.78
N ASP D 554 26.62 -29.98 10.81
CA ASP D 554 26.83 -30.45 9.41
C ASP D 554 28.10 -29.75 8.91
N ALA D 555 29.02 -30.53 8.33
CA ALA D 555 30.18 -30.04 7.56
C ALA D 555 29.71 -29.06 6.47
N ALA D 556 30.49 -28.02 6.22
CA ALA D 556 30.46 -27.17 5.02
C ALA D 556 30.92 -27.96 3.80
N THR D 557 30.78 -27.35 2.63
CA THR D 557 31.17 -27.92 1.33
C THR D 557 32.48 -27.24 0.98
N TYR D 558 33.56 -28.01 0.81
CA TYR D 558 34.91 -27.44 0.56
C TYR D 558 35.72 -28.45 -0.23
N VAL D 559 36.64 -28.01 -1.08
CA VAL D 559 37.60 -28.95 -1.74
C VAL D 559 38.96 -28.91 -1.00
N LYS D 560 39.34 -30.00 -0.32
CA LYS D 560 40.66 -30.16 0.38
C LYS D 560 41.78 -29.83 -0.59
N SER D 561 42.73 -28.98 -0.19
CA SER D 561 43.86 -28.59 -1.06
C SER D 561 44.91 -29.70 -1.10
N GLY D 562 44.86 -30.70 -0.20
CA GLY D 562 45.85 -31.80 -0.13
C GLY D 562 45.66 -32.72 1.06
N ASP D 563 46.67 -33.50 1.41
CA ASP D 563 46.62 -34.49 2.52
C ASP D 563 48.05 -34.77 3.00
N LEU D 564 48.32 -34.57 4.28
CA LEU D 564 49.65 -34.78 4.89
C LEU D 564 49.63 -35.97 5.86
N THR D 565 48.53 -36.73 5.93
CA THR D 565 48.34 -37.89 6.85
C THR D 565 49.32 -39.01 6.45
N ALA D 566 49.62 -39.15 5.17
CA ALA D 566 50.65 -40.09 4.67
C ALA D 566 51.95 -39.88 5.45
N PHE D 567 52.43 -38.63 5.50
CA PHE D 567 53.75 -38.23 6.07
C PHE D 567 53.84 -38.33 7.61
N GLU D 568 52.73 -38.36 8.35
CA GLU D 568 52.70 -38.12 9.82
C GLU D 568 53.65 -39.08 10.53
N PRO D 569 53.57 -40.41 10.38
CA PRO D 569 54.46 -41.31 11.12
C PRO D 569 55.97 -41.06 10.90
N GLU D 570 56.45 -40.79 9.69
CA GLU D 570 57.90 -40.53 9.46
C GLU D 570 58.34 -39.17 10.07
N LEU D 571 57.47 -38.16 10.02
CA LEU D 571 57.69 -36.81 10.63
C LEU D 571 57.75 -36.97 12.13
N LEU D 572 56.81 -37.74 12.72
CA LEU D 572 56.73 -38.05 14.19
C LEU D 572 57.98 -38.85 14.64
N LYS D 573 58.53 -39.76 13.82
CA LYS D 573 59.68 -40.62 14.22
C LYS D 573 60.95 -39.76 14.20
N GLU D 574 61.18 -38.94 13.16
CA GLU D 574 62.35 -38.01 13.06
C GLU D 574 62.34 -37.00 14.22
N HIS D 575 61.14 -36.58 14.64
CA HIS D 575 60.91 -35.60 15.75
C HIS D 575 61.39 -36.22 17.07
N ASN D 576 60.93 -37.43 17.41
CA ASN D 576 61.28 -38.12 18.68
C ASN D 576 62.81 -38.41 18.73
N ALA D 577 63.42 -38.67 17.58
CA ALA D 577 64.85 -39.01 17.42
C ALA D 577 65.69 -37.80 17.82
N ARG D 578 65.31 -36.61 17.35
CA ARG D 578 66.03 -35.33 17.64
C ARG D 578 65.82 -34.88 19.10
N ILE D 579 64.57 -34.85 19.59
CA ILE D 579 64.27 -34.34 20.96
C ILE D 579 64.80 -35.30 22.03
N ALA D 580 65.23 -36.51 21.69
CA ALA D 580 65.82 -37.44 22.68
C ALA D 580 67.27 -37.01 22.97
N LYS D 581 67.98 -36.45 21.97
CA LYS D 581 69.42 -36.03 22.06
C LYS D 581 69.55 -34.52 22.32
N ASP D 582 68.49 -33.88 22.78
CA ASP D 582 68.44 -32.40 22.93
C ASP D 582 68.32 -32.05 24.40
N PRO D 583 69.31 -31.30 24.94
CA PRO D 583 69.31 -30.94 26.36
C PRO D 583 68.12 -30.05 26.75
N GLU D 584 67.65 -29.19 25.86
CA GLU D 584 66.48 -28.33 26.21
C GLU D 584 65.26 -29.22 26.39
N PHE D 585 65.00 -30.12 25.44
CA PHE D 585 63.79 -30.96 25.45
C PHE D 585 63.95 -32.01 26.55
N GLN D 586 65.18 -32.47 26.79
CA GLN D 586 65.48 -33.42 27.90
C GLN D 586 65.09 -32.74 29.24
N ASN D 587 65.54 -31.50 29.44
CA ASN D 587 65.24 -30.69 30.64
C ASN D 587 63.72 -30.52 30.80
N ILE D 588 63.00 -30.25 29.72
CA ILE D 588 61.55 -29.91 29.82
C ILE D 588 60.75 -31.19 30.09
N MET D 589 61.20 -32.35 29.59
CA MET D 589 60.55 -33.66 29.81
C MET D 589 60.77 -34.18 31.25
N LYS D 590 61.93 -33.99 31.87
CA LYS D 590 62.15 -34.49 33.25
C LYS D 590 61.40 -33.57 34.24
N ASP D 591 61.10 -32.31 33.90
CA ASP D 591 60.24 -31.42 34.76
C ASP D 591 58.77 -31.84 34.67
N ILE D 592 58.37 -32.45 33.54
CA ILE D 592 57.02 -33.03 33.33
C ILE D 592 56.91 -34.34 34.08
N ALA D 593 57.94 -35.21 34.05
CA ALA D 593 57.97 -36.47 34.85
C ALA D 593 57.86 -36.15 36.34
N ARG D 594 58.45 -35.00 36.76
CA ARG D 594 58.41 -34.46 38.14
C ARG D 594 57.04 -33.82 38.45
N PHE D 595 56.50 -32.98 37.56
CA PHE D 595 55.28 -32.16 37.82
C PHE D 595 54.03 -33.04 37.90
N ASN D 596 53.99 -34.17 37.17
CA ASN D 596 52.84 -35.12 37.16
C ASN D 596 52.97 -36.12 38.32
N ALA D 597 54.21 -36.49 38.71
CA ALA D 597 54.49 -37.41 39.84
C ALA D 597 54.03 -36.78 41.18
N MET D 598 54.30 -35.48 41.40
CA MET D 598 53.96 -34.73 42.65
C MET D 598 52.64 -33.96 42.46
N LYS D 599 51.74 -34.47 41.62
CA LYS D 599 50.42 -33.85 41.33
C LYS D 599 49.47 -34.13 42.51
N ASP D 600 49.65 -35.28 43.17
CA ASP D 600 48.89 -35.77 44.36
C ASP D 600 48.67 -34.62 45.36
N LYS D 601 49.74 -33.88 45.66
CA LYS D 601 49.73 -32.84 46.72
C LYS D 601 49.79 -31.41 46.15
N ARG D 602 49.39 -31.14 44.89
CA ARG D 602 49.66 -29.81 44.28
C ARG D 602 49.09 -28.72 45.20
N ASN D 603 48.02 -29.02 45.95
CA ASN D 603 47.31 -28.03 46.81
C ASN D 603 47.79 -28.11 48.27
N ILE D 604 48.41 -29.21 48.70
CA ILE D 604 48.82 -29.44 50.11
C ILE D 604 50.25 -28.93 50.33
N VAL D 605 50.42 -27.89 51.14
CA VAL D 605 51.73 -27.18 51.40
C VAL D 605 52.19 -27.44 52.84
N SER D 606 53.48 -27.77 53.02
CA SER D 606 54.06 -28.02 54.36
C SER D 606 54.19 -26.71 55.15
N LEU D 607 54.16 -26.78 56.48
CA LEU D 607 54.18 -25.60 57.38
C LEU D 607 55.44 -25.62 58.24
N ASN D 608 56.38 -26.49 57.86
CA ASN D 608 57.73 -26.64 58.45
C ASN D 608 58.72 -25.73 57.69
N TYR D 609 59.32 -24.77 58.38
CA TYR D 609 60.24 -23.77 57.78
C TYR D 609 61.45 -24.50 57.17
N ALA D 610 62.01 -25.53 57.81
CA ALA D 610 63.21 -26.23 57.27
C ALA D 610 62.87 -26.96 55.96
N VAL D 611 61.69 -27.62 55.86
CA VAL D 611 61.23 -28.34 54.63
C VAL D 611 61.06 -27.28 53.52
N ARG D 612 60.44 -26.13 53.82
CA ARG D 612 60.03 -25.14 52.77
C ARG D 612 61.28 -24.40 52.26
N GLU D 613 62.19 -23.96 53.16
CA GLU D 613 63.46 -23.29 52.83
C GLU D 613 64.29 -24.21 51.91
N LYS D 614 64.30 -25.52 52.20
CA LYS D 614 65.13 -26.51 51.45
C LYS D 614 64.60 -26.58 50.04
N GLU D 615 63.28 -26.78 49.88
CA GLU D 615 62.60 -26.91 48.55
C GLU D 615 62.74 -25.60 47.77
N ASN D 616 62.73 -24.43 48.43
CA ASN D 616 63.09 -23.11 47.82
C ASN D 616 64.57 -23.08 47.34
N ASN D 617 65.50 -23.48 48.21
CA ASN D 617 66.97 -23.52 47.92
C ASN D 617 67.23 -24.41 46.70
N GLU D 618 66.58 -25.60 46.62
CA GLU D 618 66.79 -26.65 45.59
C GLU D 618 66.21 -26.23 44.25
N ASP D 619 65.08 -25.51 44.23
CA ASP D 619 64.52 -24.90 42.99
C ASP D 619 65.55 -23.97 42.38
N ASP D 620 66.11 -23.08 43.21
CA ASP D 620 67.14 -22.10 42.81
C ASP D 620 68.40 -22.85 42.34
N ALA D 621 68.83 -23.90 43.03
CA ALA D 621 70.03 -24.68 42.64
C ALA D 621 69.76 -25.26 41.25
N THR D 622 68.55 -25.76 41.00
CA THR D 622 68.20 -26.43 39.71
C THR D 622 68.24 -25.38 38.57
N ARG D 623 67.50 -24.31 38.77
CA ARG D 623 67.37 -23.16 37.85
C ARG D 623 68.79 -22.67 37.53
N LEU D 624 69.65 -22.50 38.52
CA LEU D 624 71.02 -22.00 38.27
C LEU D 624 71.81 -23.03 37.46
N ALA D 625 71.68 -24.31 37.76
CA ALA D 625 72.41 -25.38 37.04
C ALA D 625 71.87 -25.53 35.62
N ARG D 626 70.58 -25.27 35.38
CA ARG D 626 69.97 -25.28 34.01
C ARG D 626 70.53 -24.12 33.20
N LEU D 627 70.60 -22.94 33.78
CA LEU D 627 71.14 -21.74 33.11
C LEU D 627 72.63 -21.99 32.78
N ASN D 628 73.40 -22.48 33.76
CA ASN D 628 74.87 -22.72 33.65
C ASN D 628 75.21 -23.88 32.69
N GLU D 629 74.32 -24.87 32.54
CA GLU D 629 74.45 -25.94 31.52
C GLU D 629 74.24 -25.27 30.14
N ARG D 630 73.26 -24.38 30.03
CA ARG D 630 72.97 -23.62 28.80
C ARG D 630 74.21 -22.81 28.45
N PHE D 631 74.76 -22.05 29.40
CA PHE D 631 75.87 -21.10 29.12
C PHE D 631 77.14 -21.87 28.73
N LYS D 632 77.45 -23.01 29.35
CA LYS D 632 78.57 -23.88 28.92
C LYS D 632 78.44 -24.26 27.44
N ARG D 633 77.22 -24.52 26.92
CA ARG D 633 77.08 -24.89 25.48
C ARG D 633 77.42 -23.66 24.63
N GLU D 634 76.95 -22.47 25.03
CA GLU D 634 76.94 -21.19 24.25
C GLU D 634 78.28 -20.44 24.37
N GLY D 635 79.18 -20.87 25.27
CA GLY D 635 80.53 -20.28 25.47
C GLY D 635 80.47 -19.00 26.29
N LYS D 636 79.44 -18.91 27.11
CA LYS D 636 79.02 -17.69 27.85
C LYS D 636 79.50 -17.97 29.25
N PRO D 637 79.92 -16.95 30.02
CA PRO D 637 80.56 -17.24 31.31
C PRO D 637 79.47 -17.69 32.31
N GLU D 638 79.82 -18.51 33.30
CA GLU D 638 78.78 -19.13 34.15
C GLU D 638 78.43 -18.24 35.33
N LEU D 639 77.16 -18.23 35.73
CA LEU D 639 76.63 -17.45 36.89
C LEU D 639 76.89 -18.12 38.23
N LYS D 640 77.26 -17.35 39.27
CA LYS D 640 77.59 -17.93 40.61
C LYS D 640 76.39 -17.79 41.56
N LYS D 641 75.51 -16.82 41.31
CA LYS D 641 74.26 -16.57 42.07
C LYS D 641 73.13 -16.40 41.03
N LEU D 642 71.96 -16.96 41.28
CA LEU D 642 70.79 -16.81 40.38
C LEU D 642 70.33 -15.35 40.35
N ASP D 643 70.71 -14.55 41.35
CA ASP D 643 70.33 -13.12 41.46
C ASP D 643 71.15 -12.26 40.49
N ASP D 644 72.29 -12.75 40.00
CA ASP D 644 73.17 -12.04 39.02
C ASP D 644 72.63 -12.14 37.57
N LEU D 645 71.52 -12.86 37.36
CA LEU D 645 70.96 -13.03 35.98
C LEU D 645 70.39 -11.69 35.55
N PRO D 646 70.85 -11.09 34.43
CA PRO D 646 70.22 -9.88 33.91
C PRO D 646 68.67 -9.93 33.85
N LYS D 647 68.00 -8.84 34.26
CA LYS D 647 66.52 -8.83 34.37
C LYS D 647 65.90 -8.96 32.99
N ASP D 648 66.60 -8.59 31.90
CA ASP D 648 66.08 -8.77 30.50
C ASP D 648 66.54 -10.11 29.85
N TYR D 649 66.92 -11.13 30.62
CA TYR D 649 67.41 -12.41 30.04
C TYR D 649 66.35 -13.01 29.11
N GLN D 650 66.70 -13.40 27.89
CA GLN D 650 65.76 -14.12 26.96
C GLN D 650 66.04 -15.64 26.96
N GLU D 651 65.07 -16.40 27.47
CA GLU D 651 64.98 -17.88 27.41
C GLU D 651 65.15 -18.27 25.94
N PRO D 652 65.81 -19.39 25.58
CA PRO D 652 65.87 -19.79 24.18
C PRO D 652 64.53 -20.44 23.74
N ASP D 653 64.36 -20.65 22.42
CA ASP D 653 63.16 -21.24 21.82
C ASP D 653 63.47 -22.59 21.16
N PRO D 654 63.52 -23.70 21.92
CA PRO D 654 63.74 -25.00 21.31
C PRO D 654 62.47 -25.44 20.54
N TYR D 655 61.27 -24.98 20.90
CA TYR D 655 60.01 -25.31 20.17
C TYR D 655 60.14 -24.77 18.72
N LEU D 656 60.57 -23.53 18.54
CA LEU D 656 60.80 -22.97 17.19
C LEU D 656 61.88 -23.75 16.42
N ASP D 657 63.04 -24.01 17.06
CA ASP D 657 64.23 -24.59 16.38
C ASP D 657 63.87 -26.01 15.92
N GLU D 658 63.18 -26.78 16.73
CA GLU D 658 62.63 -28.12 16.34
C GLU D 658 61.54 -28.03 15.27
N THR D 659 60.67 -27.01 15.29
CA THR D 659 59.57 -26.83 14.29
C THR D 659 60.23 -26.50 12.93
N VAL D 660 61.38 -25.86 12.91
CA VAL D 660 62.11 -25.59 11.63
C VAL D 660 62.52 -26.93 11.00
N ASN D 661 62.97 -27.87 11.79
CA ASN D 661 63.43 -29.19 11.32
C ASN D 661 62.21 -29.96 10.80
N ILE D 662 61.08 -29.85 11.50
CA ILE D 662 59.79 -30.51 11.13
C ILE D 662 59.35 -29.93 9.78
N ALA D 663 59.51 -28.63 9.61
CA ALA D 663 59.12 -27.92 8.39
C ALA D 663 59.99 -28.45 7.25
N LEU D 664 61.29 -28.74 7.49
CA LEU D 664 62.27 -29.16 6.44
C LEU D 664 62.05 -30.63 6.06
N ASP D 665 61.72 -31.47 7.06
CA ASP D 665 61.31 -32.88 6.86
C ASP D 665 60.13 -32.92 5.90
N LEU D 666 59.23 -31.93 6.00
CA LEU D 666 57.96 -31.89 5.22
C LEU D 666 58.32 -31.51 3.78
N ALA D 667 59.16 -30.50 3.58
CA ALA D 667 59.70 -30.06 2.26
C ALA D 667 60.47 -31.22 1.60
N LYS D 668 61.30 -31.95 2.35
CA LYS D 668 61.97 -33.18 1.85
C LYS D 668 60.89 -34.20 1.42
N LEU D 669 60.00 -34.59 2.33
CA LEU D 669 58.98 -35.66 2.16
C LEU D 669 58.00 -35.35 1.03
N GLU D 670 57.84 -34.08 0.62
CA GLU D 670 57.06 -33.69 -0.60
C GLU D 670 57.96 -33.80 -1.85
N LYS D 671 59.20 -34.30 -1.71
CA LYS D 671 60.08 -34.88 -2.77
C LYS D 671 60.58 -33.76 -3.68
CA CA E . -45.70 0.88 -3.28
CA CA F . 42.54 -17.62 -1.83
#